data_2LXD
#
_entry.id   2LXD
#
_cell.length_a   1.000
_cell.length_b   1.000
_cell.length_c   1.000
_cell.angle_alpha   90.00
_cell.angle_beta   90.00
_cell.angle_gamma   90.00
#
_symmetry.space_group_name_H-M   'P 1'
#
loop_
_entity.id
_entity.type
_entity.pdbx_description
1 polymer 'Rhombotin-2,LIM domain-binding protein 1'
2 non-polymer 'ZINC ION'
#
_entity_poly.entity_id   1
_entity_poly.type   'polypeptide(L)'
_entity_poly.pdbx_seq_one_letter_code
;GSYLRLFGQDGLCASCDKRIRAYEMTMRVKDKVYHLECFKCAACQKHFSVGDRYLLINSDIVCEQDIYEWTKINGGSGGS
GGSGGDVMVVGEPTLMGGEFGDEDERLITRLENTQFDAANGIDDE
;
_entity_poly.pdbx_strand_id   A
#
# COMPACT_ATOMS: atom_id res chain seq x y z
N TYR A 3 28.42 6.22 -9.10
CA TYR A 3 27.02 5.75 -9.24
C TYR A 3 26.50 6.02 -10.65
N LEU A 4 25.84 5.00 -11.23
CA LEU A 4 25.29 5.10 -12.58
C LEU A 4 23.78 5.36 -12.52
N ARG A 5 23.33 6.33 -13.34
CA ARG A 5 21.90 6.70 -13.41
C ARG A 5 21.02 5.57 -13.97
N LEU A 6 19.76 5.55 -13.53
CA LEU A 6 18.80 4.54 -13.97
C LEU A 6 17.51 5.19 -14.47
N PHE A 7 16.84 4.51 -15.41
CA PHE A 7 15.58 5.01 -15.98
C PHE A 7 14.38 4.34 -15.32
N GLY A 8 13.44 5.16 -14.86
CA GLY A 8 12.24 4.66 -14.21
C GLY A 8 12.10 5.15 -12.78
N GLN A 9 11.64 4.27 -11.90
CA GLN A 9 11.46 4.59 -10.48
C GLN A 9 12.41 3.77 -9.59
N ASP A 10 12.68 4.31 -8.40
CA ASP A 10 13.55 3.65 -7.43
C ASP A 10 12.76 2.89 -6.37
N GLY A 11 11.44 3.14 -6.33
CA GLY A 11 10.58 2.47 -5.35
C GLY A 11 9.95 1.20 -5.89
N LEU A 12 10.72 0.11 -5.88
CA LEU A 12 10.26 -1.21 -6.35
C LEU A 12 9.29 -1.84 -5.35
N CYS A 13 8.47 -2.80 -5.85
CA CYS A 13 7.49 -3.50 -5.01
C CYS A 13 8.15 -4.62 -4.22
N ALA A 14 8.33 -4.36 -2.91
CA ALA A 14 8.96 -5.30 -1.97
C ALA A 14 8.16 -6.60 -1.75
N SER A 15 6.92 -6.66 -2.28
CA SER A 15 6.07 -7.85 -2.11
C SER A 15 6.24 -8.83 -3.28
N CYS A 16 6.13 -8.34 -4.51
CA CYS A 16 6.28 -9.19 -5.70
C CYS A 16 7.67 -9.05 -6.34
N ASP A 17 8.50 -8.15 -5.78
CA ASP A 17 9.88 -7.88 -6.27
C ASP A 17 9.89 -7.47 -7.75
N LYS A 18 8.95 -6.59 -8.12
CA LYS A 18 8.83 -6.11 -9.49
C LYS A 18 9.01 -4.60 -9.54
N ARG A 19 9.53 -4.11 -10.67
CA ARG A 19 9.78 -2.67 -10.89
C ARG A 19 8.47 -1.87 -10.92
N ILE A 20 8.38 -0.85 -10.07
CA ILE A 20 7.20 0.03 -10.01
C ILE A 20 7.38 1.18 -11.02
N ARG A 21 6.77 1.01 -12.20
CA ARG A 21 6.86 2.00 -13.28
C ARG A 21 5.57 2.06 -14.12
N ALA A 22 5.40 3.18 -14.84
CA ALA A 22 4.26 3.45 -15.75
C ALA A 22 2.87 3.31 -15.09
N TYR A 23 2.42 2.06 -14.86
CA TYR A 23 1.12 1.79 -14.26
C TYR A 23 1.07 2.23 -12.78
N GLU A 24 1.91 1.58 -11.94
CA GLU A 24 2.04 1.84 -10.49
C GLU A 24 0.71 2.25 -9.79
N MET A 25 0.36 3.57 -9.84
CA MET A 25 -0.88 4.11 -9.24
C MET A 25 -1.02 3.68 -7.76
N THR A 26 0.01 3.99 -6.98
CA THR A 26 0.05 3.62 -5.56
C THR A 26 0.47 4.80 -4.67
N MET A 27 0.24 4.65 -3.36
CA MET A 27 0.60 5.65 -2.37
C MET A 27 1.99 5.36 -1.79
N ARG A 28 2.61 6.38 -1.20
CA ARG A 28 3.94 6.24 -0.59
C ARG A 28 3.81 5.73 0.84
N VAL A 29 4.34 4.52 1.07
CA VAL A 29 4.29 3.87 2.39
C VAL A 29 5.49 4.30 3.25
N LYS A 30 5.59 3.76 4.48
CA LYS A 30 6.66 4.09 5.43
C LYS A 30 8.08 3.97 4.84
N ASP A 31 8.50 2.73 4.52
CA ASP A 31 9.84 2.51 3.96
C ASP A 31 9.78 1.85 2.58
N LYS A 32 8.90 0.84 2.43
CA LYS A 32 8.76 0.10 1.17
C LYS A 32 7.47 0.44 0.45
N VAL A 33 7.54 0.47 -0.89
CA VAL A 33 6.37 0.76 -1.73
C VAL A 33 5.88 -0.54 -2.38
N TYR A 34 4.55 -0.67 -2.52
CA TYR A 34 3.95 -1.88 -3.10
C TYR A 34 2.86 -1.52 -4.12
N HIS A 35 2.66 -2.42 -5.10
CA HIS A 35 1.65 -2.25 -6.15
C HIS A 35 0.23 -2.28 -5.58
N LEU A 36 -0.74 -1.72 -6.32
CA LEU A 36 -2.15 -1.71 -5.90
C LEU A 36 -2.72 -3.13 -5.83
N GLU A 37 -2.42 -3.94 -6.86
CA GLU A 37 -2.86 -5.34 -6.92
C GLU A 37 -2.17 -6.18 -5.84
N CYS A 38 -0.97 -5.74 -5.43
CA CYS A 38 -0.18 -6.40 -4.39
C CYS A 38 -0.55 -5.88 -2.99
N PHE A 39 -1.44 -4.89 -2.94
CA PHE A 39 -1.91 -4.28 -1.68
C PHE A 39 -3.08 -5.10 -1.10
N LYS A 40 -2.78 -6.37 -0.78
CA LYS A 40 -3.79 -7.29 -0.23
C LYS A 40 -3.37 -7.79 1.15
N CYS A 41 -4.36 -8.35 1.89
CA CYS A 41 -4.14 -8.90 3.24
C CYS A 41 -3.23 -10.13 3.22
N ALA A 42 -2.44 -10.29 4.29
CA ALA A 42 -1.51 -11.43 4.42
C ALA A 42 -2.20 -12.70 4.94
N ALA A 43 -3.37 -12.53 5.55
CA ALA A 43 -4.12 -13.65 6.10
C ALA A 43 -5.38 -13.98 5.27
N CYS A 44 -6.11 -12.94 4.88
CA CYS A 44 -7.34 -13.10 4.09
C CYS A 44 -7.08 -12.97 2.59
N GLN A 45 -5.95 -12.33 2.23
CA GLN A 45 -5.53 -12.10 0.82
C GLN A 45 -6.46 -11.11 0.10
N LYS A 46 -7.46 -10.58 0.83
CA LYS A 46 -8.44 -9.62 0.30
C LYS A 46 -7.77 -8.29 -0.07
N HIS A 47 -8.47 -7.48 -0.88
CA HIS A 47 -7.96 -6.18 -1.32
C HIS A 47 -8.53 -5.05 -0.45
N PHE A 48 -7.73 -4.00 -0.27
CA PHE A 48 -8.12 -2.84 0.54
C PHE A 48 -8.62 -1.71 -0.36
N SER A 49 -9.50 -0.88 0.22
CA SER A 49 -10.09 0.26 -0.49
C SER A 49 -9.75 1.58 0.20
N VAL A 50 -9.83 2.69 -0.56
CA VAL A 50 -9.55 4.03 -0.05
C VAL A 50 -10.58 4.48 1.00
N GLY A 51 -10.08 5.01 2.12
CA GLY A 51 -10.95 5.46 3.20
C GLY A 51 -10.92 4.56 4.42
N ASP A 52 -10.40 3.33 4.25
CA ASP A 52 -10.30 2.36 5.34
C ASP A 52 -8.90 2.36 5.96
N ARG A 53 -8.83 2.03 7.25
CA ARG A 53 -7.55 1.98 7.98
C ARG A 53 -6.90 0.60 7.86
N TYR A 54 -5.60 0.60 7.54
CA TYR A 54 -4.85 -0.64 7.38
C TYR A 54 -3.66 -0.70 8.34
N LEU A 55 -3.23 -1.91 8.66
CA LEU A 55 -2.10 -2.13 9.55
C LEU A 55 -1.00 -2.89 8.81
N LEU A 56 0.21 -2.33 8.82
CA LEU A 56 1.36 -2.93 8.14
C LEU A 56 2.06 -3.93 9.07
N ILE A 57 2.00 -5.22 8.69
CA ILE A 57 2.64 -6.28 9.46
C ILE A 57 4.08 -6.53 8.98
N ASN A 58 4.79 -7.44 9.66
CA ASN A 58 6.20 -7.79 9.35
C ASN A 58 6.46 -8.06 7.86
N SER A 59 5.49 -8.67 7.18
CA SER A 59 5.63 -8.99 5.76
C SER A 59 4.74 -8.11 4.87
N ASP A 60 3.42 -8.32 4.94
CA ASP A 60 2.46 -7.56 4.11
C ASP A 60 1.46 -6.79 5.00
N ILE A 61 0.32 -6.38 4.41
CA ILE A 61 -0.72 -5.63 5.13
C ILE A 61 -1.76 -6.60 5.70
N VAL A 62 -2.20 -6.33 6.95
CA VAL A 62 -3.19 -7.16 7.63
C VAL A 62 -4.43 -6.33 8.00
N CYS A 63 -5.58 -6.70 7.41
CA CYS A 63 -6.86 -6.00 7.67
C CYS A 63 -7.33 -6.19 9.12
N GLU A 64 -8.19 -5.27 9.58
CA GLU A 64 -8.74 -5.29 10.95
C GLU A 64 -9.50 -6.57 11.30
N GLN A 65 -9.90 -7.33 10.27
CA GLN A 65 -10.64 -8.59 10.45
C GLN A 65 -9.82 -9.68 11.16
N ASP A 66 -8.56 -9.86 10.74
CA ASP A 66 -7.67 -10.88 11.31
C ASP A 66 -6.51 -10.28 12.13
N ILE A 67 -6.52 -8.95 12.31
CA ILE A 67 -5.46 -8.22 13.04
C ILE A 67 -5.20 -8.80 14.46
N TYR A 68 -6.27 -8.98 15.24
CA TYR A 68 -6.18 -9.50 16.61
C TYR A 68 -5.58 -10.93 16.65
N GLU A 69 -6.18 -11.85 15.87
CA GLU A 69 -5.74 -13.26 15.80
C GLU A 69 -4.33 -13.42 15.21
N TRP A 70 -4.01 -12.61 14.18
CA TRP A 70 -2.70 -12.66 13.50
C TRP A 70 -1.55 -12.24 14.44
N THR A 71 -1.68 -11.05 15.06
CA THR A 71 -0.67 -10.52 15.98
C THR A 71 -0.54 -11.39 17.24
N LYS A 72 -1.65 -12.04 17.61
CA LYS A 72 -1.72 -12.91 18.79
C LYS A 72 -0.84 -14.16 18.66
N ILE A 73 -0.78 -14.72 17.44
CA ILE A 73 0.00 -15.94 17.15
C ILE A 73 1.49 -15.64 16.89
N ASN A 74 1.77 -14.65 16.04
CA ASN A 74 3.16 -14.30 15.68
C ASN A 74 3.72 -13.15 16.54
N GLY A 75 2.95 -12.72 17.55
CA GLY A 75 3.40 -11.65 18.42
C GLY A 75 3.45 -12.07 19.88
N GLY A 76 2.41 -11.72 20.63
CA GLY A 76 2.34 -12.07 22.04
C GLY A 76 2.34 -10.86 22.94
N SER A 77 3.28 -10.84 23.90
CA SER A 77 3.40 -9.72 24.85
C SER A 77 4.84 -9.21 24.90
N GLY A 78 4.97 -7.89 25.08
CA GLY A 78 6.29 -7.27 25.14
C GLY A 78 6.26 -5.81 24.73
N GLY A 79 6.53 -4.93 25.69
CA GLY A 79 6.54 -3.49 25.43
C GLY A 79 7.93 -2.90 25.44
N SER A 80 8.69 -3.17 24.38
CA SER A 80 10.06 -2.67 24.25
C SER A 80 10.26 -1.94 22.92
N GLY A 81 10.85 -0.75 22.99
CA GLY A 81 11.10 0.05 21.80
C GLY A 81 10.97 1.53 22.06
N GLY A 82 10.25 2.24 21.18
CA GLY A 82 10.05 3.67 21.31
C GLY A 82 8.74 4.14 20.73
N SER A 83 7.64 3.91 21.50
CA SER A 83 6.26 4.30 21.10
C SER A 83 5.80 3.57 19.84
N GLY A 84 4.65 2.90 19.94
CA GLY A 84 4.09 2.15 18.82
C GLY A 84 2.61 1.88 18.98
N GLY A 85 1.80 2.54 18.16
CA GLY A 85 0.35 2.36 18.21
C GLY A 85 -0.39 3.36 17.34
N ASP A 86 -0.02 3.41 16.05
CA ASP A 86 -0.65 4.33 15.10
C ASP A 86 -1.07 3.57 13.84
N VAL A 87 -2.19 4.03 13.25
CA VAL A 87 -2.73 3.41 12.03
C VAL A 87 -2.86 4.45 10.93
N MET A 88 -2.65 4.02 9.69
CA MET A 88 -2.72 4.91 8.52
C MET A 88 -3.79 4.45 7.54
N VAL A 89 -4.41 5.43 6.86
CA VAL A 89 -5.46 5.16 5.87
C VAL A 89 -4.85 5.01 4.48
N VAL A 90 -5.45 4.12 3.66
CA VAL A 90 -4.97 3.87 2.29
C VAL A 90 -5.16 5.12 1.40
N GLY A 91 -4.03 5.75 1.05
CA GLY A 91 -4.03 6.95 0.20
C GLY A 91 -4.46 6.67 -1.23
N GLU A 92 -5.07 7.68 -1.87
CA GLU A 92 -5.52 7.58 -3.27
C GLU A 92 -4.32 7.43 -4.23
N PRO A 93 -4.51 6.84 -5.45
CA PRO A 93 -3.41 6.67 -6.42
C PRO A 93 -3.13 7.94 -7.24
N THR A 94 -1.86 8.29 -7.35
CA THR A 94 -1.44 9.48 -8.11
C THR A 94 -0.61 9.10 -9.33
N LEU A 95 -1.12 9.43 -10.52
CA LEU A 95 -0.45 9.13 -11.79
C LEU A 95 0.86 9.92 -11.95
N MET A 96 1.95 9.19 -12.23
CA MET A 96 3.29 9.77 -12.42
C MET A 96 3.38 10.67 -13.66
N GLY A 97 2.42 10.51 -14.58
CA GLY A 97 2.40 11.31 -15.81
C GLY A 97 1.70 12.64 -15.65
N GLY A 98 2.39 13.60 -15.03
CA GLY A 98 1.84 14.92 -14.81
C GLY A 98 2.91 16.00 -14.76
N GLU A 99 2.92 16.85 -15.79
CA GLU A 99 3.91 17.94 -15.88
C GLU A 99 3.31 19.25 -15.40
N PHE A 100 3.98 19.87 -14.42
CA PHE A 100 3.54 21.14 -13.85
C PHE A 100 4.67 22.18 -13.93
N GLY A 101 4.77 22.82 -15.10
CA GLY A 101 5.78 23.83 -15.33
C GLY A 101 5.25 25.01 -16.13
N ASP A 102 5.99 26.12 -16.11
CA ASP A 102 5.60 27.34 -16.82
C ASP A 102 6.76 27.85 -17.70
N GLU A 103 6.88 27.26 -18.89
CA GLU A 103 7.92 27.63 -19.86
C GLU A 103 7.47 28.78 -20.79
N ASP A 104 6.15 29.00 -20.86
CA ASP A 104 5.58 30.04 -21.71
C ASP A 104 5.58 31.41 -21.02
N GLU A 105 5.43 31.41 -19.69
CA GLU A 105 5.41 32.64 -18.89
C GLU A 105 6.82 33.14 -18.56
N ARG A 106 7.83 32.30 -18.85
CA ARG A 106 9.24 32.64 -18.58
C ARG A 106 9.89 33.31 -19.80
N LEU A 107 9.41 32.97 -21.00
CA LEU A 107 9.95 33.52 -22.25
C LEU A 107 9.14 34.75 -22.69
N ILE A 108 7.81 34.65 -22.58
CA ILE A 108 6.91 35.75 -22.96
C ILE A 108 5.89 36.04 -21.86
N THR A 109 5.69 37.33 -21.57
CA THR A 109 4.74 37.75 -20.54
C THR A 109 3.41 38.20 -21.15
N ARG A 110 2.35 37.46 -20.83
CA ARG A 110 0.99 37.74 -21.33
C ARG A 110 -0.03 37.60 -20.22
N LEU A 111 -1.05 38.47 -20.24
CA LEU A 111 -2.12 38.45 -19.24
C LEU A 111 -3.36 37.75 -19.78
N GLU A 112 -4.01 36.96 -18.91
CA GLU A 112 -5.23 36.23 -19.28
C GLU A 112 -6.25 36.30 -18.16
N ASN A 113 -7.54 36.31 -18.55
CA ASN A 113 -8.64 36.37 -17.58
C ASN A 113 -9.39 35.04 -17.54
N THR A 114 -9.49 34.49 -16.33
CA THR A 114 -10.19 33.21 -16.12
C THR A 114 -11.36 33.37 -15.15
N GLN A 115 -12.42 32.59 -15.38
CA GLN A 115 -13.62 32.62 -14.54
C GLN A 115 -13.99 31.21 -14.09
N PHE A 116 -14.13 31.04 -12.76
CA PHE A 116 -14.49 29.75 -12.18
C PHE A 116 -15.69 29.91 -11.24
N ASP A 117 -16.59 28.92 -11.27
CA ASP A 117 -17.78 28.92 -10.43
C ASP A 117 -17.66 27.89 -9.31
N ALA A 118 -17.93 28.33 -8.08
CA ALA A 118 -17.86 27.46 -6.91
C ALA A 118 -19.24 27.27 -6.28
N ALA A 119 -19.48 26.05 -5.79
CA ALA A 119 -20.75 25.70 -5.16
C ALA A 119 -20.66 25.74 -3.64
N ASN A 120 -19.53 25.22 -3.09
CA ASN A 120 -19.26 25.18 -1.63
C ASN A 120 -20.28 24.29 -0.89
N GLY A 121 -19.76 23.33 -0.12
CA GLY A 121 -20.61 22.43 0.64
C GLY A 121 -19.89 21.16 1.05
N ILE A 122 -20.08 20.76 2.30
CA ILE A 122 -19.45 19.55 2.85
C ILE A 122 -20.47 18.43 3.04
N ASP A 123 -19.98 17.18 3.00
CA ASP A 123 -20.84 16.00 3.17
C ASP A 123 -20.76 15.47 4.60
N ASP A 124 -21.90 15.05 5.14
CA ASP A 124 -21.98 14.52 6.49
C ASP A 124 -22.55 13.10 6.50
N GLU A 125 -23.58 12.86 5.69
CA GLU A 125 -24.22 11.54 5.58
C GLU A 125 -23.72 10.81 4.34
N TYR A 3 24.21 9.43 -9.68
CA TYR A 3 23.24 9.14 -10.76
C TYR A 3 21.92 9.86 -10.51
N LEU A 4 21.42 10.55 -11.54
CA LEU A 4 20.15 11.29 -11.45
C LEU A 4 19.06 10.58 -12.23
N ARG A 5 17.91 10.36 -11.57
CA ARG A 5 16.74 9.70 -12.18
C ARG A 5 16.14 10.52 -13.32
N LEU A 6 15.89 9.87 -14.46
CA LEU A 6 15.31 10.52 -15.64
C LEU A 6 14.10 9.74 -16.15
N PHE A 7 14.26 8.40 -16.24
CA PHE A 7 13.19 7.52 -16.72
C PHE A 7 13.00 6.33 -15.78
N GLY A 8 11.76 6.10 -15.37
CA GLY A 8 11.45 5.00 -14.47
C GLY A 8 11.31 5.44 -13.02
N GLN A 9 10.93 4.50 -12.16
CA GLN A 9 10.76 4.78 -10.73
C GLN A 9 11.81 4.07 -9.88
N ASP A 10 12.11 4.66 -8.72
CA ASP A 10 13.09 4.11 -7.80
C ASP A 10 12.40 3.35 -6.66
N GLY A 11 11.07 3.51 -6.56
CA GLY A 11 10.31 2.84 -5.51
C GLY A 11 9.76 1.49 -5.94
N LEU A 12 10.59 0.47 -5.84
CA LEU A 12 10.23 -0.91 -6.19
C LEU A 12 9.25 -1.51 -5.17
N CYS A 13 8.51 -2.55 -5.59
CA CYS A 13 7.53 -3.22 -4.73
C CYS A 13 8.20 -4.23 -3.80
N ALA A 14 8.21 -3.88 -2.51
CA ALA A 14 8.81 -4.71 -1.45
C ALA A 14 8.09 -6.06 -1.22
N SER A 15 6.90 -6.23 -1.84
CA SER A 15 6.12 -7.46 -1.68
C SER A 15 6.45 -8.50 -2.77
N CYS A 16 6.36 -8.10 -4.05
CA CYS A 16 6.64 -9.00 -5.16
C CYS A 16 8.06 -8.81 -5.71
N ASP A 17 8.80 -7.84 -5.14
CA ASP A 17 10.20 -7.52 -5.54
C ASP A 17 10.31 -7.24 -7.04
N LYS A 18 9.35 -6.46 -7.56
CA LYS A 18 9.30 -6.10 -8.97
C LYS A 18 9.37 -4.59 -9.15
N ARG A 19 9.93 -4.15 -10.28
CA ARG A 19 10.07 -2.73 -10.61
C ARG A 19 8.70 -2.04 -10.79
N ILE A 20 8.45 -1.01 -9.98
CA ILE A 20 7.20 -0.25 -10.05
C ILE A 20 7.28 0.78 -11.19
N ARG A 21 6.70 0.41 -12.34
CA ARG A 21 6.71 1.26 -13.55
C ARG A 21 5.43 1.08 -14.39
N ALA A 22 5.30 1.94 -15.43
CA ALA A 22 4.16 1.93 -16.40
C ALA A 22 2.78 2.02 -15.73
N TYR A 23 2.26 0.87 -15.24
CA TYR A 23 0.94 0.82 -14.61
C TYR A 23 0.97 1.42 -13.19
N GLU A 24 1.91 0.90 -12.36
CA GLU A 24 2.13 1.33 -10.95
C GLU A 24 0.85 1.77 -10.20
N MET A 25 0.45 3.07 -10.36
CA MET A 25 -0.75 3.64 -9.69
C MET A 25 -0.74 3.36 -8.18
N THR A 26 0.42 3.61 -7.57
CA THR A 26 0.63 3.36 -6.13
C THR A 26 0.63 4.66 -5.33
N MET A 27 0.38 4.51 -4.02
CA MET A 27 0.35 5.63 -3.09
C MET A 27 1.67 5.71 -2.29
N ARG A 28 1.84 6.80 -1.53
CA ARG A 28 3.05 6.99 -0.71
C ARG A 28 2.88 6.35 0.68
N VAL A 29 3.68 5.30 0.92
CA VAL A 29 3.65 4.58 2.19
C VAL A 29 4.78 5.09 3.11
N LYS A 30 4.90 4.51 4.32
CA LYS A 30 5.92 4.92 5.32
C LYS A 30 7.36 4.89 4.75
N ASP A 31 7.89 3.69 4.49
CA ASP A 31 9.25 3.55 3.96
C ASP A 31 9.26 2.83 2.62
N LYS A 32 8.48 1.75 2.51
CA LYS A 32 8.42 0.95 1.28
C LYS A 32 7.07 1.11 0.57
N VAL A 33 7.12 1.17 -0.75
CA VAL A 33 5.91 1.30 -1.58
C VAL A 33 5.53 -0.07 -2.15
N TYR A 34 4.22 -0.34 -2.22
CA TYR A 34 3.71 -1.62 -2.73
C TYR A 34 2.69 -1.41 -3.84
N HIS A 35 2.60 -2.38 -4.76
CA HIS A 35 1.65 -2.33 -5.89
C HIS A 35 0.21 -2.40 -5.39
N LEU A 36 -0.74 -1.92 -6.22
CA LEU A 36 -2.17 -1.94 -5.88
C LEU A 36 -2.68 -3.39 -5.79
N GLU A 37 -2.30 -4.21 -6.79
CA GLU A 37 -2.67 -5.64 -6.83
C GLU A 37 -2.01 -6.42 -5.69
N CYS A 38 -0.82 -5.95 -5.27
CA CYS A 38 -0.05 -6.57 -4.18
C CYS A 38 -0.50 -6.06 -2.81
N PHE A 39 -1.45 -5.11 -2.80
CA PHE A 39 -1.98 -4.54 -1.57
C PHE A 39 -3.20 -5.35 -1.07
N LYS A 40 -2.91 -6.62 -0.74
CA LYS A 40 -3.94 -7.55 -0.26
C LYS A 40 -3.62 -8.07 1.15
N CYS A 41 -4.65 -8.59 1.84
CA CYS A 41 -4.50 -9.14 3.20
C CYS A 41 -3.63 -10.40 3.20
N ALA A 42 -2.89 -10.58 4.30
CA ALA A 42 -1.99 -11.74 4.46
C ALA A 42 -2.70 -12.92 5.14
N ALA A 43 -3.96 -12.71 5.55
CA ALA A 43 -4.74 -13.75 6.22
C ALA A 43 -5.90 -14.26 5.37
N CYS A 44 -6.69 -13.32 4.79
CA CYS A 44 -7.84 -13.69 3.95
C CYS A 44 -7.63 -13.27 2.48
N GLN A 45 -6.50 -12.60 2.20
CA GLN A 45 -6.13 -12.12 0.83
C GLN A 45 -7.13 -11.08 0.27
N LYS A 46 -7.96 -10.51 1.14
CA LYS A 46 -8.96 -9.50 0.75
C LYS A 46 -8.30 -8.21 0.24
N HIS A 47 -9.08 -7.37 -0.44
CA HIS A 47 -8.59 -6.11 -0.99
C HIS A 47 -8.84 -4.95 -0.02
N PHE A 48 -8.03 -3.90 -0.13
CA PHE A 48 -8.15 -2.72 0.71
C PHE A 48 -8.57 -1.50 -0.11
N SER A 49 -9.42 -0.67 0.50
CA SER A 49 -9.94 0.53 -0.16
C SER A 49 -9.58 1.79 0.64
N VAL A 50 -9.61 2.95 -0.05
CA VAL A 50 -9.30 4.25 0.57
C VAL A 50 -10.33 4.66 1.63
N GLY A 51 -9.85 5.16 2.76
CA GLY A 51 -10.72 5.58 3.86
C GLY A 51 -10.68 4.64 5.06
N ASP A 52 -10.26 3.39 4.82
CA ASP A 52 -10.18 2.38 5.89
C ASP A 52 -8.75 2.28 6.43
N ARG A 53 -8.64 1.87 7.70
CA ARG A 53 -7.34 1.71 8.37
C ARG A 53 -6.75 0.33 8.10
N TYR A 54 -5.43 0.28 7.85
CA TYR A 54 -4.74 -0.97 7.57
C TYR A 54 -3.52 -1.16 8.47
N LEU A 55 -3.14 -2.43 8.68
CA LEU A 55 -1.98 -2.76 9.50
C LEU A 55 -0.85 -3.29 8.61
N LEU A 56 0.35 -2.72 8.79
CA LEU A 56 1.53 -3.13 8.02
C LEU A 56 2.36 -4.13 8.84
N ILE A 57 2.29 -5.41 8.44
CA ILE A 57 3.03 -6.46 9.12
C ILE A 57 4.40 -6.70 8.45
N ASN A 58 5.20 -7.60 9.05
CA ASN A 58 6.56 -7.95 8.58
C ASN A 58 6.63 -8.25 7.08
N SER A 59 5.59 -8.90 6.54
CA SER A 59 5.55 -9.27 5.13
C SER A 59 4.57 -8.40 4.32
N ASP A 60 3.26 -8.64 4.48
CA ASP A 60 2.23 -7.90 3.75
C ASP A 60 1.28 -7.14 4.69
N ILE A 61 0.15 -6.66 4.14
CA ILE A 61 -0.86 -5.92 4.91
C ILE A 61 -1.94 -6.87 5.41
N VAL A 62 -2.44 -6.61 6.63
CA VAL A 62 -3.49 -7.43 7.24
C VAL A 62 -4.72 -6.57 7.55
N CYS A 63 -5.89 -7.03 7.07
CA CYS A 63 -7.17 -6.33 7.27
C CYS A 63 -7.59 -6.29 8.75
N GLU A 64 -8.45 -5.31 9.10
CA GLU A 64 -8.97 -5.16 10.47
C GLU A 64 -9.75 -6.39 10.94
N GLN A 65 -10.24 -7.18 9.98
CA GLN A 65 -10.98 -8.42 10.26
C GLN A 65 -10.07 -9.50 10.89
N ASP A 66 -8.84 -9.60 10.39
CA ASP A 66 -7.86 -10.59 10.87
C ASP A 66 -6.69 -9.95 11.63
N ILE A 67 -6.76 -8.61 11.86
CA ILE A 67 -5.68 -7.87 12.56
C ILE A 67 -5.35 -8.45 13.95
N TYR A 68 -6.38 -8.61 14.79
CA TYR A 68 -6.22 -9.12 16.16
C TYR A 68 -5.64 -10.55 16.19
N GLU A 69 -6.27 -11.48 15.43
CA GLU A 69 -5.84 -12.88 15.38
C GLU A 69 -4.44 -13.06 14.76
N TRP A 70 -4.15 -12.29 13.70
CA TRP A 70 -2.85 -12.35 13.00
C TRP A 70 -1.70 -11.89 13.90
N THR A 71 -1.82 -10.68 14.46
CA THR A 71 -0.80 -10.10 15.36
C THR A 71 -0.59 -10.96 16.60
N LYS A 72 -1.65 -11.67 17.00
CA LYS A 72 -1.67 -12.56 18.16
C LYS A 72 -0.73 -13.77 17.99
N ILE A 73 -0.67 -14.30 16.76
CA ILE A 73 0.15 -15.49 16.46
C ILE A 73 1.62 -15.12 16.16
N ASN A 74 1.83 -14.12 15.31
CA ASN A 74 3.20 -13.70 14.93
C ASN A 74 3.73 -12.56 15.81
N GLY A 75 2.96 -12.19 16.85
CA GLY A 75 3.39 -11.12 17.75
C GLY A 75 3.36 -11.56 19.20
N GLY A 76 2.25 -11.27 19.89
CA GLY A 76 2.11 -11.62 21.29
C GLY A 76 2.10 -10.42 22.20
N SER A 77 2.63 -10.60 23.42
CA SER A 77 2.69 -9.52 24.41
C SER A 77 4.11 -9.37 24.95
N GLY A 78 4.48 -8.13 25.26
CA GLY A 78 5.81 -7.84 25.77
C GLY A 78 5.76 -7.04 27.07
N GLY A 79 5.68 -5.72 26.93
CA GLY A 79 5.62 -4.84 28.10
C GLY A 79 5.17 -3.43 27.75
N SER A 80 6.02 -2.45 28.06
CA SER A 80 5.72 -1.04 27.79
C SER A 80 6.44 -0.57 26.52
N GLY A 81 7.70 -0.97 26.36
CA GLY A 81 8.48 -0.58 25.19
C GLY A 81 9.12 -1.77 24.50
N GLY A 82 8.30 -2.49 23.73
CA GLY A 82 8.79 -3.67 23.00
C GLY A 82 8.24 -3.74 21.59
N SER A 83 7.19 -4.54 21.41
CA SER A 83 6.55 -4.71 20.11
C SER A 83 5.28 -3.87 20.00
N GLY A 84 5.16 -3.13 18.91
CA GLY A 84 3.99 -2.28 18.69
C GLY A 84 3.87 -1.83 17.24
N GLY A 85 3.41 -0.59 17.05
CA GLY A 85 3.24 -0.04 15.72
C GLY A 85 2.00 0.84 15.59
N ASP A 86 2.06 1.81 14.67
CA ASP A 86 0.95 2.73 14.44
C ASP A 86 0.14 2.30 13.22
N VAL A 87 -1.17 2.57 13.27
CA VAL A 87 -2.08 2.21 12.17
C VAL A 87 -2.38 3.45 11.32
N MET A 88 -2.20 3.31 10.01
CA MET A 88 -2.44 4.40 9.05
C MET A 88 -3.51 4.02 8.04
N VAL A 89 -4.09 5.05 7.38
CA VAL A 89 -5.13 4.86 6.37
C VAL A 89 -4.49 4.73 4.98
N VAL A 90 -5.15 3.96 4.10
CA VAL A 90 -4.67 3.73 2.72
C VAL A 90 -4.69 5.04 1.90
N GLY A 91 -3.49 5.57 1.60
CA GLY A 91 -3.35 6.79 0.82
C GLY A 91 -3.81 6.65 -0.62
N GLU A 92 -4.28 7.77 -1.21
CA GLU A 92 -4.76 7.79 -2.61
C GLU A 92 -3.60 7.54 -3.59
N PRO A 93 -3.85 6.90 -4.79
CA PRO A 93 -2.79 6.63 -5.77
C PRO A 93 -2.43 7.86 -6.62
N THR A 94 -1.21 7.88 -7.14
CA THR A 94 -0.74 8.99 -7.98
C THR A 94 -0.36 8.51 -9.38
N LEU A 95 -1.10 9.02 -10.38
CA LEU A 95 -0.88 8.67 -11.79
C LEU A 95 0.48 9.16 -12.29
N MET A 96 1.27 8.24 -12.88
CA MET A 96 2.62 8.49 -13.43
C MET A 96 3.49 9.42 -12.54
N GLY A 97 3.31 10.74 -12.67
CA GLY A 97 4.07 11.70 -11.88
C GLY A 97 3.27 12.27 -10.73
N GLY A 98 2.37 13.20 -11.05
CA GLY A 98 1.53 13.83 -10.04
C GLY A 98 1.89 15.28 -9.81
N GLU A 99 0.89 16.07 -9.34
CA GLU A 99 1.04 17.52 -9.05
C GLU A 99 1.41 18.34 -10.30
N PHE A 100 0.96 19.60 -10.32
CA PHE A 100 1.24 20.51 -11.43
C PHE A 100 2.43 21.42 -11.13
N GLY A 101 2.49 21.92 -9.89
CA GLY A 101 3.56 22.80 -9.48
C GLY A 101 3.16 23.72 -8.33
N ASP A 102 3.89 23.64 -7.22
CA ASP A 102 3.63 24.45 -6.03
C ASP A 102 4.94 24.98 -5.44
N GLU A 103 5.35 26.15 -5.94
CA GLU A 103 6.59 26.80 -5.48
C GLU A 103 6.32 27.72 -4.27
N ASP A 104 5.06 28.09 -4.06
CA ASP A 104 4.66 28.96 -2.94
C ASP A 104 4.44 28.19 -1.64
N GLU A 105 4.28 26.86 -1.75
CA GLU A 105 4.05 26.01 -0.58
C GLU A 105 5.36 25.55 0.07
N ARG A 106 6.36 25.23 -0.77
CA ARG A 106 7.67 24.77 -0.28
C ARG A 106 8.64 25.95 -0.01
N LEU A 107 8.14 27.18 -0.18
CA LEU A 107 8.94 28.39 0.04
C LEU A 107 8.72 28.95 1.45
N ILE A 108 7.45 28.94 1.89
CA ILE A 108 7.09 29.44 3.23
C ILE A 108 6.99 28.31 4.25
N THR A 109 7.23 28.66 5.53
CA THR A 109 7.16 27.68 6.62
C THR A 109 6.04 28.03 7.61
N ARG A 110 5.70 29.33 7.71
CA ARG A 110 4.65 29.86 8.61
C ARG A 110 5.02 29.66 10.09
N LEU A 111 4.94 30.75 10.85
CA LEU A 111 5.25 30.73 12.29
C LEU A 111 4.13 31.37 13.09
N GLU A 112 4.00 30.95 14.36
CA GLU A 112 2.97 31.46 15.26
C GLU A 112 3.51 32.61 16.12
N ASN A 113 2.62 33.54 16.48
CA ASN A 113 2.99 34.70 17.29
C ASN A 113 2.59 34.48 18.77
N THR A 114 1.47 33.77 18.99
CA THR A 114 0.91 33.46 20.33
C THR A 114 0.99 34.63 21.32
N GLN A 115 -0.20 35.21 21.64
CA GLN A 115 -0.35 36.35 22.57
C GLN A 115 0.34 37.62 22.05
N PHE A 116 -0.39 38.73 22.10
CA PHE A 116 0.11 40.02 21.65
C PHE A 116 0.58 40.87 22.83
N ASP A 117 1.50 41.81 22.56
CA ASP A 117 2.04 42.70 23.59
C ASP A 117 1.23 44.00 23.69
N ALA A 118 1.26 44.63 24.88
CA ALA A 118 0.54 45.89 25.17
C ALA A 118 -0.97 45.74 25.05
N ALA A 119 -1.69 46.07 26.14
CA ALA A 119 -3.14 45.97 26.18
C ALA A 119 -3.80 47.34 26.03
N ASN A 120 -3.22 48.36 26.69
CA ASN A 120 -3.76 49.73 26.62
C ASN A 120 -3.00 50.55 25.59
N GLY A 121 -3.74 51.45 24.92
CA GLY A 121 -3.15 52.31 23.90
C GLY A 121 -3.89 52.23 22.58
N ILE A 122 -4.71 53.24 22.30
CA ILE A 122 -5.49 53.30 21.05
C ILE A 122 -5.14 54.53 20.23
N ASP A 123 -4.74 54.30 18.98
CA ASP A 123 -4.37 55.38 18.06
C ASP A 123 -5.40 55.54 16.95
N ASP A 124 -5.78 56.79 16.67
CA ASP A 124 -6.77 57.09 15.63
C ASP A 124 -6.24 58.15 14.68
N GLU A 125 -6.52 57.98 13.38
CA GLU A 125 -6.09 58.91 12.35
C GLU A 125 -7.26 59.35 11.47
N TYR A 3 -7.37 2.62 -24.52
CA TYR A 3 -5.97 3.11 -24.41
C TYR A 3 -5.02 2.24 -25.22
N LEU A 4 -4.11 2.89 -25.95
CA LEU A 4 -3.12 2.19 -26.78
C LEU A 4 -1.70 2.48 -26.31
N ARG A 5 -1.42 3.75 -25.99
CA ARG A 5 -0.10 4.18 -25.52
C ARG A 5 0.27 3.57 -24.16
N LEU A 6 1.56 3.36 -23.94
CA LEU A 6 2.06 2.77 -22.70
C LEU A 6 3.15 3.65 -22.10
N PHE A 7 3.17 3.73 -20.75
CA PHE A 7 4.16 4.53 -20.04
C PHE A 7 4.85 3.71 -18.95
N GLY A 8 6.15 3.94 -18.79
CA GLY A 8 6.92 3.22 -17.78
C GLY A 8 7.15 4.05 -16.53
N GLN A 9 7.22 3.37 -15.38
CA GLN A 9 7.44 4.05 -14.09
C GLN A 9 8.84 3.77 -13.56
N ASP A 10 9.36 4.74 -12.81
CA ASP A 10 10.71 4.64 -12.22
C ASP A 10 10.64 4.16 -10.76
N GLY A 11 9.43 4.17 -10.19
CA GLY A 11 9.24 3.74 -8.81
C GLY A 11 8.69 2.33 -8.73
N LEU A 12 9.60 1.36 -8.70
CA LEU A 12 9.26 -0.07 -8.62
C LEU A 12 9.05 -0.53 -7.17
N CYS A 13 8.32 -1.65 -7.00
CA CYS A 13 8.01 -2.22 -5.68
C CYS A 13 9.26 -2.49 -4.83
N ALA A 14 9.29 -1.85 -3.67
CA ALA A 14 10.39 -1.96 -2.71
C ALA A 14 10.54 -3.35 -2.08
N SER A 15 9.46 -4.15 -2.05
CA SER A 15 9.48 -5.48 -1.43
C SER A 15 9.90 -6.60 -2.40
N CYS A 16 9.21 -6.70 -3.55
CA CYS A 16 9.51 -7.75 -4.52
C CYS A 16 10.40 -7.25 -5.67
N ASP A 17 10.89 -6.00 -5.55
CA ASP A 17 11.77 -5.33 -6.54
C ASP A 17 11.32 -5.58 -8.00
N LYS A 18 10.04 -5.30 -8.25
CA LYS A 18 9.45 -5.48 -9.59
C LYS A 18 8.92 -4.16 -10.12
N ARG A 19 9.03 -3.96 -11.44
CA ARG A 19 8.59 -2.75 -12.13
C ARG A 19 7.10 -2.43 -11.90
N ILE A 20 6.83 -1.23 -11.39
CA ILE A 20 5.46 -0.77 -11.13
C ILE A 20 4.85 -0.18 -12.42
N ARG A 21 3.59 -0.55 -12.70
CA ARG A 21 2.87 -0.13 -13.92
C ARG A 21 1.40 0.23 -13.63
N ALA A 22 0.63 0.51 -14.72
CA ALA A 22 -0.79 0.89 -14.65
C ALA A 22 -1.75 -0.22 -14.16
N TYR A 23 -1.19 -1.38 -13.80
CA TYR A 23 -1.98 -2.51 -13.27
C TYR A 23 -1.54 -2.81 -11.84
N GLU A 24 -0.25 -2.59 -11.62
CA GLU A 24 0.45 -2.87 -10.36
C GLU A 24 -0.15 -2.20 -9.11
N MET A 25 -0.94 -1.10 -9.28
CA MET A 25 -1.59 -0.41 -8.11
C MET A 25 -0.54 0.17 -7.17
N THR A 26 -0.73 1.42 -6.71
CA THR A 26 0.26 2.03 -5.81
C THR A 26 -0.34 3.07 -4.86
N MET A 27 -0.08 2.89 -3.57
CA MET A 27 -0.57 3.83 -2.55
C MET A 27 0.61 4.44 -1.79
N ARG A 28 0.45 5.71 -1.36
CA ARG A 28 1.51 6.43 -0.64
C ARG A 28 1.65 5.94 0.81
N VAL A 29 2.77 5.27 1.07
CA VAL A 29 3.07 4.73 2.40
C VAL A 29 4.13 5.63 3.08
N LYS A 30 4.55 5.27 4.32
CA LYS A 30 5.54 6.03 5.09
C LYS A 30 6.83 6.34 4.29
N ASP A 31 7.59 5.29 3.96
CA ASP A 31 8.84 5.47 3.21
C ASP A 31 8.83 4.72 1.87
N LYS A 32 8.33 3.48 1.89
CA LYS A 32 8.29 2.64 0.69
C LYS A 32 6.86 2.31 0.25
N VAL A 33 6.69 2.16 -1.06
CA VAL A 33 5.37 1.83 -1.65
C VAL A 33 5.34 0.33 -1.97
N TYR A 34 4.15 -0.27 -1.96
CA TYR A 34 4.01 -1.72 -2.21
C TYR A 34 2.89 -2.03 -3.22
N HIS A 35 3.07 -3.18 -3.90
CA HIS A 35 2.12 -3.69 -4.92
C HIS A 35 0.76 -4.07 -4.34
N LEU A 36 -0.27 -4.14 -5.21
CA LEU A 36 -1.61 -4.60 -4.79
C LEU A 36 -1.50 -6.01 -4.17
N GLU A 37 -0.78 -6.90 -4.88
CA GLU A 37 -0.52 -8.28 -4.43
C GLU A 37 0.36 -8.27 -3.17
N CYS A 38 1.21 -7.24 -3.06
CA CYS A 38 2.11 -7.07 -1.92
C CYS A 38 1.47 -6.19 -0.83
N PHE A 39 0.19 -5.79 -1.04
CA PHE A 39 -0.55 -4.97 -0.08
C PHE A 39 -1.97 -5.55 0.13
N LYS A 40 -2.01 -6.85 0.44
CA LYS A 40 -3.27 -7.55 0.70
C LYS A 40 -3.28 -8.21 2.08
N CYS A 41 -4.48 -8.47 2.62
CA CYS A 41 -4.62 -9.13 3.93
C CYS A 41 -4.11 -10.57 3.85
N ALA A 42 -3.41 -11.01 4.90
CA ALA A 42 -2.84 -12.36 4.94
C ALA A 42 -3.76 -13.36 5.65
N ALA A 43 -4.94 -12.91 6.09
CA ALA A 43 -5.88 -13.78 6.80
C ALA A 43 -7.19 -13.96 6.03
N CYS A 44 -7.81 -12.85 5.60
CA CYS A 44 -9.08 -12.92 4.85
C CYS A 44 -8.84 -12.76 3.34
N GLN A 45 -7.57 -12.50 2.96
CA GLN A 45 -7.13 -12.33 1.56
C GLN A 45 -7.76 -11.10 0.87
N LYS A 46 -8.42 -10.25 1.66
CA LYS A 46 -9.06 -9.03 1.14
C LYS A 46 -8.02 -8.03 0.62
N HIS A 47 -8.47 -7.14 -0.26
CA HIS A 47 -7.60 -6.13 -0.85
C HIS A 47 -7.89 -4.75 -0.25
N PHE A 48 -6.84 -3.95 -0.11
CA PHE A 48 -6.95 -2.61 0.47
C PHE A 48 -7.02 -1.55 -0.63
N SER A 49 -7.94 -0.61 -0.45
CA SER A 49 -8.16 0.47 -1.41
C SER A 49 -7.97 1.85 -0.73
N VAL A 50 -7.98 2.92 -1.55
CA VAL A 50 -7.80 4.30 -1.07
C VAL A 50 -8.98 4.74 -0.16
N GLY A 51 -8.63 5.19 1.06
CA GLY A 51 -9.64 5.65 2.00
C GLY A 51 -9.90 4.67 3.15
N ASP A 52 -9.10 3.59 3.22
CA ASP A 52 -9.26 2.59 4.28
C ASP A 52 -8.02 2.49 5.15
N ARG A 53 -8.22 2.17 6.44
CA ARG A 53 -7.12 2.04 7.41
C ARG A 53 -6.54 0.63 7.38
N TYR A 54 -5.21 0.53 7.48
CA TYR A 54 -4.52 -0.75 7.44
C TYR A 54 -3.38 -0.82 8.47
N LEU A 55 -3.02 -2.06 8.83
CA LEU A 55 -1.93 -2.31 9.77
C LEU A 55 -0.86 -3.14 9.07
N LEU A 56 0.39 -2.67 9.16
CA LEU A 56 1.52 -3.35 8.51
C LEU A 56 2.15 -4.40 9.43
N ILE A 57 2.05 -5.67 8.99
CA ILE A 57 2.62 -6.81 9.72
C ILE A 57 4.10 -6.99 9.32
N ASN A 58 4.78 -7.96 9.95
CA ASN A 58 6.21 -8.25 9.69
C ASN A 58 6.56 -8.36 8.19
N SER A 59 5.65 -8.96 7.40
CA SER A 59 5.89 -9.13 5.96
C SER A 59 4.81 -8.45 5.10
N ASP A 60 3.53 -8.69 5.41
CA ASP A 60 2.43 -8.13 4.63
C ASP A 60 1.56 -7.17 5.47
N ILE A 61 0.31 -6.95 5.01
CA ILE A 61 -0.65 -6.06 5.68
C ILE A 61 -1.89 -6.84 6.10
N VAL A 62 -2.34 -6.61 7.34
CA VAL A 62 -3.52 -7.29 7.89
C VAL A 62 -4.60 -6.28 8.30
N CYS A 63 -5.83 -6.48 7.80
CA CYS A 63 -6.96 -5.61 8.13
C CYS A 63 -7.33 -5.69 9.63
N GLU A 64 -7.84 -4.58 10.18
CA GLU A 64 -8.25 -4.50 11.60
C GLU A 64 -9.31 -5.54 12.00
N GLN A 65 -10.00 -6.10 11.00
CA GLN A 65 -11.05 -7.11 11.23
C GLN A 65 -10.48 -8.42 11.82
N ASP A 66 -9.44 -8.96 11.16
CA ASP A 66 -8.80 -10.21 11.59
C ASP A 66 -7.37 -9.98 12.14
N ILE A 67 -7.04 -8.72 12.44
CA ILE A 67 -5.71 -8.35 12.97
C ILE A 67 -5.32 -9.11 14.25
N TYR A 68 -6.26 -9.18 15.21
CA TYR A 68 -6.04 -9.87 16.49
C TYR A 68 -5.85 -11.38 16.30
N GLU A 69 -6.76 -11.99 15.54
CA GLU A 69 -6.75 -13.45 15.26
C GLU A 69 -5.53 -13.88 14.42
N TRP A 70 -5.00 -12.96 13.58
CA TRP A 70 -3.84 -13.26 12.73
C TRP A 70 -2.59 -13.58 13.57
N THR A 71 -2.19 -12.64 14.44
CA THR A 71 -1.00 -12.80 15.29
C THR A 71 -1.21 -13.91 16.33
N LYS A 72 -2.47 -14.09 16.73
CA LYS A 72 -2.86 -15.11 17.71
C LYS A 72 -2.65 -16.55 17.20
N ILE A 73 -3.01 -16.78 15.92
CA ILE A 73 -2.90 -18.11 15.31
C ILE A 73 -1.48 -18.39 14.75
N ASN A 74 -0.80 -17.35 14.27
CA ASN A 74 0.54 -17.49 13.69
C ASN A 74 1.62 -17.87 14.72
N GLY A 75 1.42 -17.43 15.98
CA GLY A 75 2.38 -17.73 17.05
C GLY A 75 3.64 -16.89 16.99
N GLY A 76 4.71 -17.38 17.62
CA GLY A 76 5.97 -16.67 17.64
C GLY A 76 7.08 -17.47 18.31
N SER A 77 8.33 -17.13 17.97
CA SER A 77 9.50 -17.81 18.52
C SER A 77 10.33 -16.86 19.40
N GLY A 78 10.49 -15.62 18.93
CA GLY A 78 11.26 -14.62 19.67
C GLY A 78 11.06 -13.22 19.13
N GLY A 79 10.88 -12.26 20.04
CA GLY A 79 10.68 -10.86 19.66
C GLY A 79 9.74 -10.13 20.59
N SER A 80 10.17 -8.95 21.05
CA SER A 80 9.37 -8.13 21.97
C SER A 80 8.72 -6.97 21.22
N GLY A 81 7.47 -6.68 21.58
CA GLY A 81 6.72 -5.60 20.96
C GLY A 81 5.47 -5.23 21.73
N GLY A 82 4.33 -5.26 21.04
CA GLY A 82 3.05 -4.92 21.65
C GLY A 82 2.08 -4.28 20.68
N SER A 83 0.78 -4.42 20.98
CA SER A 83 -0.27 -3.86 20.12
C SER A 83 -0.79 -2.54 20.69
N GLY A 84 -0.86 -1.51 19.84
CA GLY A 84 -1.32 -0.20 20.25
C GLY A 84 -0.39 0.91 19.84
N GLY A 85 -0.09 0.97 18.53
CA GLY A 85 0.80 1.99 18.01
C GLY A 85 0.08 2.97 17.08
N ASP A 86 0.75 3.33 15.98
CA ASP A 86 0.19 4.26 15.00
C ASP A 86 -0.31 3.52 13.77
N VAL A 87 -1.44 3.99 13.23
CA VAL A 87 -2.04 3.38 12.04
C VAL A 87 -2.02 4.37 10.87
N MET A 88 -1.81 3.83 9.67
CA MET A 88 -1.76 4.65 8.45
C MET A 88 -2.85 4.25 7.46
N VAL A 89 -3.37 5.25 6.74
CA VAL A 89 -4.43 5.03 5.74
C VAL A 89 -3.81 4.88 4.35
N VAL A 90 -4.56 4.23 3.44
CA VAL A 90 -4.13 4.00 2.05
C VAL A 90 -3.97 5.35 1.30
N GLY A 91 -2.71 5.70 1.01
CA GLY A 91 -2.36 6.94 0.31
C GLY A 91 -2.83 7.02 -1.13
N GLU A 92 -1.86 7.18 -2.04
CA GLU A 92 -2.08 7.30 -3.50
C GLU A 92 -2.95 6.16 -4.06
N PRO A 93 -3.59 6.37 -5.26
CA PRO A 93 -4.47 5.34 -5.88
C PRO A 93 -3.74 4.11 -6.42
N THR A 94 -4.47 3.01 -6.40
CA THR A 94 -4.03 1.73 -6.85
C THR A 94 -4.63 1.46 -8.23
N LEU A 95 -3.78 1.49 -9.27
CA LEU A 95 -4.20 1.26 -10.65
C LEU A 95 -4.68 -0.18 -10.89
N MET A 96 -6.01 -0.31 -11.13
CA MET A 96 -6.72 -1.59 -11.36
C MET A 96 -5.81 -2.77 -11.76
N GLY A 97 -5.98 -3.89 -11.04
CA GLY A 97 -5.19 -5.09 -11.30
C GLY A 97 -5.94 -6.37 -10.99
N GLY A 98 -5.29 -7.28 -10.27
CA GLY A 98 -5.90 -8.56 -9.90
C GLY A 98 -5.04 -9.38 -8.97
N GLU A 99 -5.68 -10.31 -8.24
CA GLU A 99 -4.98 -11.19 -7.29
C GLU A 99 -5.38 -12.65 -7.49
N PHE A 100 -4.50 -13.57 -7.05
CA PHE A 100 -4.75 -15.01 -7.17
C PHE A 100 -4.60 -15.72 -5.82
N GLY A 101 -3.55 -15.36 -5.06
CA GLY A 101 -3.31 -15.98 -3.76
C GLY A 101 -1.85 -16.02 -3.36
N ASP A 102 -1.58 -15.98 -2.04
CA ASP A 102 -0.23 -16.01 -1.50
C ASP A 102 -0.25 -16.65 -0.10
N GLU A 103 0.12 -17.93 -0.06
CA GLU A 103 0.16 -18.72 1.19
C GLU A 103 1.47 -18.53 1.97
N ASP A 104 2.51 -18.02 1.29
CA ASP A 104 3.85 -17.81 1.90
C ASP A 104 3.85 -16.89 3.15
N GLU A 105 2.73 -16.20 3.40
CA GLU A 105 2.59 -15.29 4.55
C GLU A 105 2.42 -16.04 5.90
N ARG A 106 2.35 -17.37 5.84
CA ARG A 106 2.18 -18.20 7.05
C ARG A 106 3.54 -18.62 7.65
N LEU A 107 4.63 -18.00 7.16
CA LEU A 107 5.98 -18.32 7.63
C LEU A 107 6.45 -17.33 8.73
N ILE A 108 6.03 -16.06 8.62
CA ILE A 108 6.42 -15.03 9.58
C ILE A 108 5.48 -14.96 10.78
N THR A 109 5.99 -14.40 11.89
CA THR A 109 5.23 -14.25 13.14
C THR A 109 5.43 -12.85 13.73
N ARG A 110 4.52 -12.44 14.63
CA ARG A 110 4.59 -11.12 15.26
C ARG A 110 4.66 -11.24 16.79
N LEU A 111 3.64 -11.87 17.40
CA LEU A 111 3.59 -12.04 18.85
C LEU A 111 3.67 -13.51 19.23
N GLU A 112 4.27 -13.78 20.40
CA GLU A 112 4.44 -15.14 20.91
C GLU A 112 3.25 -15.55 21.80
N ASN A 113 2.63 -16.67 21.45
CA ASN A 113 1.49 -17.21 22.20
C ASN A 113 1.64 -18.72 22.42
N THR A 114 0.89 -19.25 23.38
CA THR A 114 0.93 -20.68 23.71
C THR A 114 -0.01 -21.50 22.81
N GLN A 115 0.58 -22.37 22.00
CA GLN A 115 -0.17 -23.23 21.08
C GLN A 115 0.35 -24.66 21.12
N PHE A 116 -0.51 -25.61 20.71
CA PHE A 116 -0.15 -27.04 20.69
C PHE A 116 0.39 -27.44 19.32
N ASP A 117 1.24 -28.48 19.30
CA ASP A 117 1.84 -28.98 18.06
C ASP A 117 1.01 -30.11 17.46
N ALA A 118 1.03 -30.20 16.13
CA ALA A 118 0.28 -31.24 15.41
C ALA A 118 1.20 -32.04 14.50
N ALA A 119 0.80 -33.29 14.21
CA ALA A 119 1.59 -34.18 13.34
C ALA A 119 1.14 -34.08 11.88
N ASN A 120 -0.20 -34.03 11.67
CA ASN A 120 -0.81 -33.94 10.33
C ASN A 120 -0.52 -35.17 9.46
N GLY A 121 -1.58 -35.76 8.91
CA GLY A 121 -1.44 -36.95 8.08
C GLY A 121 -1.49 -36.62 6.59
N ILE A 122 -2.65 -36.89 5.98
CA ILE A 122 -2.86 -36.63 4.55
C ILE A 122 -3.86 -35.49 4.33
N ASP A 123 -3.64 -34.73 3.27
CA ASP A 123 -4.52 -33.59 2.92
C ASP A 123 -5.00 -33.69 1.48
N ASP A 124 -6.29 -33.42 1.28
CA ASP A 124 -6.90 -33.47 -0.05
C ASP A 124 -7.10 -32.07 -0.62
N GLU A 125 -6.80 -31.92 -1.91
CA GLU A 125 -6.94 -30.62 -2.59
C GLU A 125 -8.23 -30.59 -3.41
N TYR A 3 8.02 -4.31 -28.43
CA TYR A 3 7.87 -3.26 -27.38
C TYR A 3 9.13 -2.39 -27.30
N LEU A 4 8.92 -1.08 -27.24
CA LEU A 4 10.02 -0.11 -27.15
C LEU A 4 10.20 0.37 -25.71
N ARG A 5 11.45 0.67 -25.34
CA ARG A 5 11.80 1.14 -23.99
C ARG A 5 11.19 2.51 -23.70
N LEU A 6 10.50 2.61 -22.55
CA LEU A 6 9.87 3.85 -22.12
C LEU A 6 10.24 4.20 -20.68
N PHE A 7 10.35 3.17 -19.82
CA PHE A 7 10.71 3.32 -18.39
C PHE A 7 9.65 4.11 -17.61
N GLY A 8 9.13 3.49 -16.55
CA GLY A 8 8.13 4.14 -15.71
C GLY A 8 8.69 4.57 -14.37
N GLN A 9 8.86 3.60 -13.47
CA GLN A 9 9.41 3.86 -12.14
C GLN A 9 10.68 3.06 -11.91
N ASP A 10 11.64 3.68 -11.21
CA ASP A 10 12.92 3.04 -10.88
C ASP A 10 12.87 2.34 -9.52
N GLY A 11 11.79 2.61 -8.77
CA GLY A 11 11.60 2.02 -7.45
C GLY A 11 10.80 0.75 -7.48
N LEU A 12 11.51 -0.37 -7.65
CA LEU A 12 10.91 -1.73 -7.70
C LEU A 12 10.07 -2.02 -6.45
N CYS A 13 9.15 -3.01 -6.55
CA CYS A 13 8.24 -3.37 -5.45
C CYS A 13 9.00 -3.84 -4.20
N ALA A 14 8.56 -3.32 -3.06
CA ALA A 14 9.15 -3.65 -1.75
C ALA A 14 8.93 -5.11 -1.34
N SER A 15 7.77 -5.67 -1.69
CA SER A 15 7.44 -7.06 -1.36
C SER A 15 7.89 -8.03 -2.45
N CYS A 16 7.51 -7.76 -3.70
CA CYS A 16 7.89 -8.61 -4.82
C CYS A 16 9.02 -7.97 -5.63
N ASP A 17 9.80 -8.80 -6.33
CA ASP A 17 10.92 -8.32 -7.15
C ASP A 17 10.47 -8.03 -8.59
N LYS A 18 9.43 -7.20 -8.70
CA LYS A 18 8.88 -6.83 -10.00
C LYS A 18 8.94 -5.31 -10.17
N ARG A 19 9.38 -4.87 -11.35
CA ARG A 19 9.52 -3.44 -11.68
C ARG A 19 8.17 -2.71 -11.71
N ILE A 20 8.15 -1.51 -11.10
CA ILE A 20 6.96 -0.67 -11.05
C ILE A 20 6.92 0.21 -12.31
N ARG A 21 5.79 0.14 -13.04
CA ARG A 21 5.61 0.90 -14.30
C ARG A 21 4.54 2.00 -14.17
N ALA A 22 4.23 2.66 -15.31
CA ALA A 22 3.23 3.75 -15.36
C ALA A 22 1.82 3.30 -14.96
N TYR A 23 1.57 1.98 -15.05
CA TYR A 23 0.27 1.39 -14.68
C TYR A 23 0.14 1.27 -13.15
N GLU A 24 1.19 1.71 -12.45
CA GLU A 24 1.24 1.63 -11.00
C GLU A 24 0.81 2.92 -10.33
N MET A 25 -0.35 2.83 -9.71
CA MET A 25 -0.95 3.91 -8.96
C MET A 25 -0.82 3.59 -7.48
N THR A 26 0.31 4.01 -6.93
CA THR A 26 0.64 3.73 -5.53
C THR A 26 0.45 4.95 -4.62
N MET A 27 0.41 4.66 -3.32
CA MET A 27 0.26 5.67 -2.27
C MET A 27 1.60 5.87 -1.54
N ARG A 28 1.65 6.88 -0.66
CA ARG A 28 2.87 7.16 0.12
C ARG A 28 2.85 6.37 1.44
N VAL A 29 3.70 5.35 1.52
CA VAL A 29 3.79 4.49 2.72
C VAL A 29 4.89 5.03 3.67
N LYS A 30 5.03 4.41 4.85
CA LYS A 30 6.00 4.81 5.87
C LYS A 30 7.45 4.88 5.34
N ASP A 31 8.03 3.73 4.98
CA ASP A 31 9.40 3.68 4.48
C ASP A 31 9.48 3.10 3.06
N LYS A 32 8.72 2.01 2.82
CA LYS A 32 8.74 1.34 1.52
C LYS A 32 7.37 1.36 0.84
N VAL A 33 7.39 1.43 -0.49
CA VAL A 33 6.16 1.45 -1.30
C VAL A 33 5.94 0.05 -1.91
N TYR A 34 4.66 -0.32 -2.08
CA TYR A 34 4.29 -1.64 -2.61
C TYR A 34 3.33 -1.51 -3.80
N HIS A 35 3.22 -2.59 -4.60
CA HIS A 35 2.31 -2.62 -5.77
C HIS A 35 0.85 -2.53 -5.35
N LEU A 36 -0.02 -2.03 -6.26
CA LEU A 36 -1.46 -1.95 -5.98
C LEU A 36 -2.05 -3.35 -5.81
N GLU A 37 -1.64 -4.27 -6.72
CA GLU A 37 -2.06 -5.68 -6.68
C GLU A 37 -1.49 -6.40 -5.44
N CYS A 38 -0.28 -5.99 -5.02
CA CYS A 38 0.40 -6.57 -3.85
C CYS A 38 -0.11 -5.95 -2.54
N PHE A 39 -1.08 -5.03 -2.65
CA PHE A 39 -1.68 -4.36 -1.49
C PHE A 39 -2.90 -5.14 -0.98
N LYS A 40 -2.66 -6.42 -0.64
CA LYS A 40 -3.72 -7.31 -0.15
C LYS A 40 -3.40 -7.82 1.26
N CYS A 41 -4.42 -8.39 1.93
CA CYS A 41 -4.28 -8.93 3.29
C CYS A 41 -3.38 -10.16 3.32
N ALA A 42 -2.64 -10.33 4.42
CA ALA A 42 -1.71 -11.45 4.60
C ALA A 42 -2.39 -12.69 5.19
N ALA A 43 -3.63 -12.55 5.68
CA ALA A 43 -4.36 -13.67 6.27
C ALA A 43 -5.53 -14.14 5.40
N CYS A 44 -6.38 -13.19 4.98
CA CYS A 44 -7.55 -13.53 4.14
C CYS A 44 -7.32 -13.17 2.66
N GLN A 45 -6.19 -12.48 2.38
CA GLN A 45 -5.80 -12.06 1.01
C GLN A 45 -6.77 -11.05 0.38
N LYS A 46 -7.65 -10.45 1.21
CA LYS A 46 -8.63 -9.47 0.74
C LYS A 46 -7.94 -8.19 0.23
N HIS A 47 -8.70 -7.38 -0.53
CA HIS A 47 -8.18 -6.14 -1.09
C HIS A 47 -8.51 -4.94 -0.19
N PHE A 48 -7.69 -3.89 -0.30
CA PHE A 48 -7.87 -2.68 0.50
C PHE A 48 -8.25 -1.50 -0.39
N SER A 49 -9.21 -0.71 0.10
CA SER A 49 -9.71 0.47 -0.62
C SER A 49 -9.50 1.74 0.21
N VAL A 50 -9.57 2.90 -0.47
CA VAL A 50 -9.40 4.21 0.18
C VAL A 50 -10.52 4.53 1.18
N GLY A 51 -10.16 5.14 2.30
CA GLY A 51 -11.13 5.49 3.33
C GLY A 51 -11.01 4.63 4.58
N ASP A 52 -10.64 3.36 4.40
CA ASP A 52 -10.49 2.42 5.52
C ASP A 52 -9.05 2.39 6.01
N ARG A 53 -8.88 2.10 7.31
CA ARG A 53 -7.56 2.03 7.94
C ARG A 53 -6.95 0.63 7.81
N TYR A 54 -5.63 0.58 7.61
CA TYR A 54 -4.92 -0.70 7.47
C TYR A 54 -3.73 -0.78 8.43
N LEU A 55 -3.32 -2.01 8.74
CA LEU A 55 -2.19 -2.26 9.62
C LEU A 55 -1.08 -2.99 8.86
N LEU A 56 0.13 -2.43 8.91
CA LEU A 56 1.28 -3.01 8.22
C LEU A 56 2.02 -3.98 9.15
N ILE A 57 1.92 -5.28 8.86
CA ILE A 57 2.57 -6.32 9.65
C ILE A 57 4.01 -6.58 9.14
N ASN A 58 4.74 -7.46 9.85
CA ASN A 58 6.14 -7.82 9.52
C ASN A 58 6.37 -8.15 8.04
N SER A 59 5.38 -8.79 7.40
CA SER A 59 5.50 -9.16 5.98
C SER A 59 4.64 -8.26 5.08
N ASP A 60 3.31 -8.46 5.11
CA ASP A 60 2.38 -7.69 4.28
C ASP A 60 1.36 -6.92 5.14
N ILE A 61 0.26 -6.46 4.52
CA ILE A 61 -0.80 -5.72 5.23
C ILE A 61 -1.87 -6.69 5.74
N VAL A 62 -2.36 -6.41 6.95
CA VAL A 62 -3.41 -7.23 7.58
C VAL A 62 -4.65 -6.38 7.87
N CYS A 63 -5.79 -6.77 7.29
CA CYS A 63 -7.07 -6.06 7.48
C CYS A 63 -7.57 -6.15 8.93
N GLU A 64 -8.46 -5.22 9.30
CA GLU A 64 -9.04 -5.15 10.66
C GLU A 64 -9.89 -6.39 11.00
N GLN A 65 -10.30 -7.14 9.97
CA GLN A 65 -11.12 -8.35 10.15
C GLN A 65 -10.35 -9.47 10.89
N ASP A 66 -9.13 -9.77 10.41
CA ASP A 66 -8.30 -10.83 11.01
C ASP A 66 -7.05 -10.27 11.71
N ILE A 67 -7.04 -8.95 11.98
CA ILE A 67 -5.92 -8.26 12.65
C ILE A 67 -5.57 -8.88 14.02
N TYR A 68 -6.60 -9.04 14.87
CA TYR A 68 -6.45 -9.59 16.23
C TYR A 68 -5.86 -11.00 16.23
N GLU A 69 -6.48 -11.91 15.45
CA GLU A 69 -6.05 -13.31 15.36
C GLU A 69 -4.62 -13.45 14.79
N TRP A 70 -4.32 -12.69 13.72
CA TRP A 70 -3.00 -12.72 13.07
C TRP A 70 -1.88 -12.21 13.99
N THR A 71 -2.17 -11.12 14.72
CA THR A 71 -1.22 -10.50 15.66
C THR A 71 -0.94 -11.42 16.85
N LYS A 72 -1.93 -12.24 17.18
CA LYS A 72 -1.85 -13.19 18.29
C LYS A 72 -0.71 -14.21 18.10
N ILE A 73 -0.58 -14.74 16.88
CA ILE A 73 0.46 -15.73 16.55
C ILE A 73 1.79 -15.06 16.19
N ASN A 74 1.71 -14.04 15.31
CA ASN A 74 2.90 -13.31 14.85
C ASN A 74 3.53 -12.43 15.94
N GLY A 75 2.70 -11.95 16.87
CA GLY A 75 3.19 -11.12 17.96
C GLY A 75 2.60 -9.73 17.95
N GLY A 76 2.00 -9.34 19.08
CA GLY A 76 1.39 -8.02 19.20
C GLY A 76 1.26 -7.58 20.64
N SER A 77 0.61 -8.42 21.47
CA SER A 77 0.41 -8.12 22.89
C SER A 77 1.29 -9.02 23.76
N GLY A 78 1.79 -8.46 24.86
CA GLY A 78 2.64 -9.20 25.78
C GLY A 78 2.03 -9.33 27.16
N GLY A 79 1.99 -8.21 27.89
CA GLY A 79 1.43 -8.20 29.24
C GLY A 79 0.68 -6.93 29.54
N SER A 80 1.43 -5.83 29.64
CA SER A 80 0.85 -4.51 29.94
C SER A 80 0.80 -3.65 28.68
N GLY A 81 -0.33 -2.97 28.49
CA GLY A 81 -0.51 -2.10 27.33
C GLY A 81 -0.30 -0.64 27.65
N GLY A 82 0.37 0.07 26.74
CA GLY A 82 0.64 1.49 26.93
C GLY A 82 0.75 2.24 25.61
N SER A 83 1.94 2.78 25.34
CA SER A 83 2.19 3.53 24.11
C SER A 83 2.92 2.67 23.08
N GLY A 84 2.49 2.79 21.82
CA GLY A 84 3.09 2.02 20.74
C GLY A 84 2.07 1.26 19.92
N GLY A 85 1.77 1.78 18.73
CA GLY A 85 0.79 1.15 17.85
C GLY A 85 -0.02 2.16 17.07
N ASP A 86 0.57 2.70 16.00
CA ASP A 86 -0.09 3.69 15.15
C ASP A 86 -0.64 3.03 13.88
N VAL A 87 -1.81 3.49 13.44
CA VAL A 87 -2.46 2.96 12.24
C VAL A 87 -2.48 4.03 11.14
N MET A 88 -2.29 3.59 9.88
CA MET A 88 -2.29 4.49 8.74
C MET A 88 -3.38 4.13 7.74
N VAL A 89 -3.92 5.15 7.06
CA VAL A 89 -4.97 4.97 6.07
C VAL A 89 -4.40 4.89 4.65
N VAL A 90 -5.07 4.15 3.76
CA VAL A 90 -4.64 4.00 2.36
C VAL A 90 -4.74 5.34 1.61
N GLY A 91 -3.56 5.91 1.29
CA GLY A 91 -3.47 7.19 0.58
C GLY A 91 -4.00 7.14 -0.84
N GLU A 92 -4.59 8.27 -1.28
CA GLU A 92 -5.15 8.40 -2.64
C GLU A 92 -4.05 8.33 -3.73
N PRO A 93 -4.00 7.24 -4.56
CA PRO A 93 -2.99 7.10 -5.63
C PRO A 93 -3.08 8.19 -6.70
N THR A 94 -1.96 8.45 -7.38
CA THR A 94 -1.90 9.47 -8.44
C THR A 94 -1.49 8.85 -9.77
N LEU A 95 -2.45 8.83 -10.72
CA LEU A 95 -2.25 8.29 -12.07
C LEU A 95 -1.23 9.12 -12.86
N MET A 96 -0.12 8.47 -13.25
CA MET A 96 1.00 9.07 -14.04
C MET A 96 1.35 10.51 -13.61
N GLY A 97 2.48 10.64 -12.91
CA GLY A 97 2.93 11.95 -12.45
C GLY A 97 3.73 11.88 -11.16
N GLY A 98 4.05 13.05 -10.60
CA GLY A 98 4.81 13.13 -9.37
C GLY A 98 4.51 14.40 -8.59
N GLU A 99 4.58 14.29 -7.26
CA GLU A 99 4.31 15.42 -6.37
C GLU A 99 5.61 16.08 -5.92
N PHE A 100 5.61 17.41 -5.91
CA PHE A 100 6.79 18.19 -5.49
C PHE A 100 6.67 18.66 -4.05
N GLY A 101 5.48 19.12 -3.67
CA GLY A 101 5.24 19.60 -2.31
C GLY A 101 3.86 19.24 -1.80
N ASP A 102 3.74 19.14 -0.47
CA ASP A 102 2.48 18.79 0.19
C ASP A 102 2.35 19.56 1.50
N GLU A 103 1.67 20.72 1.42
CA GLU A 103 1.45 21.59 2.58
C GLU A 103 0.27 21.14 3.44
N ASP A 104 -0.61 20.32 2.85
CA ASP A 104 -1.80 19.81 3.55
C ASP A 104 -1.50 18.56 4.39
N GLU A 105 -0.41 17.85 4.04
CA GLU A 105 -0.01 16.63 4.76
C GLU A 105 0.90 16.95 5.97
N ARG A 106 1.76 17.95 5.80
CA ARG A 106 2.70 18.36 6.87
C ARG A 106 2.05 19.33 7.88
N LEU A 107 0.84 19.81 7.56
CA LEU A 107 0.11 20.73 8.42
C LEU A 107 -0.85 19.96 9.36
N ILE A 108 -1.62 19.03 8.76
CA ILE A 108 -2.61 18.16 9.47
C ILE A 108 -3.56 18.92 10.42
N THR A 109 -4.62 18.23 10.88
CA THR A 109 -5.61 18.81 11.79
C THR A 109 -6.07 17.78 12.81
N ARG A 110 -5.92 18.13 14.10
CA ARG A 110 -6.32 17.24 15.20
C ARG A 110 -7.63 17.70 15.81
N LEU A 111 -8.43 16.73 16.29
CA LEU A 111 -9.71 17.01 16.91
C LEU A 111 -9.61 16.94 18.43
N GLU A 112 -10.51 17.66 19.12
CA GLU A 112 -10.53 17.70 20.58
C GLU A 112 -11.49 16.66 21.14
N ASN A 113 -10.98 15.88 22.12
CA ASN A 113 -11.77 14.82 22.76
C ASN A 113 -12.34 15.30 24.10
N THR A 114 -13.47 14.70 24.50
CA THR A 114 -14.13 15.05 25.76
C THR A 114 -13.77 14.07 26.86
N GLN A 115 -13.68 14.58 28.10
CA GLN A 115 -13.33 13.75 29.26
C GLN A 115 -14.36 13.91 30.37
N PHE A 116 -14.64 12.82 31.08
CA PHE A 116 -15.61 12.82 32.18
C PHE A 116 -14.90 12.87 33.53
N ASP A 117 -15.53 13.54 34.50
CA ASP A 117 -14.98 13.68 35.85
C ASP A 117 -15.99 13.26 36.90
N ALA A 118 -17.26 13.66 36.71
CA ALA A 118 -18.33 13.33 37.65
C ALA A 118 -19.14 12.13 37.15
N ALA A 119 -19.52 11.26 38.10
CA ALA A 119 -20.31 10.07 37.78
C ALA A 119 -21.79 10.28 38.09
N ASN A 120 -22.09 10.93 39.23
CA ASN A 120 -23.46 11.23 39.69
C ASN A 120 -24.26 9.95 39.97
N GLY A 121 -24.81 9.86 41.19
CA GLY A 121 -25.59 8.69 41.58
C GLY A 121 -25.15 8.14 42.93
N ILE A 122 -25.42 6.84 43.12
CA ILE A 122 -25.06 6.15 44.37
C ILE A 122 -24.10 4.99 44.10
N ASP A 123 -23.22 4.72 45.07
CA ASP A 123 -22.25 3.64 44.97
C ASP A 123 -22.70 2.41 45.76
N ASP A 124 -22.66 1.25 45.11
CA ASP A 124 -23.06 -0.02 45.73
C ASP A 124 -21.98 -1.08 45.56
N GLU A 125 -21.58 -1.69 46.68
CA GLU A 125 -20.56 -2.74 46.68
C GLU A 125 -21.05 -3.98 47.41
N TYR A 3 14.53 -2.24 -24.73
CA TYR A 3 15.65 -1.43 -24.18
C TYR A 3 15.15 -0.06 -23.73
N LEU A 4 15.70 0.43 -22.61
CA LEU A 4 15.33 1.73 -22.06
C LEU A 4 16.58 2.58 -21.79
N ARG A 5 16.82 3.55 -22.68
CA ARG A 5 17.98 4.46 -22.58
C ARG A 5 17.91 5.38 -21.35
N LEU A 6 16.74 6.00 -21.14
CA LEU A 6 16.54 6.92 -20.01
C LEU A 6 15.24 6.63 -19.27
N PHE A 7 14.35 5.82 -19.89
CA PHE A 7 13.05 5.47 -19.29
C PHE A 7 13.18 4.30 -18.33
N GLY A 8 12.24 4.23 -17.37
CA GLY A 8 12.25 3.15 -16.38
C GLY A 8 12.43 3.67 -14.97
N GLN A 9 11.69 3.08 -14.03
CA GLN A 9 11.76 3.48 -12.62
C GLN A 9 12.65 2.54 -11.81
N ASP A 10 13.16 3.05 -10.69
CA ASP A 10 14.02 2.29 -9.78
C ASP A 10 13.26 1.84 -8.55
N GLY A 11 12.03 2.37 -8.38
CA GLY A 11 11.20 2.04 -7.22
C GLY A 11 10.56 0.66 -7.30
N LEU A 12 11.40 -0.38 -7.17
CA LEU A 12 10.94 -1.79 -7.20
C LEU A 12 9.88 -2.05 -6.12
N CYS A 13 9.07 -3.10 -6.32
CA CYS A 13 8.00 -3.45 -5.37
C CYS A 13 8.57 -4.13 -4.13
N ALA A 14 8.07 -3.71 -2.98
CA ALA A 14 8.49 -4.24 -1.67
C ALA A 14 8.11 -5.73 -1.47
N SER A 15 6.96 -6.12 -2.04
CA SER A 15 6.48 -7.50 -1.92
C SER A 15 6.94 -8.38 -3.09
N CYS A 16 6.74 -7.89 -4.33
CA CYS A 16 7.13 -8.64 -5.52
C CYS A 16 8.37 -8.00 -6.17
N ASP A 17 9.09 -8.80 -6.96
CA ASP A 17 10.30 -8.32 -7.65
C ASP A 17 9.95 -7.79 -9.05
N LYS A 18 8.97 -6.88 -9.09
CA LYS A 18 8.51 -6.28 -10.33
C LYS A 18 8.70 -4.76 -10.28
N ARG A 19 9.29 -4.21 -11.34
CA ARG A 19 9.55 -2.76 -11.47
C ARG A 19 8.25 -1.96 -11.52
N ILE A 20 8.18 -0.90 -10.69
CA ILE A 20 7.03 -0.01 -10.62
C ILE A 20 7.09 0.98 -11.80
N ARG A 21 6.34 0.67 -12.87
CA ARG A 21 6.32 1.50 -14.08
C ARG A 21 4.95 1.47 -14.78
N ALA A 22 4.71 2.50 -15.63
CA ALA A 22 3.47 2.66 -16.43
C ALA A 22 2.17 2.64 -15.60
N TYR A 23 1.75 1.45 -15.16
CA TYR A 23 0.51 1.30 -14.38
C TYR A 23 0.68 1.83 -12.94
N GLU A 24 1.66 1.26 -12.21
CA GLU A 24 2.00 1.64 -10.82
C GLU A 24 0.79 2.11 -9.97
N MET A 25 0.48 3.43 -10.01
CA MET A 25 -0.64 4.04 -9.25
C MET A 25 -0.69 3.56 -7.79
N THR A 26 0.21 4.12 -6.99
CA THR A 26 0.32 3.76 -5.58
C THR A 26 0.64 4.97 -4.70
N MET A 27 0.38 4.84 -3.39
CA MET A 27 0.64 5.90 -2.42
C MET A 27 1.99 5.66 -1.72
N ARG A 28 2.47 6.66 -0.97
CA ARG A 28 3.73 6.57 -0.24
C ARG A 28 3.52 5.97 1.15
N VAL A 29 4.18 4.82 1.40
CA VAL A 29 4.08 4.12 2.68
C VAL A 29 5.24 4.57 3.60
N LYS A 30 5.29 3.99 4.83
CA LYS A 30 6.32 4.33 5.84
C LYS A 30 7.76 4.31 5.30
N ASP A 31 8.27 3.11 4.94
CA ASP A 31 9.64 2.99 4.43
C ASP A 31 9.66 2.39 3.02
N LYS A 32 8.86 1.35 2.80
CA LYS A 32 8.81 0.67 1.50
C LYS A 32 7.47 0.88 0.80
N VAL A 33 7.50 0.84 -0.54
CA VAL A 33 6.29 1.03 -1.35
C VAL A 33 5.85 -0.31 -1.95
N TYR A 34 4.52 -0.48 -2.09
CA TYR A 34 3.95 -1.72 -2.62
C TYR A 34 2.97 -1.42 -3.76
N HIS A 35 2.85 -2.38 -4.71
CA HIS A 35 1.91 -2.25 -5.85
C HIS A 35 0.47 -2.25 -5.34
N LEU A 36 -0.47 -1.72 -6.17
CA LEU A 36 -1.90 -1.70 -5.79
C LEU A 36 -2.45 -3.13 -5.70
N GLU A 37 -2.10 -3.97 -6.70
CA GLU A 37 -2.51 -5.39 -6.73
C GLU A 37 -1.84 -6.19 -5.60
N CYS A 38 -0.61 -5.80 -5.24
CA CYS A 38 0.17 -6.46 -4.19
C CYS A 38 -0.23 -5.95 -2.79
N PHE A 39 -1.18 -5.00 -2.75
CA PHE A 39 -1.66 -4.43 -1.49
C PHE A 39 -2.87 -5.23 -0.97
N LYS A 40 -2.62 -6.50 -0.64
CA LYS A 40 -3.65 -7.41 -0.15
C LYS A 40 -3.32 -7.95 1.26
N CYS A 41 -4.35 -8.51 1.93
CA CYS A 41 -4.22 -9.08 3.27
C CYS A 41 -3.32 -10.32 3.29
N ALA A 42 -2.60 -10.51 4.40
CA ALA A 42 -1.70 -11.65 4.56
C ALA A 42 -2.40 -12.86 5.23
N ALA A 43 -3.65 -12.65 5.68
CA ALA A 43 -4.41 -13.71 6.35
C ALA A 43 -5.52 -14.26 5.46
N CYS A 44 -6.34 -13.37 4.87
CA CYS A 44 -7.45 -13.78 4.01
C CYS A 44 -7.18 -13.44 2.53
N GLN A 45 -6.06 -12.73 2.27
CA GLN A 45 -5.63 -12.31 0.91
C GLN A 45 -6.60 -11.31 0.26
N LYS A 46 -7.53 -10.76 1.06
CA LYS A 46 -8.52 -9.78 0.57
C LYS A 46 -7.84 -8.46 0.14
N HIS A 47 -8.58 -7.65 -0.62
CA HIS A 47 -8.05 -6.37 -1.10
C HIS A 47 -8.52 -5.22 -0.23
N PHE A 48 -7.71 -4.16 -0.17
CA PHE A 48 -8.00 -2.97 0.64
C PHE A 48 -8.53 -1.84 -0.24
N SER A 49 -9.31 -0.95 0.38
CA SER A 49 -9.91 0.20 -0.31
C SER A 49 -9.47 1.52 0.32
N VAL A 50 -9.51 2.59 -0.48
CA VAL A 50 -9.13 3.95 -0.04
C VAL A 50 -10.07 4.49 1.03
N GLY A 51 -9.50 4.97 2.15
CA GLY A 51 -10.29 5.52 3.24
C GLY A 51 -10.34 4.63 4.46
N ASP A 52 -9.96 3.35 4.29
CA ASP A 52 -9.98 2.38 5.40
C ASP A 52 -8.60 2.29 6.06
N ARG A 53 -8.60 1.93 7.36
CA ARG A 53 -7.37 1.79 8.14
C ARG A 53 -6.79 0.39 8.00
N TYR A 54 -5.46 0.31 7.83
CA TYR A 54 -4.77 -0.97 7.68
C TYR A 54 -3.58 -1.09 8.63
N LEU A 55 -3.17 -2.33 8.90
CA LEU A 55 -2.01 -2.60 9.75
C LEU A 55 -0.90 -3.24 8.93
N LEU A 56 0.29 -2.64 9.00
CA LEU A 56 1.46 -3.13 8.28
C LEU A 56 2.28 -4.07 9.16
N ILE A 57 2.25 -5.37 8.82
CA ILE A 57 2.99 -6.39 9.58
C ILE A 57 4.40 -6.60 8.97
N ASN A 58 5.20 -7.45 9.64
CA ASN A 58 6.59 -7.77 9.23
C ASN A 58 6.74 -8.11 7.74
N SER A 59 5.73 -8.79 7.18
CA SER A 59 5.77 -9.18 5.76
C SER A 59 4.83 -8.32 4.89
N ASP A 60 3.52 -8.58 4.98
CA ASP A 60 2.53 -7.84 4.19
C ASP A 60 1.50 -7.11 5.08
N ILE A 61 0.41 -6.63 4.48
CA ILE A 61 -0.65 -5.92 5.20
C ILE A 61 -1.75 -6.89 5.66
N VAL A 62 -2.30 -6.64 6.84
CA VAL A 62 -3.39 -7.46 7.40
C VAL A 62 -4.64 -6.61 7.63
N CYS A 63 -5.78 -7.08 7.10
CA CYS A 63 -7.07 -6.39 7.23
C CYS A 63 -7.56 -6.33 8.68
N GLU A 64 -8.44 -5.36 8.97
CA GLU A 64 -9.02 -5.18 10.32
C GLU A 64 -9.79 -6.44 10.78
N GLN A 65 -10.24 -7.25 9.80
CA GLN A 65 -10.96 -8.49 10.09
C GLN A 65 -10.05 -9.54 10.78
N ASP A 66 -8.80 -9.64 10.30
CA ASP A 66 -7.83 -10.61 10.84
C ASP A 66 -6.71 -9.92 11.64
N ILE A 67 -6.80 -8.59 11.83
CA ILE A 67 -5.77 -7.80 12.55
C ILE A 67 -5.50 -8.34 13.98
N TYR A 68 -6.57 -8.51 14.76
CA TYR A 68 -6.47 -8.98 16.14
C TYR A 68 -5.91 -10.41 16.24
N GLU A 69 -6.50 -11.34 15.48
CA GLU A 69 -6.08 -12.76 15.47
C GLU A 69 -4.66 -12.96 14.93
N TRP A 70 -4.30 -12.20 13.87
CA TRP A 70 -2.97 -12.29 13.25
C TRP A 70 -1.87 -11.82 14.22
N THR A 71 -2.07 -10.62 14.81
CA THR A 71 -1.12 -10.05 15.77
C THR A 71 -1.03 -10.92 17.03
N LYS A 72 -2.13 -11.60 17.33
CA LYS A 72 -2.25 -12.50 18.49
C LYS A 72 -1.31 -13.71 18.38
N ILE A 73 -1.24 -14.29 17.17
CA ILE A 73 -0.41 -15.47 16.89
C ILE A 73 1.05 -15.08 16.58
N ASN A 74 1.22 -14.08 15.70
CA ASN A 74 2.56 -13.61 15.28
C ASN A 74 3.24 -12.75 16.35
N GLY A 75 2.44 -12.03 17.15
CA GLY A 75 2.98 -11.19 18.20
C GLY A 75 2.74 -9.71 17.93
N GLY A 76 2.18 -9.01 18.94
CA GLY A 76 1.90 -7.60 18.81
C GLY A 76 1.65 -6.93 20.15
N SER A 77 0.83 -5.88 20.14
CA SER A 77 0.49 -5.14 21.35
C SER A 77 -1.02 -5.01 21.52
N GLY A 78 -1.49 -5.11 22.76
CA GLY A 78 -2.91 -5.00 23.05
C GLY A 78 -3.24 -3.80 23.92
N GLY A 79 -4.40 -3.86 24.59
CA GLY A 79 -4.83 -2.77 25.45
C GLY A 79 -5.85 -1.87 24.79
N SER A 80 -5.76 -0.57 25.08
CA SER A 80 -6.68 0.42 24.50
C SER A 80 -6.04 1.16 23.32
N GLY A 81 -4.75 1.52 23.47
CA GLY A 81 -4.04 2.22 22.41
C GLY A 81 -3.06 3.24 22.96
N GLY A 82 -1.90 2.75 23.43
CA GLY A 82 -0.88 3.62 23.97
C GLY A 82 0.34 3.73 23.08
N SER A 83 1.52 3.44 23.63
CA SER A 83 2.78 3.50 22.89
C SER A 83 3.18 2.12 22.38
N GLY A 84 3.64 2.07 21.12
CA GLY A 84 4.06 0.82 20.52
C GLY A 84 3.00 0.24 19.60
N GLY A 85 2.56 1.04 18.62
CA GLY A 85 1.56 0.60 17.68
C GLY A 85 0.83 1.75 17.01
N ASP A 86 1.09 1.93 15.71
CA ASP A 86 0.46 3.00 14.94
C ASP A 86 -0.28 2.44 13.73
N VAL A 87 -1.41 3.07 13.39
CA VAL A 87 -2.23 2.64 12.26
C VAL A 87 -2.34 3.77 11.23
N MET A 88 -2.17 3.40 9.95
CA MET A 88 -2.23 4.35 8.84
C MET A 88 -3.34 3.98 7.87
N VAL A 89 -3.86 5.00 7.17
CA VAL A 89 -4.93 4.83 6.19
C VAL A 89 -4.35 4.71 4.77
N VAL A 90 -5.02 3.91 3.91
CA VAL A 90 -4.59 3.69 2.52
C VAL A 90 -4.68 4.99 1.70
N GLY A 91 -3.51 5.53 1.34
CA GLY A 91 -3.43 6.76 0.55
C GLY A 91 -3.97 6.62 -0.87
N GLU A 92 -4.58 7.70 -1.38
CA GLU A 92 -5.15 7.71 -2.75
C GLU A 92 -4.04 7.58 -3.82
N PRO A 93 -4.28 6.83 -4.94
CA PRO A 93 -3.27 6.66 -6.01
C PRO A 93 -3.17 7.90 -6.91
N THR A 94 -1.93 8.29 -7.22
CA THR A 94 -1.66 9.45 -8.07
C THR A 94 -0.87 9.05 -9.31
N LEU A 95 -1.47 9.29 -10.49
CA LEU A 95 -0.84 8.96 -11.78
C LEU A 95 0.41 9.81 -12.06
N MET A 96 1.53 9.10 -12.35
CA MET A 96 2.85 9.72 -12.64
C MET A 96 3.20 10.92 -11.72
N GLY A 97 2.79 10.81 -10.46
CA GLY A 97 3.06 11.87 -9.48
C GLY A 97 1.87 12.80 -9.30
N GLY A 98 1.78 13.81 -10.17
CA GLY A 98 0.69 14.77 -10.11
C GLY A 98 1.12 16.09 -9.48
N GLU A 99 0.63 16.35 -8.26
CA GLU A 99 0.95 17.57 -7.53
C GLU A 99 1.99 17.30 -6.46
N PHE A 100 2.94 18.24 -6.32
CA PHE A 100 4.02 18.12 -5.33
C PHE A 100 4.15 19.38 -4.49
N GLY A 101 4.06 20.55 -5.14
CA GLY A 101 4.17 21.83 -4.45
C GLY A 101 2.81 22.46 -4.19
N ASP A 102 1.99 21.79 -3.38
CA ASP A 102 0.66 22.28 -3.04
C ASP A 102 0.41 22.22 -1.52
N GLU A 103 1.49 21.99 -0.76
CA GLU A 103 1.42 21.91 0.71
C GLU A 103 1.58 23.29 1.37
N ASP A 104 2.31 24.19 0.69
CA ASP A 104 2.57 25.54 1.19
C ASP A 104 1.43 26.51 0.85
N GLU A 105 0.57 26.11 -0.10
CA GLU A 105 -0.56 26.93 -0.54
C GLU A 105 -1.80 26.70 0.32
N ARG A 106 -2.00 25.44 0.75
CA ARG A 106 -3.15 25.07 1.59
C ARG A 106 -2.84 25.24 3.09
N LEU A 107 -1.62 25.68 3.41
CA LEU A 107 -1.18 25.89 4.79
C LEU A 107 -1.44 27.34 5.24
N ILE A 108 -1.17 28.29 4.33
CA ILE A 108 -1.36 29.72 4.62
C ILE A 108 -2.71 30.22 4.11
N THR A 109 -3.41 30.99 4.94
CA THR A 109 -4.72 31.54 4.60
C THR A 109 -4.86 32.99 5.08
N ARG A 110 -5.63 33.78 4.33
CA ARG A 110 -5.86 35.19 4.67
C ARG A 110 -7.22 35.37 5.32
N LEU A 111 -7.24 36.12 6.44
CA LEU A 111 -8.47 36.40 7.17
C LEU A 111 -8.64 37.90 7.42
N GLU A 112 -9.90 38.34 7.46
CA GLU A 112 -10.21 39.75 7.69
C GLU A 112 -10.64 39.98 9.14
N ASN A 113 -10.29 41.15 9.68
CA ASN A 113 -10.62 41.51 11.06
C ASN A 113 -11.67 42.64 11.10
N THR A 114 -11.49 43.64 10.23
CA THR A 114 -12.41 44.78 10.16
C THR A 114 -13.41 44.61 9.02
N GLN A 115 -14.67 44.94 9.29
CA GLN A 115 -15.74 44.84 8.29
C GLN A 115 -16.51 46.14 8.19
N PHE A 116 -16.90 46.49 6.96
CA PHE A 116 -17.66 47.72 6.70
C PHE A 116 -19.14 47.43 6.47
N ASP A 117 -19.42 46.34 5.74
CA ASP A 117 -20.80 45.90 5.41
C ASP A 117 -21.53 46.93 4.53
N ALA A 118 -22.09 46.45 3.41
CA ALA A 118 -22.81 47.29 2.47
C ALA A 118 -24.32 47.18 2.68
N ALA A 119 -25.03 48.28 2.40
CA ALA A 119 -26.48 48.34 2.54
C ALA A 119 -27.20 48.09 1.20
N ASN A 120 -26.42 48.10 0.10
CA ASN A 120 -26.94 47.88 -1.28
C ASN A 120 -27.91 48.99 -1.71
N GLY A 121 -27.60 49.62 -2.85
CA GLY A 121 -28.43 50.69 -3.38
C GLY A 121 -27.68 51.59 -4.34
N ILE A 122 -27.97 51.44 -5.63
CA ILE A 122 -27.32 52.24 -6.68
C ILE A 122 -28.17 53.45 -7.09
N ASP A 123 -29.42 53.49 -6.62
CA ASP A 123 -30.34 54.58 -6.94
C ASP A 123 -30.33 55.65 -5.84
N ASP A 124 -30.33 55.20 -4.58
CA ASP A 124 -30.32 56.10 -3.43
C ASP A 124 -29.21 55.72 -2.46
N GLU A 125 -28.43 56.73 -2.05
CA GLU A 125 -27.31 56.53 -1.11
C GLU A 125 -27.70 56.99 0.29
N TYR A 3 23.29 -3.46 -15.89
CA TYR A 3 23.35 -4.55 -16.90
C TYR A 3 22.48 -4.22 -18.12
N LEU A 4 21.29 -3.66 -17.88
CA LEU A 4 20.37 -3.29 -18.95
C LEU A 4 20.48 -1.80 -19.28
N ARG A 5 20.59 -1.50 -20.58
CA ARG A 5 20.69 -0.12 -21.07
C ARG A 5 19.43 0.69 -20.79
N LEU A 6 18.26 0.05 -20.97
CA LEU A 6 16.97 0.70 -20.74
C LEU A 6 16.43 0.37 -19.34
N PHE A 7 15.77 1.35 -18.72
CA PHE A 7 15.21 1.18 -17.38
C PHE A 7 13.74 1.62 -17.36
N GLY A 8 12.96 1.02 -16.45
CA GLY A 8 11.55 1.34 -16.31
C GLY A 8 11.28 2.40 -15.26
N GLN A 9 11.15 1.96 -14.01
CA GLN A 9 10.90 2.88 -12.90
C GLN A 9 11.90 2.65 -11.76
N ASP A 10 12.01 3.64 -10.87
CA ASP A 10 12.91 3.59 -9.73
C ASP A 10 12.22 3.05 -8.47
N GLY A 11 10.88 2.98 -8.52
CA GLY A 11 10.11 2.51 -7.39
C GLY A 11 9.74 1.05 -7.49
N LEU A 12 10.59 0.19 -6.93
CA LEU A 12 10.37 -1.27 -6.91
C LEU A 12 9.33 -1.62 -5.85
N CYS A 13 8.69 -2.80 -5.99
CA CYS A 13 7.65 -3.24 -5.05
C CYS A 13 8.25 -3.79 -3.76
N ALA A 14 7.65 -3.39 -2.63
CA ALA A 14 8.09 -3.80 -1.29
C ALA A 14 7.88 -5.30 -1.04
N SER A 15 6.77 -5.84 -1.57
CA SER A 15 6.43 -7.26 -1.40
C SER A 15 7.05 -8.14 -2.50
N CYS A 16 6.81 -7.77 -3.76
CA CYS A 16 7.34 -8.52 -4.89
C CYS A 16 8.51 -7.78 -5.55
N ASP A 17 9.36 -8.52 -6.27
CA ASP A 17 10.52 -7.93 -6.95
C ASP A 17 10.16 -7.49 -8.38
N LYS A 18 9.06 -6.75 -8.48
CA LYS A 18 8.57 -6.25 -9.77
C LYS A 18 8.50 -4.73 -9.75
N ARG A 19 9.05 -4.12 -10.82
CA ARG A 19 9.08 -2.66 -10.96
C ARG A 19 7.66 -2.06 -11.11
N ILE A 20 7.42 -0.95 -10.40
CA ILE A 20 6.14 -0.24 -10.44
C ILE A 20 5.99 0.50 -11.79
N ARG A 21 4.76 0.51 -12.32
CA ARG A 21 4.49 1.15 -13.62
C ARG A 21 3.31 2.15 -13.53
N ALA A 22 2.96 2.76 -14.68
CA ALA A 22 1.86 3.73 -14.78
C ALA A 22 0.48 3.09 -14.55
N TYR A 23 0.38 1.79 -14.84
CA TYR A 23 -0.87 1.03 -14.65
C TYR A 23 -1.11 0.74 -13.15
N GLU A 24 -0.01 0.60 -12.41
CA GLU A 24 -0.06 0.29 -10.98
C GLU A 24 -0.54 1.48 -10.13
N MET A 25 0.02 2.67 -10.40
CA MET A 25 -0.33 3.91 -9.65
C MET A 25 -0.32 3.65 -8.14
N THR A 26 0.85 3.81 -7.55
CA THR A 26 1.05 3.57 -6.12
C THR A 26 1.14 4.87 -5.33
N MET A 27 0.86 4.78 -4.02
CA MET A 27 0.91 5.92 -3.11
C MET A 27 2.15 5.86 -2.22
N ARG A 28 2.45 6.97 -1.53
CA ARG A 28 3.61 7.05 -0.63
C ARG A 28 3.30 6.44 0.74
N VAL A 29 4.00 5.35 1.06
CA VAL A 29 3.83 4.65 2.33
C VAL A 29 4.94 5.06 3.31
N LYS A 30 4.92 4.47 4.54
CA LYS A 30 5.90 4.78 5.60
C LYS A 30 7.36 4.73 5.12
N ASP A 31 7.84 3.53 4.77
CA ASP A 31 9.23 3.36 4.31
C ASP A 31 9.29 2.80 2.89
N LYS A 32 8.50 1.76 2.63
CA LYS A 32 8.48 1.10 1.32
C LYS A 32 7.10 1.21 0.65
N VAL A 33 7.09 1.17 -0.69
CA VAL A 33 5.85 1.27 -1.46
C VAL A 33 5.41 -0.13 -1.93
N TYR A 34 4.09 -0.34 -2.00
CA TYR A 34 3.52 -1.64 -2.41
C TYR A 34 2.57 -1.48 -3.60
N HIS A 35 2.56 -2.50 -4.48
CA HIS A 35 1.67 -2.53 -5.66
C HIS A 35 0.20 -2.62 -5.24
N LEU A 36 -0.74 -2.24 -6.13
CA LEU A 36 -2.18 -2.32 -5.83
C LEU A 36 -2.61 -3.80 -5.66
N GLU A 37 -2.19 -4.65 -6.62
CA GLU A 37 -2.48 -6.10 -6.58
C GLU A 37 -1.79 -6.79 -5.40
N CYS A 38 -0.64 -6.23 -4.98
CA CYS A 38 0.14 -6.78 -3.86
C CYS A 38 -0.29 -6.19 -2.51
N PHE A 39 -1.20 -5.20 -2.56
CA PHE A 39 -1.72 -4.54 -1.35
C PHE A 39 -2.97 -5.28 -0.83
N LYS A 40 -2.80 -6.58 -0.58
CA LYS A 40 -3.88 -7.44 -0.10
C LYS A 40 -3.53 -8.09 1.24
N CYS A 41 -4.57 -8.57 1.95
CA CYS A 41 -4.43 -9.24 3.26
C CYS A 41 -3.67 -10.57 3.13
N ALA A 42 -2.91 -10.91 4.17
CA ALA A 42 -2.13 -12.15 4.20
C ALA A 42 -2.86 -13.26 4.95
N ALA A 43 -4.00 -12.92 5.58
CA ALA A 43 -4.79 -13.88 6.34
C ALA A 43 -6.02 -14.36 5.56
N CYS A 44 -6.77 -13.42 4.96
CA CYS A 44 -7.96 -13.77 4.17
C CYS A 44 -7.77 -13.46 2.68
N GLN A 45 -6.61 -12.87 2.34
CA GLN A 45 -6.25 -12.49 0.94
C GLN A 45 -7.17 -11.40 0.35
N LYS A 46 -7.96 -10.75 1.22
CA LYS A 46 -8.89 -9.67 0.80
C LYS A 46 -8.12 -8.44 0.29
N HIS A 47 -8.81 -7.57 -0.43
CA HIS A 47 -8.21 -6.34 -0.97
C HIS A 47 -8.59 -5.13 -0.13
N PHE A 48 -7.71 -4.12 -0.15
CA PHE A 48 -7.92 -2.89 0.61
C PHE A 48 -8.32 -1.73 -0.30
N SER A 49 -9.23 -0.91 0.20
CA SER A 49 -9.74 0.25 -0.55
C SER A 49 -9.47 1.55 0.22
N VAL A 50 -9.53 2.68 -0.51
CA VAL A 50 -9.31 4.02 0.07
C VAL A 50 -10.40 4.40 1.09
N GLY A 51 -9.96 4.96 2.23
CA GLY A 51 -10.89 5.37 3.27
C GLY A 51 -10.86 4.48 4.50
N ASP A 52 -10.47 3.20 4.31
CA ASP A 52 -10.39 2.24 5.41
C ASP A 52 -8.98 2.18 5.99
N ARG A 53 -8.90 1.87 7.30
CA ARG A 53 -7.62 1.77 8.01
C ARG A 53 -6.98 0.40 7.81
N TYR A 54 -5.65 0.39 7.61
CA TYR A 54 -4.90 -0.85 7.40
C TYR A 54 -3.70 -0.94 8.34
N LEU A 55 -3.28 -2.18 8.63
CA LEU A 55 -2.13 -2.43 9.48
C LEU A 55 -1.00 -3.05 8.66
N LEU A 56 0.19 -2.46 8.76
CA LEU A 56 1.36 -2.96 8.04
C LEU A 56 2.15 -3.94 8.90
N ILE A 57 2.15 -5.21 8.48
CA ILE A 57 2.86 -6.27 9.19
C ILE A 57 4.30 -6.42 8.66
N ASN A 58 5.08 -7.32 9.29
CA ASN A 58 6.49 -7.58 8.94
C ASN A 58 6.73 -7.80 7.43
N SER A 59 5.75 -8.41 6.75
CA SER A 59 5.89 -8.68 5.32
C SER A 59 4.80 -8.00 4.47
N ASP A 60 3.52 -8.31 4.76
CA ASP A 60 2.40 -7.75 3.99
C ASP A 60 1.43 -6.95 4.88
N ILE A 61 0.22 -6.70 4.37
CA ILE A 61 -0.81 -5.94 5.10
C ILE A 61 -1.91 -6.90 5.59
N VAL A 62 -2.40 -6.64 6.81
CA VAL A 62 -3.47 -7.47 7.41
C VAL A 62 -4.69 -6.59 7.73
N CYS A 63 -5.86 -7.03 7.25
CA CYS A 63 -7.14 -6.33 7.46
C CYS A 63 -7.54 -6.32 8.94
N GLU A 64 -8.42 -5.37 9.30
CA GLU A 64 -8.95 -5.23 10.68
C GLU A 64 -9.73 -6.48 11.11
N GLN A 65 -10.21 -7.25 10.14
CA GLN A 65 -10.95 -8.49 10.39
C GLN A 65 -10.06 -9.57 11.03
N ASP A 66 -8.81 -9.67 10.52
CA ASP A 66 -7.84 -10.67 11.01
C ASP A 66 -6.67 -10.04 11.80
N ILE A 67 -6.74 -8.72 12.04
CA ILE A 67 -5.68 -7.98 12.77
C ILE A 67 -5.34 -8.58 14.15
N TYR A 68 -6.38 -8.73 15.00
CA TYR A 68 -6.21 -9.26 16.37
C TYR A 68 -5.59 -10.67 16.39
N GLU A 69 -6.20 -11.61 15.64
CA GLU A 69 -5.73 -13.00 15.59
C GLU A 69 -4.34 -13.14 14.95
N TRP A 70 -4.07 -12.37 13.89
CA TRP A 70 -2.78 -12.41 13.18
C TRP A 70 -1.63 -11.92 14.07
N THR A 71 -1.76 -10.70 14.63
CA THR A 71 -0.74 -10.09 15.50
C THR A 71 -0.52 -10.94 16.76
N LYS A 72 -1.57 -11.63 17.17
CA LYS A 72 -1.56 -12.50 18.36
C LYS A 72 -0.62 -13.71 18.21
N ILE A 73 -0.60 -14.29 17.00
CA ILE A 73 0.21 -15.48 16.72
C ILE A 73 1.68 -15.14 16.35
N ASN A 74 1.88 -14.17 15.45
CA ASN A 74 3.23 -13.81 15.00
C ASN A 74 3.83 -12.62 15.77
N GLY A 75 2.96 -11.71 16.24
CA GLY A 75 3.43 -10.55 16.99
C GLY A 75 3.49 -10.79 18.49
N GLY A 76 4.62 -10.41 19.08
CA GLY A 76 4.82 -10.59 20.52
C GLY A 76 6.29 -10.63 20.91
N SER A 77 7.03 -11.53 20.28
CA SER A 77 8.47 -11.69 20.55
C SER A 77 9.27 -11.64 19.26
N GLY A 78 10.37 -10.87 19.28
CA GLY A 78 11.22 -10.73 18.11
C GLY A 78 12.62 -10.26 18.47
N GLY A 79 13.19 -9.43 17.59
CA GLY A 79 14.53 -8.90 17.81
C GLY A 79 14.51 -7.47 18.34
N SER A 80 15.46 -7.17 19.25
CA SER A 80 15.62 -5.83 19.89
C SER A 80 14.49 -5.53 20.89
N GLY A 81 13.24 -5.69 20.45
CA GLY A 81 12.09 -5.43 21.30
C GLY A 81 10.94 -4.76 20.57
N GLY A 82 10.16 -3.97 21.30
CA GLY A 82 9.03 -3.26 20.71
C GLY A 82 8.62 -2.05 21.52
N SER A 83 8.04 -1.06 20.83
CA SER A 83 7.59 0.19 21.47
C SER A 83 6.11 0.45 21.20
N GLY A 84 5.68 0.21 19.95
CA GLY A 84 4.29 0.42 19.56
C GLY A 84 4.13 0.67 18.07
N GLY A 85 2.91 0.46 17.58
CA GLY A 85 2.62 0.66 16.17
C GLY A 85 1.33 1.43 15.94
N ASP A 86 1.37 2.40 15.02
CA ASP A 86 0.21 3.22 14.69
C ASP A 86 -0.47 2.72 13.41
N VAL A 87 -1.78 2.94 13.32
CA VAL A 87 -2.56 2.52 12.15
C VAL A 87 -2.78 3.71 11.22
N MET A 88 -2.53 3.49 9.92
CA MET A 88 -2.68 4.51 8.90
C MET A 88 -3.70 4.09 7.83
N VAL A 89 -4.27 5.09 7.14
CA VAL A 89 -5.26 4.85 6.09
C VAL A 89 -4.56 4.75 4.72
N VAL A 90 -5.19 3.99 3.79
CA VAL A 90 -4.63 3.80 2.43
C VAL A 90 -4.63 5.14 1.66
N GLY A 91 -3.41 5.67 1.43
CA GLY A 91 -3.24 6.93 0.72
C GLY A 91 -3.65 6.88 -0.75
N GLU A 92 -4.02 8.05 -1.29
CA GLU A 92 -4.43 8.18 -2.70
C GLU A 92 -3.24 7.90 -3.64
N PRO A 93 -3.43 7.15 -4.78
CA PRO A 93 -2.34 6.86 -5.73
C PRO A 93 -1.99 8.05 -6.62
N THR A 94 -0.71 8.13 -7.01
CA THR A 94 -0.23 9.21 -7.88
C THR A 94 0.34 8.66 -9.18
N LEU A 95 -0.16 9.22 -10.28
CA LEU A 95 0.27 8.86 -11.64
C LEU A 95 1.74 9.24 -11.90
N MET A 96 2.62 8.22 -11.99
CA MET A 96 4.07 8.37 -12.23
C MET A 96 4.72 9.53 -11.46
N GLY A 97 5.47 9.19 -10.41
CA GLY A 97 6.14 10.19 -9.59
C GLY A 97 5.67 10.19 -8.15
N GLY A 98 5.95 11.28 -7.44
CA GLY A 98 5.56 11.41 -6.04
C GLY A 98 4.33 12.28 -5.87
N GLU A 99 4.42 13.25 -4.95
CA GLU A 99 3.32 14.17 -4.67
C GLU A 99 3.50 15.49 -5.42
N PHE A 100 2.39 16.02 -5.94
CA PHE A 100 2.40 17.29 -6.68
C PHE A 100 1.98 18.46 -5.80
N GLY A 101 0.94 18.23 -4.98
CA GLY A 101 0.44 19.26 -4.08
C GLY A 101 0.75 18.96 -2.62
N ASP A 102 -0.32 18.87 -1.81
CA ASP A 102 -0.20 18.58 -0.38
C ASP A 102 -1.41 17.78 0.10
N GLU A 103 -1.23 16.46 0.16
CA GLU A 103 -2.29 15.54 0.60
C GLU A 103 -2.36 15.43 2.13
N ASP A 104 -1.29 15.83 2.82
CA ASP A 104 -1.22 15.79 4.28
C ASP A 104 -1.85 17.04 4.93
N GLU A 105 -1.98 18.12 4.14
CA GLU A 105 -2.57 19.37 4.62
C GLU A 105 -4.10 19.38 4.47
N ARG A 106 -4.58 18.83 3.35
CA ARG A 106 -6.02 18.75 3.07
C ARG A 106 -6.67 17.49 3.67
N LEU A 107 -5.90 16.76 4.47
CA LEU A 107 -6.38 15.52 5.12
C LEU A 107 -6.95 15.82 6.51
N ILE A 108 -6.24 16.69 7.27
CA ILE A 108 -6.61 17.11 8.65
C ILE A 108 -7.00 15.95 9.60
N THR A 109 -7.21 16.28 10.88
CA THR A 109 -7.57 15.28 11.89
C THR A 109 -9.00 15.49 12.37
N ARG A 110 -9.67 14.40 12.73
CA ARG A 110 -11.05 14.44 13.22
C ARG A 110 -11.09 14.23 14.73
N LEU A 111 -12.08 14.85 15.38
CA LEU A 111 -12.26 14.74 16.83
C LEU A 111 -13.35 13.74 17.17
N GLU A 112 -13.17 13.04 18.29
CA GLU A 112 -14.13 12.04 18.76
C GLU A 112 -14.81 12.48 20.06
N ASN A 113 -16.05 12.05 20.24
CA ASN A 113 -16.84 12.38 21.43
C ASN A 113 -16.80 11.25 22.46
N THR A 114 -16.79 11.62 23.73
CA THR A 114 -16.76 10.65 24.83
C THR A 114 -18.07 10.65 25.60
N GLN A 115 -18.45 9.47 26.11
CA GLN A 115 -19.68 9.30 26.88
C GLN A 115 -19.37 8.84 28.30
N PHE A 116 -20.17 9.33 29.26
CA PHE A 116 -20.01 8.98 30.67
C PHE A 116 -21.31 8.48 31.28
N ASP A 117 -21.19 7.60 32.28
CA ASP A 117 -22.34 6.99 33.00
C ASP A 117 -23.21 6.12 32.08
N ALA A 118 -23.40 4.86 32.48
CA ALA A 118 -24.21 3.92 31.69
C ALA A 118 -25.56 3.66 32.37
N ALA A 119 -25.53 3.53 33.70
CA ALA A 119 -26.74 3.27 34.49
C ALA A 119 -27.34 4.56 35.04
N ASN A 120 -26.46 5.50 35.47
CA ASN A 120 -26.85 6.81 36.04
C ASN A 120 -27.63 6.66 37.35
N GLY A 121 -27.15 7.34 38.40
CA GLY A 121 -27.78 7.29 39.70
C GLY A 121 -27.50 8.53 40.53
N ILE A 122 -28.33 8.74 41.56
CA ILE A 122 -28.19 9.89 42.45
C ILE A 122 -27.66 9.48 43.83
N ASP A 123 -28.14 8.33 44.34
CA ASP A 123 -27.72 7.81 45.65
C ASP A 123 -27.39 6.32 45.57
N ASP A 124 -28.24 5.57 44.85
CA ASP A 124 -28.05 4.13 44.69
C ASP A 124 -27.47 3.82 43.31
N GLU A 125 -26.38 3.01 43.30
CA GLU A 125 -25.68 2.60 42.06
C GLU A 125 -25.07 3.80 41.31
N TYR A 3 14.38 9.68 -17.91
CA TYR A 3 15.70 9.16 -18.36
C TYR A 3 16.54 8.69 -17.17
N LEU A 4 16.51 9.46 -16.07
CA LEU A 4 17.26 9.13 -14.86
C LEU A 4 16.34 9.00 -13.65
N ARG A 5 15.37 9.95 -13.55
CA ARG A 5 14.37 10.02 -12.44
C ARG A 5 14.96 9.71 -11.05
N LEU A 6 15.13 10.77 -10.25
CA LEU A 6 15.68 10.65 -8.89
C LEU A 6 14.57 10.59 -7.84
N PHE A 7 13.54 11.44 -8.02
CA PHE A 7 12.40 11.49 -7.10
C PHE A 7 11.19 10.80 -7.69
N GLY A 8 10.44 10.09 -6.84
CA GLY A 8 9.25 9.38 -7.28
C GLY A 8 9.50 7.90 -7.48
N GLN A 9 9.18 7.10 -6.43
CA GLN A 9 9.35 5.62 -6.44
C GLN A 9 10.81 5.20 -6.62
N ASP A 10 11.13 3.98 -6.18
CA ASP A 10 12.50 3.44 -6.27
C ASP A 10 12.70 2.66 -7.57
N GLY A 11 11.70 1.84 -7.95
CA GLY A 11 11.79 1.06 -9.17
C GLY A 11 11.30 -0.37 -9.00
N LEU A 12 11.58 -0.95 -7.83
CA LEU A 12 11.17 -2.32 -7.52
C LEU A 12 10.07 -2.34 -6.46
N CYS A 13 9.30 -3.44 -6.44
CA CYS A 13 8.20 -3.61 -5.48
C CYS A 13 8.70 -4.15 -4.15
N ALA A 14 8.07 -3.69 -3.08
CA ALA A 14 8.42 -4.09 -1.70
C ALA A 14 8.15 -5.57 -1.41
N SER A 15 7.05 -6.10 -1.97
CA SER A 15 6.68 -7.50 -1.74
C SER A 15 7.17 -8.42 -2.86
N CYS A 16 6.83 -8.09 -4.12
CA CYS A 16 7.24 -8.89 -5.27
C CYS A 16 8.44 -8.26 -5.99
N ASP A 17 9.12 -9.07 -6.82
CA ASP A 17 10.30 -8.62 -7.57
C ASP A 17 9.90 -8.12 -8.97
N LYS A 18 8.87 -7.25 -9.00
CA LYS A 18 8.36 -6.68 -10.25
C LYS A 18 8.62 -5.18 -10.31
N ARG A 19 9.14 -4.73 -11.46
CA ARG A 19 9.43 -3.31 -11.70
C ARG A 19 8.15 -2.47 -11.70
N ILE A 20 8.20 -1.30 -11.03
CA ILE A 20 7.05 -0.40 -10.93
C ILE A 20 6.99 0.52 -12.17
N ARG A 21 5.92 0.36 -12.95
CA ARG A 21 5.68 1.14 -14.16
C ARG A 21 4.66 2.26 -13.88
N ALA A 22 4.25 3.00 -14.94
CA ALA A 22 3.28 4.11 -14.82
C ALA A 22 1.86 3.61 -14.50
N TYR A 23 1.66 2.28 -14.50
CA TYR A 23 0.36 1.66 -14.22
C TYR A 23 0.18 1.42 -12.71
N GLU A 24 1.29 1.52 -11.95
CA GLU A 24 1.31 1.29 -10.48
C GLU A 24 0.13 1.92 -9.72
N MET A 25 -0.16 3.22 -9.99
CA MET A 25 -1.26 3.97 -9.30
C MET A 25 -1.28 3.64 -7.80
N THR A 26 -0.09 3.70 -7.20
CA THR A 26 0.11 3.38 -5.78
C THR A 26 0.31 4.63 -4.93
N MET A 27 0.29 4.43 -3.60
CA MET A 27 0.48 5.50 -2.63
C MET A 27 1.82 5.30 -1.91
N ARG A 28 2.43 6.41 -1.47
CA ARG A 28 3.71 6.38 -0.76
C ARG A 28 3.54 5.90 0.69
N VAL A 29 4.13 4.73 0.99
CA VAL A 29 4.06 4.13 2.32
C VAL A 29 5.22 4.65 3.20
N LYS A 30 5.29 4.17 4.47
CA LYS A 30 6.32 4.58 5.44
C LYS A 30 7.75 4.56 4.88
N ASP A 31 8.29 3.37 4.57
CA ASP A 31 9.64 3.26 4.04
C ASP A 31 9.68 2.61 2.65
N LYS A 32 8.89 1.55 2.47
CA LYS A 32 8.85 0.82 1.20
C LYS A 32 7.53 1.03 0.47
N VAL A 33 7.59 0.95 -0.87
CA VAL A 33 6.40 1.13 -1.72
C VAL A 33 5.94 -0.23 -2.24
N TYR A 34 4.62 -0.44 -2.24
CA TYR A 34 4.02 -1.70 -2.70
C TYR A 34 3.09 -1.48 -3.89
N HIS A 35 2.95 -2.51 -4.74
CA HIS A 35 2.06 -2.47 -5.92
C HIS A 35 0.59 -2.37 -5.49
N LEU A 36 -0.30 -1.99 -6.43
CA LEU A 36 -1.74 -1.90 -6.14
C LEU A 36 -2.31 -3.30 -5.82
N GLU A 37 -1.95 -4.28 -6.69
CA GLU A 37 -2.37 -5.67 -6.54
C GLU A 37 -1.73 -6.32 -5.29
N CYS A 38 -0.48 -5.90 -4.99
CA CYS A 38 0.27 -6.42 -3.85
C CYS A 38 -0.15 -5.76 -2.51
N PHE A 39 -1.12 -4.84 -2.59
CA PHE A 39 -1.65 -4.16 -1.40
C PHE A 39 -2.87 -4.92 -0.86
N LYS A 40 -2.66 -6.21 -0.58
CA LYS A 40 -3.71 -7.10 -0.09
C LYS A 40 -3.36 -7.70 1.29
N CYS A 41 -4.38 -8.27 1.95
CA CYS A 41 -4.25 -8.90 3.27
C CYS A 41 -3.37 -10.15 3.22
N ALA A 42 -2.64 -10.40 4.31
CA ALA A 42 -1.75 -11.56 4.41
C ALA A 42 -2.44 -12.77 5.05
N ALA A 43 -3.66 -12.56 5.58
CA ALA A 43 -4.42 -13.62 6.24
C ALA A 43 -5.56 -14.15 5.35
N CYS A 44 -6.38 -13.24 4.82
CA CYS A 44 -7.50 -13.63 3.96
C CYS A 44 -7.24 -13.28 2.48
N GLN A 45 -6.11 -12.60 2.22
CA GLN A 45 -5.69 -12.18 0.85
C GLN A 45 -6.65 -11.15 0.21
N LYS A 46 -7.56 -10.59 1.02
CA LYS A 46 -8.54 -9.60 0.55
C LYS A 46 -7.84 -8.30 0.12
N HIS A 47 -8.56 -7.47 -0.65
CA HIS A 47 -8.02 -6.20 -1.14
C HIS A 47 -8.52 -5.03 -0.30
N PHE A 48 -7.68 -4.00 -0.18
CA PHE A 48 -7.99 -2.81 0.59
C PHE A 48 -8.46 -1.68 -0.32
N SER A 49 -9.28 -0.79 0.24
CA SER A 49 -9.84 0.35 -0.50
C SER A 49 -9.43 1.69 0.13
N VAL A 50 -9.45 2.74 -0.69
CA VAL A 50 -9.10 4.10 -0.24
C VAL A 50 -10.09 4.65 0.79
N GLY A 51 -9.58 5.02 1.96
CA GLY A 51 -10.43 5.55 3.03
C GLY A 51 -10.62 4.60 4.19
N ASP A 52 -9.91 3.46 4.16
CA ASP A 52 -10.00 2.44 5.22
C ASP A 52 -8.69 2.34 6.01
N ARG A 53 -8.81 1.91 7.27
CA ARG A 53 -7.65 1.75 8.16
C ARG A 53 -6.98 0.39 7.97
N TYR A 54 -5.66 0.41 7.76
CA TYR A 54 -4.89 -0.82 7.56
C TYR A 54 -3.72 -0.91 8.53
N LEU A 55 -3.28 -2.15 8.79
CA LEU A 55 -2.16 -2.40 9.68
C LEU A 55 -0.99 -3.00 8.88
N LEU A 56 0.19 -2.39 9.05
CA LEU A 56 1.39 -2.85 8.36
C LEU A 56 2.18 -3.82 9.25
N ILE A 57 2.13 -5.11 8.89
CA ILE A 57 2.82 -6.16 9.65
C ILE A 57 4.25 -6.36 9.12
N ASN A 58 5.02 -7.24 9.79
CA ASN A 58 6.42 -7.54 9.45
C ASN A 58 6.66 -7.83 7.96
N SER A 59 5.67 -8.48 7.31
CA SER A 59 5.79 -8.83 5.89
C SER A 59 4.86 -7.97 5.01
N ASP A 60 3.54 -8.24 5.06
CA ASP A 60 2.57 -7.52 4.25
C ASP A 60 1.51 -6.80 5.11
N ILE A 61 0.40 -6.38 4.50
CA ILE A 61 -0.68 -5.68 5.20
C ILE A 61 -1.76 -6.67 5.64
N VAL A 62 -2.30 -6.46 6.84
CA VAL A 62 -3.35 -7.32 7.40
C VAL A 62 -4.61 -6.48 7.69
N CYS A 63 -5.76 -6.94 7.16
CA CYS A 63 -7.05 -6.27 7.35
C CYS A 63 -7.51 -6.29 8.81
N GLU A 64 -8.41 -5.35 9.16
CA GLU A 64 -8.98 -5.23 10.52
C GLU A 64 -9.76 -6.51 10.91
N GLN A 65 -10.20 -7.27 9.90
CA GLN A 65 -10.93 -8.53 10.12
C GLN A 65 -10.05 -9.61 10.77
N ASP A 66 -8.78 -9.68 10.32
CA ASP A 66 -7.81 -10.67 10.83
C ASP A 66 -6.69 -10.03 11.66
N ILE A 67 -6.80 -8.72 11.93
CA ILE A 67 -5.77 -7.97 12.70
C ILE A 67 -5.50 -8.58 14.10
N TYR A 68 -6.57 -8.74 14.89
CA TYR A 68 -6.48 -9.28 16.26
C TYR A 68 -5.86 -10.69 16.29
N GLU A 69 -6.41 -11.61 15.48
CA GLU A 69 -5.94 -12.99 15.43
C GLU A 69 -4.51 -13.11 14.90
N TRP A 70 -4.19 -12.37 13.82
CA TRP A 70 -2.86 -12.39 13.20
C TRP A 70 -1.77 -11.84 14.13
N THR A 71 -2.09 -10.73 14.81
CA THR A 71 -1.15 -10.07 15.75
C THR A 71 -0.88 -10.95 16.96
N LYS A 72 -1.88 -11.76 17.30
CA LYS A 72 -1.81 -12.69 18.44
C LYS A 72 -0.64 -13.67 18.31
N ILE A 73 -0.49 -14.25 17.10
CA ILE A 73 0.59 -15.22 16.82
C ILE A 73 1.89 -14.50 16.42
N ASN A 74 1.76 -13.54 15.50
CA ASN A 74 2.90 -12.75 14.99
C ASN A 74 3.37 -11.66 15.97
N GLY A 75 2.76 -11.63 17.17
CA GLY A 75 3.13 -10.65 18.17
C GLY A 75 3.23 -11.25 19.57
N GLY A 76 4.23 -12.12 19.74
CA GLY A 76 4.45 -12.77 21.02
C GLY A 76 5.01 -14.17 20.88
N SER A 77 5.82 -14.59 21.86
CA SER A 77 6.43 -15.91 21.86
C SER A 77 5.63 -16.91 22.71
N GLY A 78 5.16 -16.44 23.88
CA GLY A 78 4.39 -17.29 24.78
C GLY A 78 3.36 -16.51 25.57
N GLY A 79 2.18 -16.32 24.96
CA GLY A 79 1.11 -15.59 25.62
C GLY A 79 0.86 -14.23 25.00
N SER A 80 0.79 -13.19 25.84
CA SER A 80 0.56 -11.83 25.38
C SER A 80 1.86 -11.04 25.33
N GLY A 81 1.94 -10.09 24.39
CA GLY A 81 3.13 -9.27 24.24
C GLY A 81 2.97 -7.90 24.87
N GLY A 82 3.07 -6.85 24.04
CA GLY A 82 2.95 -5.49 24.53
C GLY A 82 2.38 -4.56 23.47
N SER A 83 3.26 -3.76 22.87
CA SER A 83 2.87 -2.79 21.83
C SER A 83 3.18 -3.34 20.44
N GLY A 84 2.32 -3.01 19.47
CA GLY A 84 2.50 -3.46 18.11
C GLY A 84 2.95 -2.35 17.18
N GLY A 85 2.02 -1.43 16.87
CA GLY A 85 2.32 -0.31 15.99
C GLY A 85 1.14 0.63 15.83
N ASP A 86 1.28 1.59 14.90
CA ASP A 86 0.23 2.57 14.63
C ASP A 86 -0.53 2.21 13.36
N VAL A 87 -1.84 2.52 13.36
CA VAL A 87 -2.71 2.23 12.22
C VAL A 87 -2.93 3.50 11.37
N MET A 88 -2.72 3.36 10.07
CA MET A 88 -2.89 4.48 9.13
C MET A 88 -3.96 4.14 8.07
N VAL A 89 -4.53 5.19 7.46
CA VAL A 89 -5.55 5.05 6.42
C VAL A 89 -4.90 5.01 5.04
N VAL A 90 -5.46 4.17 4.14
CA VAL A 90 -4.92 4.04 2.76
C VAL A 90 -5.10 5.34 1.97
N GLY A 91 -3.98 6.03 1.71
CA GLY A 91 -3.98 7.28 0.96
C GLY A 91 -4.37 7.10 -0.51
N GLU A 92 -4.70 8.21 -1.17
CA GLU A 92 -5.08 8.21 -2.60
C GLU A 92 -3.90 7.80 -3.51
N PRO A 93 -4.14 7.31 -4.77
CA PRO A 93 -3.06 6.91 -5.69
C PRO A 93 -2.43 8.11 -6.40
N THR A 94 -1.09 8.13 -6.46
CA THR A 94 -0.35 9.22 -7.11
C THR A 94 0.51 8.70 -8.26
N LEU A 95 0.11 9.08 -9.49
CA LEU A 95 0.83 8.69 -10.71
C LEU A 95 2.23 9.31 -10.77
N MET A 96 3.25 8.44 -10.97
CA MET A 96 4.68 8.84 -11.05
C MET A 96 5.09 9.92 -10.02
N GLY A 97 4.84 11.19 -10.34
CA GLY A 97 5.18 12.28 -9.43
C GLY A 97 4.27 13.48 -9.62
N GLY A 98 3.15 13.49 -8.90
CA GLY A 98 2.19 14.58 -8.98
C GLY A 98 1.51 14.85 -7.65
N GLU A 99 1.32 16.14 -7.33
CA GLU A 99 0.68 16.55 -6.08
C GLU A 99 -0.77 16.95 -6.32
N PHE A 100 -1.68 16.18 -5.73
CA PHE A 100 -3.12 16.42 -5.86
C PHE A 100 -3.78 16.40 -4.47
N GLY A 101 -3.76 17.56 -3.82
CA GLY A 101 -4.35 17.71 -2.49
C GLY A 101 -5.48 18.73 -2.45
N ASP A 102 -6.41 18.62 -3.41
CA ASP A 102 -7.55 19.53 -3.50
C ASP A 102 -8.87 18.76 -3.70
N GLU A 103 -8.77 17.43 -3.68
CA GLU A 103 -9.93 16.54 -3.87
C GLU A 103 -10.63 16.23 -2.53
N ASP A 104 -9.86 16.25 -1.43
CA ASP A 104 -10.38 15.95 -0.10
C ASP A 104 -10.99 17.20 0.57
N GLU A 105 -10.71 18.38 0.01
CA GLU A 105 -11.22 19.66 0.53
C GLU A 105 -12.66 19.94 0.06
N ARG A 106 -12.95 19.56 -1.19
CA ARG A 106 -14.29 19.77 -1.78
C ARG A 106 -15.19 18.55 -1.61
N LEU A 107 -14.61 17.43 -1.15
CA LEU A 107 -15.35 16.18 -0.94
C LEU A 107 -15.84 16.04 0.51
N ILE A 108 -15.28 16.87 1.41
CA ILE A 108 -15.66 16.83 2.84
C ILE A 108 -16.88 17.70 3.12
N THR A 109 -17.98 17.03 3.51
CA THR A 109 -19.25 17.71 3.82
C THR A 109 -19.97 17.00 4.96
N ARG A 110 -20.76 17.76 5.72
CA ARG A 110 -21.52 17.21 6.85
C ARG A 110 -23.02 17.18 6.53
N LEU A 111 -23.56 15.96 6.45
CA LEU A 111 -24.99 15.76 6.16
C LEU A 111 -25.58 14.68 7.06
N GLU A 112 -26.88 14.83 7.37
CA GLU A 112 -27.58 13.89 8.23
C GLU A 112 -28.54 13.01 7.41
N ASN A 113 -28.39 11.69 7.54
CA ASN A 113 -29.24 10.74 6.82
C ASN A 113 -29.78 9.67 7.76
N THR A 114 -31.10 9.47 7.72
CA THR A 114 -31.77 8.47 8.55
C THR A 114 -32.49 7.43 7.70
N GLN A 115 -32.53 6.20 8.21
CA GLN A 115 -33.17 5.08 7.51
C GLN A 115 -34.20 4.40 8.41
N PHE A 116 -35.44 4.32 7.93
CA PHE A 116 -36.54 3.70 8.67
C PHE A 116 -37.33 2.74 7.77
N ASP A 117 -37.97 1.74 8.40
CA ASP A 117 -38.76 0.76 7.68
C ASP A 117 -40.24 1.13 7.69
N ALA A 118 -40.86 1.11 6.51
CA ALA A 118 -42.29 1.43 6.37
C ALA A 118 -43.06 0.34 5.64
N ALA A 119 -42.40 -0.29 4.65
CA ALA A 119 -43.02 -1.37 3.87
C ALA A 119 -42.76 -2.75 4.49
N ASN A 120 -41.55 -2.94 5.03
CA ASN A 120 -41.17 -4.20 5.66
C ASN A 120 -41.40 -4.16 7.17
N GLY A 121 -42.10 -5.19 7.68
CA GLY A 121 -42.39 -5.28 9.11
C GLY A 121 -43.75 -5.89 9.38
N ILE A 122 -43.88 -7.17 9.04
CA ILE A 122 -45.14 -7.92 9.25
C ILE A 122 -44.93 -9.12 10.18
N ASP A 123 -45.99 -9.48 10.88
CA ASP A 123 -45.96 -10.62 11.82
C ASP A 123 -47.11 -11.59 11.54
N ASP A 124 -46.82 -12.89 11.69
CA ASP A 124 -47.81 -13.94 11.46
C ASP A 124 -48.38 -14.45 12.79
N GLU A 125 -49.71 -14.62 12.82
CA GLU A 125 -50.40 -15.10 14.01
C GLU A 125 -50.73 -16.58 13.89
N TYR A 3 11.06 19.31 -21.04
CA TYR A 3 11.50 18.02 -21.63
C TYR A 3 10.73 16.84 -21.02
N LEU A 4 10.52 16.89 -19.69
CA LEU A 4 9.80 15.83 -18.93
C LEU A 4 10.52 14.48 -18.98
N ARG A 5 10.60 13.81 -17.81
CA ARG A 5 11.25 12.51 -17.68
C ARG A 5 10.53 11.41 -18.47
N LEU A 6 11.30 10.45 -18.98
CA LEU A 6 10.75 9.33 -19.76
C LEU A 6 10.71 8.03 -18.95
N PHE A 7 11.35 8.06 -17.77
CA PHE A 7 11.39 6.88 -16.88
C PHE A 7 10.23 6.88 -15.89
N GLY A 8 9.87 5.68 -15.41
CA GLY A 8 8.77 5.54 -14.46
C GLY A 8 9.22 5.65 -13.01
N GLN A 9 9.38 4.50 -12.35
CA GLN A 9 9.79 4.45 -10.95
C GLN A 9 10.97 3.51 -10.75
N ASP A 10 11.93 3.96 -9.94
CA ASP A 10 13.13 3.19 -9.61
C ASP A 10 12.93 2.42 -8.30
N GLY A 11 11.82 2.71 -7.62
CA GLY A 11 11.48 2.07 -6.37
C GLY A 11 10.68 0.81 -6.56
N LEU A 12 11.39 -0.31 -6.70
CA LEU A 12 10.80 -1.66 -6.87
C LEU A 12 9.82 -1.99 -5.74
N CYS A 13 8.92 -2.96 -6.00
CA CYS A 13 7.90 -3.37 -5.02
C CYS A 13 8.49 -3.97 -3.76
N ALA A 14 7.98 -3.51 -2.61
CA ALA A 14 8.41 -3.97 -1.28
C ALA A 14 8.06 -5.44 -1.03
N SER A 15 6.93 -5.89 -1.59
CA SER A 15 6.46 -7.27 -1.42
C SER A 15 7.00 -8.19 -2.53
N CYS A 16 6.78 -7.79 -3.80
CA CYS A 16 7.26 -8.59 -4.94
C CYS A 16 8.51 -7.95 -5.54
N ASP A 17 9.34 -8.78 -6.18
CA ASP A 17 10.59 -8.32 -6.79
C ASP A 17 10.36 -7.93 -8.27
N LYS A 18 9.40 -7.01 -8.48
CA LYS A 18 9.06 -6.54 -9.82
C LYS A 18 9.27 -5.03 -9.91
N ARG A 19 9.87 -4.59 -11.03
CA ARG A 19 10.14 -3.18 -11.29
C ARG A 19 8.84 -2.37 -11.42
N ILE A 20 8.68 -1.34 -10.58
CA ILE A 20 7.51 -0.47 -10.60
C ILE A 20 7.63 0.55 -11.74
N ARG A 21 6.66 0.51 -12.67
CA ARG A 21 6.64 1.40 -13.84
C ARG A 21 5.34 2.24 -13.86
N ALA A 22 5.13 3.01 -14.95
CA ALA A 22 3.96 3.89 -15.13
C ALA A 22 2.61 3.13 -15.02
N TYR A 23 2.67 1.80 -14.93
CA TYR A 23 1.49 0.94 -14.79
C TYR A 23 0.92 0.98 -13.36
N GLU A 24 1.68 1.59 -12.44
CA GLU A 24 1.30 1.68 -11.04
C GLU A 24 0.30 2.80 -10.80
N MET A 25 -0.43 2.62 -9.72
CA MET A 25 -1.46 3.52 -9.25
C MET A 25 -1.61 3.30 -7.75
N THR A 26 -0.48 3.48 -7.05
CA THR A 26 -0.38 3.26 -5.61
C THR A 26 -0.13 4.57 -4.85
N MET A 27 -0.22 4.47 -3.51
CA MET A 27 0.02 5.61 -2.62
C MET A 27 1.38 5.47 -1.92
N ARG A 28 1.88 6.57 -1.33
CA ARG A 28 3.16 6.56 -0.64
C ARG A 28 3.00 6.15 0.84
N VAL A 29 3.68 5.06 1.21
CA VAL A 29 3.64 4.52 2.57
C VAL A 29 4.81 5.11 3.40
N LYS A 30 4.91 4.69 4.68
CA LYS A 30 5.96 5.17 5.61
C LYS A 30 7.37 5.17 5.01
N ASP A 31 7.92 3.99 4.72
CA ASP A 31 9.27 3.88 4.16
C ASP A 31 9.28 3.18 2.81
N LYS A 32 8.55 2.07 2.70
CA LYS A 32 8.49 1.28 1.47
C LYS A 32 7.14 1.42 0.77
N VAL A 33 7.16 1.25 -0.57
CA VAL A 33 5.95 1.34 -1.39
C VAL A 33 5.54 -0.06 -1.88
N TYR A 34 4.24 -0.26 -2.07
CA TYR A 34 3.69 -1.56 -2.51
C TYR A 34 2.76 -1.37 -3.71
N HIS A 35 2.72 -2.39 -4.59
CA HIS A 35 1.84 -2.37 -5.79
C HIS A 35 0.36 -2.40 -5.39
N LEU A 36 -0.52 -1.99 -6.32
CA LEU A 36 -1.97 -2.01 -6.09
C LEU A 36 -2.47 -3.45 -5.93
N GLU A 37 -2.02 -4.32 -6.85
CA GLU A 37 -2.37 -5.75 -6.84
C GLU A 37 -1.77 -6.48 -5.63
N CYS A 38 -0.59 -6.00 -5.19
CA CYS A 38 0.13 -6.57 -4.05
C CYS A 38 -0.35 -6.00 -2.71
N PHE A 39 -1.32 -5.07 -2.77
CA PHE A 39 -1.89 -4.44 -1.58
C PHE A 39 -3.11 -5.24 -1.08
N LYS A 40 -2.86 -6.51 -0.74
CA LYS A 40 -3.91 -7.42 -0.26
C LYS A 40 -3.60 -7.95 1.15
N CYS A 41 -4.63 -8.49 1.82
CA CYS A 41 -4.52 -9.05 3.18
C CYS A 41 -3.62 -10.29 3.21
N ALA A 42 -2.91 -10.47 4.32
CA ALA A 42 -2.03 -11.63 4.51
C ALA A 42 -2.78 -12.80 5.15
N ALA A 43 -4.04 -12.55 5.54
CA ALA A 43 -4.90 -13.55 6.17
C ALA A 43 -6.08 -13.92 5.27
N CYS A 44 -6.68 -12.91 4.63
CA CYS A 44 -7.83 -13.11 3.74
C CYS A 44 -7.44 -12.98 2.27
N GLN A 45 -6.29 -12.33 2.00
CA GLN A 45 -5.78 -12.09 0.63
C GLN A 45 -6.64 -11.07 -0.14
N LYS A 46 -7.69 -10.55 0.52
CA LYS A 46 -8.61 -9.57 -0.06
C LYS A 46 -7.90 -8.23 -0.34
N HIS A 47 -8.55 -7.38 -1.14
CA HIS A 47 -7.99 -6.07 -1.49
C HIS A 47 -8.50 -4.99 -0.54
N PHE A 48 -7.68 -3.94 -0.36
CA PHE A 48 -8.01 -2.83 0.53
C PHE A 48 -8.58 -1.65 -0.25
N SER A 49 -9.43 -0.88 0.41
CA SER A 49 -10.08 0.29 -0.19
C SER A 49 -9.74 1.57 0.59
N VAL A 50 -9.83 2.72 -0.10
CA VAL A 50 -9.54 4.03 0.50
C VAL A 50 -10.56 4.39 1.61
N GLY A 51 -10.04 4.91 2.72
CA GLY A 51 -10.89 5.30 3.84
C GLY A 51 -10.77 4.37 5.04
N ASP A 52 -10.42 3.10 4.79
CA ASP A 52 -10.28 2.10 5.84
C ASP A 52 -8.83 2.04 6.35
N ARG A 53 -8.67 1.68 7.63
CA ARG A 53 -7.35 1.57 8.27
C ARG A 53 -6.73 0.20 8.01
N TYR A 54 -5.42 0.18 7.78
CA TYR A 54 -4.68 -1.05 7.52
C TYR A 54 -3.47 -1.19 8.44
N LEU A 55 -3.04 -2.43 8.65
CA LEU A 55 -1.86 -2.72 9.48
C LEU A 55 -0.75 -3.30 8.61
N LEU A 56 0.45 -2.74 8.76
CA LEU A 56 1.62 -3.20 8.00
C LEU A 56 2.41 -4.23 8.81
N ILE A 57 2.31 -5.49 8.41
CA ILE A 57 3.01 -6.59 9.09
C ILE A 57 4.44 -6.78 8.51
N ASN A 58 5.20 -7.69 9.13
CA ASN A 58 6.59 -8.00 8.74
C ASN A 58 6.79 -8.21 7.22
N SER A 59 5.78 -8.79 6.56
CA SER A 59 5.87 -9.07 5.11
C SER A 59 4.78 -8.36 4.31
N ASP A 60 3.51 -8.62 4.65
CA ASP A 60 2.37 -8.04 3.92
C ASP A 60 1.47 -7.19 4.84
N ILE A 61 0.26 -6.87 4.35
CA ILE A 61 -0.71 -6.06 5.10
C ILE A 61 -1.88 -6.96 5.55
N VAL A 62 -2.39 -6.68 6.76
CA VAL A 62 -3.52 -7.44 7.33
C VAL A 62 -4.69 -6.52 7.61
N CYS A 63 -5.87 -6.89 7.08
CA CYS A 63 -7.12 -6.11 7.26
C CYS A 63 -7.57 -6.09 8.72
N GLU A 64 -8.39 -5.08 9.06
CA GLU A 64 -8.94 -4.89 10.41
C GLU A 64 -9.76 -6.09 10.92
N GLN A 65 -10.19 -6.96 9.99
CA GLN A 65 -10.99 -8.15 10.34
C GLN A 65 -10.19 -9.16 11.20
N ASP A 66 -8.99 -9.53 10.72
CA ASP A 66 -8.13 -10.51 11.43
C ASP A 66 -6.87 -9.84 12.00
N ILE A 67 -6.87 -8.50 12.08
CA ILE A 67 -5.73 -7.72 12.61
C ILE A 67 -5.32 -8.15 14.04
N TYR A 68 -6.32 -8.27 14.93
CA TYR A 68 -6.10 -8.67 16.32
C TYR A 68 -5.57 -10.11 16.44
N GLU A 69 -6.25 -11.06 15.77
CA GLU A 69 -5.87 -12.48 15.79
C GLU A 69 -4.51 -12.73 15.13
N TRP A 70 -4.26 -12.09 13.97
CA TRP A 70 -3.00 -12.26 13.23
C TRP A 70 -1.79 -11.74 14.04
N THR A 71 -1.96 -10.59 14.69
CA THR A 71 -0.91 -9.96 15.50
C THR A 71 -0.59 -10.80 16.74
N LYS A 72 -1.60 -11.52 17.21
CA LYS A 72 -1.50 -12.39 18.39
C LYS A 72 -0.43 -13.47 18.20
N ILE A 73 -0.43 -14.12 17.03
CA ILE A 73 0.54 -15.18 16.70
C ILE A 73 1.84 -14.59 16.15
N ASN A 74 1.70 -13.67 15.19
CA ASN A 74 2.84 -13.01 14.54
C ASN A 74 3.49 -11.90 15.40
N GLY A 75 3.00 -11.77 16.65
CA GLY A 75 3.52 -10.76 17.55
C GLY A 75 3.50 -11.20 19.00
N GLY A 76 3.39 -10.24 19.92
CA GLY A 76 3.35 -10.53 21.33
C GLY A 76 3.86 -9.38 22.18
N SER A 77 4.64 -9.70 23.21
CA SER A 77 5.19 -8.70 24.12
C SER A 77 6.65 -8.40 23.77
N GLY A 78 7.07 -7.16 24.03
CA GLY A 78 8.43 -6.74 23.75
C GLY A 78 9.30 -6.73 24.99
N GLY A 79 9.65 -5.53 25.47
CA GLY A 79 10.48 -5.38 26.65
C GLY A 79 10.07 -4.20 27.51
N SER A 80 11.06 -3.56 28.13
CA SER A 80 10.81 -2.41 29.00
C SER A 80 11.13 -1.11 28.26
N GLY A 81 10.29 -0.08 28.49
CA GLY A 81 10.47 1.21 27.86
C GLY A 81 9.16 1.86 27.49
N GLY A 82 8.38 1.20 26.63
CA GLY A 82 7.09 1.71 26.19
C GLY A 82 6.72 1.26 24.80
N SER A 83 5.64 0.47 24.71
CA SER A 83 5.15 -0.05 23.43
C SER A 83 3.97 0.76 22.93
N GLY A 84 4.02 1.15 21.65
CA GLY A 84 2.96 1.93 21.05
C GLY A 84 2.94 1.82 19.53
N GLY A 85 1.93 1.14 19.00
CA GLY A 85 1.80 0.97 17.56
C GLY A 85 0.72 1.85 16.96
N ASP A 86 1.10 2.62 15.93
CA ASP A 86 0.18 3.52 15.24
C ASP A 86 -0.31 2.92 13.94
N VAL A 87 -1.59 3.15 13.64
CA VAL A 87 -2.21 2.63 12.41
C VAL A 87 -2.36 3.76 11.38
N MET A 88 -2.16 3.41 10.11
CA MET A 88 -2.26 4.38 9.00
C MET A 88 -3.35 3.97 8.02
N VAL A 89 -3.97 4.97 7.40
CA VAL A 89 -5.04 4.76 6.41
C VAL A 89 -4.46 4.72 4.99
N VAL A 90 -5.14 3.98 4.09
CA VAL A 90 -4.72 3.85 2.69
C VAL A 90 -4.81 5.21 1.97
N GLY A 91 -3.64 5.77 1.64
CA GLY A 91 -3.55 7.07 0.96
C GLY A 91 -4.11 7.06 -0.45
N GLU A 92 -4.57 8.24 -0.90
CA GLU A 92 -5.13 8.41 -2.25
C GLU A 92 -4.06 8.19 -3.35
N PRO A 93 -4.18 7.11 -4.19
CA PRO A 93 -3.20 6.84 -5.26
C PRO A 93 -3.15 7.94 -6.33
N THR A 94 -2.02 8.01 -7.05
CA THR A 94 -1.83 9.01 -8.11
C THR A 94 -1.91 8.37 -9.48
N LEU A 95 -2.93 8.76 -10.25
CA LEU A 95 -3.16 8.25 -11.62
C LEU A 95 -2.05 8.69 -12.58
N MET A 96 -1.79 7.85 -13.60
CA MET A 96 -0.75 8.11 -14.61
C MET A 96 -1.09 9.35 -15.46
N GLY A 97 -2.36 9.44 -15.90
CA GLY A 97 -2.81 10.56 -16.72
C GLY A 97 -2.83 10.22 -18.19
N GLY A 98 -4.02 9.92 -18.71
CA GLY A 98 -4.17 9.58 -20.12
C GLY A 98 -5.41 8.75 -20.39
N GLU A 99 -5.32 7.45 -20.14
CA GLU A 99 -6.42 6.51 -20.35
C GLU A 99 -7.13 6.20 -19.03
N PHE A 100 -8.44 5.96 -19.11
CA PHE A 100 -9.26 5.64 -17.94
C PHE A 100 -9.51 4.13 -17.84
N GLY A 101 -9.83 3.51 -18.98
CA GLY A 101 -10.08 2.07 -19.02
C GLY A 101 -8.89 1.27 -19.52
N ASP A 102 -9.10 -0.03 -19.70
CA ASP A 102 -8.05 -0.94 -20.19
C ASP A 102 -8.61 -1.88 -21.26
N GLU A 103 -8.59 -1.41 -22.51
CA GLU A 103 -9.07 -2.18 -23.66
C GLU A 103 -7.98 -3.06 -24.27
N ASP A 104 -6.72 -2.59 -24.18
CA ASP A 104 -5.56 -3.31 -24.73
C ASP A 104 -5.02 -4.38 -23.76
N GLU A 105 -5.42 -4.27 -22.49
CA GLU A 105 -4.97 -5.21 -21.44
C GLU A 105 -5.86 -6.48 -21.41
N ARG A 106 -6.90 -6.50 -22.25
CA ARG A 106 -7.82 -7.65 -22.33
C ARG A 106 -7.33 -8.71 -23.32
N LEU A 107 -6.37 -8.33 -24.17
CA LEU A 107 -5.80 -9.23 -25.18
C LEU A 107 -4.53 -9.91 -24.64
N ILE A 108 -3.78 -9.18 -23.79
CA ILE A 108 -2.51 -9.65 -23.16
C ILE A 108 -1.55 -10.37 -24.13
N THR A 109 -0.45 -9.68 -24.46
CA THR A 109 0.56 -10.23 -25.37
C THR A 109 1.84 -10.56 -24.61
N ARG A 110 2.60 -11.52 -25.14
CA ARG A 110 3.86 -11.95 -24.51
C ARG A 110 5.07 -11.29 -25.17
N LEU A 111 5.11 -11.33 -26.53
CA LEU A 111 6.21 -10.74 -27.34
C LEU A 111 7.56 -11.42 -27.07
N GLU A 112 8.41 -11.47 -28.11
CA GLU A 112 9.73 -12.09 -28.01
C GLU A 112 10.81 -11.03 -27.82
N ASN A 113 11.44 -11.05 -26.64
CA ASN A 113 12.50 -10.10 -26.31
C ASN A 113 13.65 -10.80 -25.59
N THR A 114 14.87 -10.26 -25.76
CA THR A 114 16.07 -10.82 -25.14
C THR A 114 16.47 -10.03 -23.91
N GLN A 115 16.86 -10.74 -22.85
CA GLN A 115 17.27 -10.12 -21.60
C GLN A 115 18.62 -10.66 -21.13
N PHE A 116 19.51 -9.73 -20.74
CA PHE A 116 20.85 -10.10 -20.27
C PHE A 116 21.17 -9.40 -18.95
N ASP A 117 21.96 -10.06 -18.11
CA ASP A 117 22.35 -9.53 -16.80
C ASP A 117 23.76 -8.95 -16.85
N ALA A 118 23.91 -7.75 -16.27
CA ALA A 118 25.20 -7.07 -16.24
C ALA A 118 25.81 -7.10 -14.84
N ALA A 119 27.14 -7.14 -14.78
CA ALA A 119 27.88 -7.18 -13.51
C ALA A 119 28.37 -5.79 -13.11
N ASN A 120 28.90 -5.04 -14.09
CA ASN A 120 29.42 -3.70 -13.85
C ASN A 120 28.66 -2.66 -14.67
N GLY A 121 28.36 -1.53 -14.05
CA GLY A 121 27.63 -0.46 -14.72
C GLY A 121 26.65 0.25 -13.81
N ILE A 122 27.14 1.25 -13.08
CA ILE A 122 26.31 2.02 -12.16
C ILE A 122 26.09 3.46 -12.66
N ASP A 123 24.86 3.96 -12.46
CA ASP A 123 24.50 5.32 -12.89
C ASP A 123 24.29 6.23 -11.69
N ASP A 124 24.83 7.43 -11.77
CA ASP A 124 24.72 8.43 -10.70
C ASP A 124 24.21 9.76 -11.23
N GLU A 125 23.21 10.32 -10.56
CA GLU A 125 22.61 11.60 -10.96
C GLU A 125 23.16 12.75 -10.12
N TYR A 3 15.55 15.52 -25.31
CA TYR A 3 15.17 14.99 -26.64
C TYR A 3 14.59 13.58 -26.53
N LEU A 4 13.59 13.29 -27.39
CA LEU A 4 12.90 11.98 -27.43
C LEU A 4 12.18 11.66 -26.12
N ARG A 5 10.86 11.39 -26.22
CA ARG A 5 10.02 11.07 -25.06
C ARG A 5 10.41 9.74 -24.41
N LEU A 6 10.51 9.75 -23.07
CA LEU A 6 10.89 8.56 -22.31
C LEU A 6 9.89 8.31 -21.17
N PHE A 7 9.64 7.03 -20.89
CA PHE A 7 8.71 6.64 -19.82
C PHE A 7 9.32 5.56 -18.94
N GLY A 8 8.89 5.56 -17.67
CA GLY A 8 9.39 4.57 -16.70
C GLY A 8 9.41 5.12 -15.28
N GLN A 9 9.13 4.25 -14.31
CA GLN A 9 9.10 4.65 -12.90
C GLN A 9 10.39 4.27 -12.19
N ASP A 10 10.73 5.05 -11.17
CA ASP A 10 11.94 4.83 -10.36
C ASP A 10 11.59 4.26 -9.00
N GLY A 11 10.29 4.25 -8.66
CA GLY A 11 9.82 3.74 -7.39
C GLY A 11 9.45 2.28 -7.46
N LEU A 12 10.45 1.42 -7.24
CA LEU A 12 10.27 -0.04 -7.25
C LEU A 12 9.53 -0.54 -6.00
N CYS A 13 8.93 -1.74 -6.11
CA CYS A 13 8.17 -2.35 -5.01
C CYS A 13 9.08 -2.98 -3.96
N ALA A 14 9.02 -2.43 -2.75
CA ALA A 14 9.83 -2.89 -1.60
C ALA A 14 9.47 -4.31 -1.12
N SER A 15 8.31 -4.83 -1.52
CA SER A 15 7.87 -6.16 -1.09
C SER A 15 8.24 -7.28 -2.09
N CYS A 16 7.85 -7.12 -3.36
CA CYS A 16 8.14 -8.12 -4.38
C CYS A 16 9.41 -7.80 -5.19
N ASP A 17 10.05 -6.65 -4.88
CA ASP A 17 11.29 -6.18 -5.54
C ASP A 17 11.12 -6.08 -7.08
N LYS A 18 9.91 -5.67 -7.50
CA LYS A 18 9.59 -5.51 -8.92
C LYS A 18 9.26 -4.05 -9.23
N ARG A 19 9.52 -3.65 -10.48
CA ARG A 19 9.27 -2.28 -10.95
C ARG A 19 7.79 -1.92 -10.94
N ILE A 20 7.46 -0.75 -10.37
CA ILE A 20 6.10 -0.25 -10.28
C ILE A 20 5.69 0.41 -11.62
N ARG A 21 4.56 -0.04 -12.18
CA ARG A 21 4.06 0.46 -13.46
C ARG A 21 2.77 1.30 -13.28
N ALA A 22 2.20 1.76 -14.41
CA ALA A 22 0.99 2.59 -14.43
C ALA A 22 -0.28 1.78 -14.09
N TYR A 23 -0.33 0.54 -14.59
CA TYR A 23 -1.48 -0.37 -14.36
C TYR A 23 -1.60 -0.75 -12.87
N GLU A 24 -0.45 -0.83 -12.20
CA GLU A 24 -0.38 -1.24 -10.79
C GLU A 24 -0.94 -0.18 -9.83
N MET A 25 -1.06 1.08 -10.30
CA MET A 25 -1.59 2.22 -9.50
C MET A 25 -1.17 2.12 -8.03
N THR A 26 -0.12 2.85 -7.69
CA THR A 26 0.43 2.83 -6.34
C THR A 26 0.07 4.07 -5.55
N MET A 27 -0.03 3.88 -4.23
CA MET A 27 -0.38 4.96 -3.31
C MET A 27 0.87 5.49 -2.62
N ARG A 28 0.79 6.72 -2.09
CA ARG A 28 1.93 7.33 -1.40
C ARG A 28 1.96 6.86 0.06
N VAL A 29 2.95 6.02 0.36
CA VAL A 29 3.13 5.48 1.72
C VAL A 29 4.23 6.27 2.44
N LYS A 30 4.38 6.00 3.76
CA LYS A 30 5.38 6.67 4.60
C LYS A 30 6.81 6.60 4.05
N ASP A 31 7.37 5.39 3.94
CA ASP A 31 8.74 5.22 3.43
C ASP A 31 8.81 4.36 2.17
N LYS A 32 8.05 3.26 2.15
CA LYS A 32 8.07 2.32 1.01
C LYS A 32 6.73 2.26 0.30
N VAL A 33 6.79 2.21 -1.04
CA VAL A 33 5.59 2.12 -1.89
C VAL A 33 5.40 0.67 -2.34
N TYR A 34 4.14 0.23 -2.50
CA TYR A 34 3.84 -1.15 -2.89
C TYR A 34 2.79 -1.23 -4.00
N HIS A 35 2.88 -2.32 -4.80
CA HIS A 35 1.94 -2.58 -5.91
C HIS A 35 0.53 -2.87 -5.39
N LEU A 36 -0.50 -2.79 -6.28
CA LEU A 36 -1.90 -3.06 -5.87
C LEU A 36 -2.07 -4.54 -5.49
N GLU A 37 -1.56 -5.44 -6.35
CA GLU A 37 -1.61 -6.89 -6.11
C GLU A 37 -0.78 -7.30 -4.89
N CYS A 38 0.21 -6.46 -4.54
CA CYS A 38 1.10 -6.70 -3.39
C CYS A 38 0.54 -6.06 -2.11
N PHE A 39 -0.56 -5.30 -2.26
CA PHE A 39 -1.21 -4.63 -1.13
C PHE A 39 -2.51 -5.37 -0.75
N LYS A 40 -2.37 -6.68 -0.47
CA LYS A 40 -3.50 -7.54 -0.10
C LYS A 40 -3.31 -8.16 1.29
N CYS A 41 -4.42 -8.59 1.91
CA CYS A 41 -4.42 -9.23 3.23
C CYS A 41 -3.71 -10.59 3.20
N ALA A 42 -3.06 -10.92 4.33
CA ALA A 42 -2.34 -12.20 4.46
C ALA A 42 -3.21 -13.28 5.11
N ALA A 43 -4.40 -12.90 5.58
CA ALA A 43 -5.32 -13.84 6.23
C ALA A 43 -6.49 -14.23 5.32
N CYS A 44 -7.17 -13.23 4.74
CA CYS A 44 -8.31 -13.47 3.86
C CYS A 44 -7.98 -13.14 2.39
N GLN A 45 -6.76 -12.60 2.16
CA GLN A 45 -6.25 -12.23 0.81
C GLN A 45 -7.05 -11.09 0.16
N LYS A 46 -7.93 -10.44 0.95
CA LYS A 46 -8.77 -9.32 0.47
C LYS A 46 -7.91 -8.10 0.10
N HIS A 47 -8.49 -7.18 -0.67
CA HIS A 47 -7.80 -5.97 -1.10
C HIS A 47 -8.14 -4.79 -0.19
N PHE A 48 -7.21 -3.84 -0.10
CA PHE A 48 -7.40 -2.65 0.73
C PHE A 48 -7.82 -1.45 -0.09
N SER A 49 -8.65 -0.61 0.51
CA SER A 49 -9.18 0.60 -0.14
C SER A 49 -8.80 1.85 0.64
N VAL A 50 -8.92 3.02 -0.03
CA VAL A 50 -8.60 4.33 0.58
C VAL A 50 -9.57 4.69 1.71
N GLY A 51 -9.05 5.36 2.74
CA GLY A 51 -9.86 5.79 3.87
C GLY A 51 -9.73 4.88 5.09
N ASP A 52 -9.49 3.58 4.85
CA ASP A 52 -9.35 2.60 5.93
C ASP A 52 -7.88 2.43 6.34
N ARG A 53 -7.67 2.10 7.61
CA ARG A 53 -6.32 1.89 8.16
C ARG A 53 -5.87 0.45 7.98
N TYR A 54 -4.57 0.26 7.73
CA TYR A 54 -4.00 -1.07 7.53
C TYR A 54 -2.82 -1.32 8.48
N LEU A 55 -2.58 -2.60 8.76
CA LEU A 55 -1.50 -3.02 9.64
C LEU A 55 -0.43 -3.75 8.82
N LEU A 56 0.83 -3.33 8.99
CA LEU A 56 1.95 -3.95 8.28
C LEU A 56 2.61 -5.02 9.14
N ILE A 57 2.45 -6.28 8.71
CA ILE A 57 3.02 -7.42 9.42
C ILE A 57 4.46 -7.72 8.94
N ASN A 58 5.12 -8.69 9.58
CA ASN A 58 6.51 -9.09 9.27
C ASN A 58 6.77 -9.30 7.78
N SER A 59 5.77 -9.81 7.04
CA SER A 59 5.93 -10.06 5.61
C SER A 59 4.94 -9.27 4.75
N ASP A 60 3.62 -9.43 5.01
CA ASP A 60 2.58 -8.75 4.23
C ASP A 60 1.70 -7.85 5.11
N ILE A 61 0.53 -7.45 4.58
CA ILE A 61 -0.43 -6.59 5.29
C ILE A 61 -1.67 -7.40 5.68
N VAL A 62 -2.23 -7.10 6.86
CA VAL A 62 -3.44 -7.79 7.36
C VAL A 62 -4.55 -6.77 7.59
N CYS A 63 -5.74 -7.07 7.05
CA CYS A 63 -6.94 -6.21 7.19
C CYS A 63 -7.43 -6.11 8.64
N GLU A 64 -8.17 -5.04 8.94
CA GLU A 64 -8.74 -4.80 10.28
C GLU A 64 -9.68 -5.94 10.70
N GLN A 65 -10.22 -6.67 9.71
CA GLN A 65 -11.12 -7.81 9.96
C GLN A 65 -10.37 -8.98 10.63
N ASP A 66 -9.13 -9.22 10.19
CA ASP A 66 -8.31 -10.32 10.72
C ASP A 66 -7.11 -9.81 11.56
N ILE A 67 -7.03 -8.49 11.78
CA ILE A 67 -5.92 -7.87 12.54
C ILE A 67 -5.74 -8.47 13.96
N TYR A 68 -6.83 -8.49 14.74
CA TYR A 68 -6.81 -9.00 16.12
C TYR A 68 -6.39 -10.48 16.20
N GLU A 69 -7.08 -11.35 15.42
CA GLU A 69 -6.81 -12.79 15.41
C GLU A 69 -5.41 -13.13 14.85
N TRP A 70 -4.99 -12.43 13.79
CA TRP A 70 -3.67 -12.66 13.17
C TRP A 70 -2.52 -12.28 14.12
N THR A 71 -2.59 -11.07 14.69
CA THR A 71 -1.56 -10.59 15.63
C THR A 71 -1.52 -11.45 16.90
N LYS A 72 -2.68 -12.03 17.22
CA LYS A 72 -2.85 -12.90 18.40
C LYS A 72 -2.04 -14.20 18.26
N ILE A 73 -2.07 -14.79 17.05
CA ILE A 73 -1.37 -16.06 16.76
C ILE A 73 0.10 -15.81 16.39
N ASN A 74 0.34 -14.84 15.48
CA ASN A 74 1.70 -14.53 15.01
C ASN A 74 2.50 -13.69 16.02
N GLY A 75 1.81 -12.88 16.82
CA GLY A 75 2.46 -12.06 17.82
C GLY A 75 2.20 -12.52 19.23
N GLY A 76 2.98 -11.99 20.18
CA GLY A 76 2.84 -12.35 21.58
C GLY A 76 2.07 -11.30 22.38
N SER A 77 2.68 -10.84 23.47
CA SER A 77 2.06 -9.83 24.34
C SER A 77 3.01 -8.64 24.56
N GLY A 78 4.28 -8.94 24.81
CA GLY A 78 5.29 -7.91 25.04
C GLY A 78 5.56 -7.69 26.52
N GLY A 79 6.84 -7.81 26.90
CA GLY A 79 7.24 -7.61 28.28
C GLY A 79 8.69 -7.22 28.42
N SER A 80 8.94 -6.10 29.13
CA SER A 80 10.30 -5.56 29.38
C SER A 80 11.00 -5.15 28.07
N GLY A 81 11.46 -3.89 28.04
CA GLY A 81 12.14 -3.37 26.87
C GLY A 81 11.40 -2.21 26.23
N GLY A 82 10.78 -2.47 25.07
CA GLY A 82 10.04 -1.44 24.36
C GLY A 82 8.86 -2.01 23.60
N SER A 83 7.65 -1.55 23.96
CA SER A 83 6.42 -2.00 23.31
C SER A 83 5.58 -0.81 22.82
N GLY A 84 5.15 -0.89 21.56
CA GLY A 84 4.36 0.19 20.98
C GLY A 84 3.62 -0.26 19.73
N GLY A 85 2.44 0.32 19.50
CA GLY A 85 1.63 -0.01 18.34
C GLY A 85 1.54 1.13 17.35
N ASP A 86 1.83 0.82 16.08
CA ASP A 86 1.77 1.82 15.00
C ASP A 86 0.91 1.33 13.85
N VAL A 87 0.07 2.23 13.32
CA VAL A 87 -0.83 1.90 12.21
C VAL A 87 -0.62 2.89 11.06
N MET A 88 -0.82 2.41 9.83
CA MET A 88 -0.65 3.23 8.62
C MET A 88 -1.96 3.30 7.84
N VAL A 89 -2.24 4.47 7.25
CA VAL A 89 -3.45 4.69 6.47
C VAL A 89 -3.14 4.58 4.97
N VAL A 90 -4.01 3.89 4.23
CA VAL A 90 -3.85 3.71 2.77
C VAL A 90 -3.97 5.05 2.02
N GLY A 91 -2.82 5.51 1.49
CA GLY A 91 -2.77 6.77 0.74
C GLY A 91 -3.54 6.75 -0.57
N GLU A 92 -3.83 7.94 -1.12
CA GLU A 92 -4.54 8.09 -2.39
C GLU A 92 -3.70 7.57 -3.60
N PRO A 93 -4.26 6.69 -4.49
CA PRO A 93 -3.54 6.17 -5.66
C PRO A 93 -3.36 7.22 -6.76
N THR A 94 -2.19 7.21 -7.41
CA THR A 94 -1.90 8.18 -8.48
C THR A 94 -1.58 7.47 -9.79
N LEU A 95 -2.49 7.62 -10.77
CA LEU A 95 -2.34 7.02 -12.10
C LEU A 95 -1.15 7.62 -12.86
N MET A 96 -0.16 6.76 -13.15
CA MET A 96 1.05 7.15 -13.87
C MET A 96 0.76 7.56 -15.32
N GLY A 97 -0.06 6.75 -16.01
CA GLY A 97 -0.42 7.02 -17.39
C GLY A 97 -0.66 5.75 -18.18
N GLY A 98 0.36 5.29 -18.89
CA GLY A 98 0.27 4.08 -19.69
C GLY A 98 0.87 4.24 -21.07
N GLU A 99 2.05 3.62 -21.27
CA GLU A 99 2.75 3.68 -22.55
C GLU A 99 3.25 2.29 -22.97
N PHE A 100 3.42 2.11 -24.28
CA PHE A 100 3.88 0.83 -24.84
C PHE A 100 5.40 0.81 -25.03
N GLY A 101 6.08 1.90 -24.61
CA GLY A 101 7.53 1.99 -24.73
C GLY A 101 8.27 1.45 -23.53
N ASP A 102 8.94 0.31 -23.72
CA ASP A 102 9.70 -0.35 -22.66
C ASP A 102 11.14 -0.69 -23.11
N GLU A 103 11.56 -0.08 -24.24
CA GLU A 103 12.90 -0.29 -24.80
C GLU A 103 13.93 0.67 -24.21
N ASP A 104 13.45 1.77 -23.62
CA ASP A 104 14.31 2.79 -23.01
C ASP A 104 14.72 2.43 -21.58
N GLU A 105 13.96 1.52 -20.95
CA GLU A 105 14.21 1.09 -19.57
C GLU A 105 15.23 -0.07 -19.51
N ARG A 106 15.34 -0.82 -20.62
CA ARG A 106 16.27 -1.95 -20.72
C ARG A 106 17.62 -1.52 -21.33
N LEU A 107 17.65 -0.33 -21.92
CA LEU A 107 18.86 0.21 -22.56
C LEU A 107 19.66 1.09 -21.58
N ILE A 108 19.05 1.42 -20.42
CA ILE A 108 19.67 2.26 -19.37
C ILE A 108 19.88 3.71 -19.88
N THR A 109 19.27 4.66 -19.18
CA THR A 109 19.37 6.08 -19.53
C THR A 109 19.51 6.97 -18.30
N ARG A 110 19.02 6.47 -17.14
CA ARG A 110 19.07 7.20 -15.84
C ARG A 110 18.24 8.48 -15.86
N LEU A 111 17.34 8.61 -14.88
CA LEU A 111 16.47 9.78 -14.76
C LEU A 111 16.49 10.36 -13.36
N GLU A 112 17.03 9.58 -12.46
CA GLU A 112 17.14 9.93 -11.04
C GLU A 112 18.26 10.96 -10.79
N ASN A 113 17.89 12.06 -10.14
CA ASN A 113 18.83 13.13 -9.82
C ASN A 113 18.73 13.52 -8.34
N THR A 114 19.79 14.17 -7.84
CA THR A 114 19.85 14.59 -6.43
C THR A 114 19.27 16.00 -6.26
N GLN A 115 18.21 16.09 -5.46
CA GLN A 115 17.54 17.37 -5.18
C GLN A 115 17.32 17.55 -3.68
N PHE A 116 17.32 18.82 -3.25
CA PHE A 116 17.11 19.17 -1.84
C PHE A 116 15.68 19.61 -1.59
N ASP A 117 15.15 19.23 -0.42
CA ASP A 117 13.78 19.58 -0.04
C ASP A 117 13.75 20.24 1.34
N ALA A 118 12.84 21.19 1.51
CA ALA A 118 12.69 21.92 2.78
C ALA A 118 11.31 21.67 3.38
N ALA A 119 11.29 21.41 4.69
CA ALA A 119 10.04 21.15 5.42
C ALA A 119 9.59 22.39 6.19
N ASN A 120 10.54 23.06 6.85
CA ASN A 120 10.26 24.27 7.63
C ASN A 120 10.81 25.51 6.94
N GLY A 121 10.07 26.62 7.05
CA GLY A 121 10.48 27.87 6.44
C GLY A 121 10.92 28.90 7.47
N ILE A 122 10.72 30.19 7.12
CA ILE A 122 11.08 31.36 7.97
C ILE A 122 12.43 31.20 8.70
N ASP A 123 13.47 31.86 8.14
CA ASP A 123 14.81 31.81 8.71
C ASP A 123 15.32 33.21 9.03
N ASP A 124 15.77 33.41 10.29
CA ASP A 124 16.30 34.70 10.79
C ASP A 124 15.24 35.81 10.76
N GLU A 125 15.03 36.45 11.92
CA GLU A 125 14.06 37.52 12.06
C GLU A 125 14.74 38.84 12.43
N TYR A 3 19.16 0.95 -31.32
CA TYR A 3 18.64 0.57 -29.99
C TYR A 3 19.20 1.48 -28.91
N LEU A 4 18.31 2.02 -28.07
CA LEU A 4 18.71 2.92 -26.99
C LEU A 4 18.07 2.49 -25.66
N ARG A 5 18.83 2.63 -24.57
CA ARG A 5 18.37 2.26 -23.22
C ARG A 5 17.22 3.14 -22.75
N LEU A 6 16.36 2.56 -21.90
CA LEU A 6 15.20 3.28 -21.36
C LEU A 6 15.30 3.41 -19.84
N PHE A 7 14.72 4.49 -19.32
CA PHE A 7 14.73 4.77 -17.87
C PHE A 7 13.32 4.98 -17.35
N GLY A 8 13.10 4.63 -16.08
CA GLY A 8 11.80 4.78 -15.45
C GLY A 8 11.89 5.25 -14.01
N GLN A 9 11.19 4.53 -13.12
CA GLN A 9 11.18 4.86 -11.69
C GLN A 9 12.20 4.04 -10.92
N ASP A 10 12.64 4.56 -9.78
CA ASP A 10 13.62 3.90 -8.92
C ASP A 10 12.96 3.18 -7.73
N GLY A 11 11.67 3.47 -7.50
CA GLY A 11 10.96 2.86 -6.39
C GLY A 11 10.21 1.60 -6.79
N LEU A 12 10.95 0.49 -6.94
CA LEU A 12 10.36 -0.80 -7.33
C LEU A 12 9.65 -1.48 -6.15
N CYS A 13 8.76 -2.44 -6.47
CA CYS A 13 7.96 -3.14 -5.44
C CYS A 13 8.81 -3.84 -4.39
N ALA A 14 8.38 -3.70 -3.13
CA ALA A 14 9.05 -4.32 -1.98
C ALA A 14 8.93 -5.85 -2.03
N SER A 15 7.83 -6.34 -2.63
CA SER A 15 7.58 -7.76 -2.77
C SER A 15 8.09 -8.28 -4.13
N CYS A 16 7.78 -7.54 -5.20
CA CYS A 16 8.22 -7.90 -6.55
C CYS A 16 9.45 -7.09 -6.92
N ASP A 17 10.46 -7.77 -7.48
CA ASP A 17 11.70 -7.13 -7.91
C ASP A 17 11.50 -6.53 -9.32
N LYS A 18 10.41 -5.76 -9.46
CA LYS A 18 10.04 -5.16 -10.74
C LYS A 18 9.97 -3.64 -10.61
N ARG A 19 10.65 -2.95 -11.54
CA ARG A 19 10.66 -1.48 -11.58
C ARG A 19 9.23 -0.92 -11.70
N ILE A 20 8.75 -0.33 -10.60
CA ILE A 20 7.40 0.27 -10.54
C ILE A 20 7.24 1.33 -11.64
N ARG A 21 6.61 0.92 -12.75
CA ARG A 21 6.40 1.79 -13.92
C ARG A 21 5.09 1.44 -14.66
N ALA A 22 4.77 2.25 -15.70
CA ALA A 22 3.58 2.08 -16.57
C ALA A 22 2.25 2.05 -15.80
N TYR A 23 1.92 0.90 -15.17
CA TYR A 23 0.67 0.75 -14.42
C TYR A 23 0.78 1.38 -13.02
N GLU A 24 1.68 0.82 -12.18
CA GLU A 24 1.94 1.29 -10.79
C GLU A 24 0.68 1.83 -10.07
N MET A 25 0.36 3.13 -10.27
CA MET A 25 -0.82 3.81 -9.67
C MET A 25 -1.02 3.43 -8.19
N THR A 26 0.09 3.44 -7.44
CA THR A 26 0.09 3.10 -6.01
C THR A 26 0.42 4.31 -5.15
N MET A 27 0.31 4.12 -3.83
CA MET A 27 0.60 5.18 -2.89
C MET A 27 1.89 4.85 -2.12
N ARG A 28 2.65 5.90 -1.78
CA ARG A 28 3.92 5.74 -1.06
C ARG A 28 3.69 5.49 0.44
N VAL A 29 4.15 4.32 0.91
CA VAL A 29 4.02 3.92 2.31
C VAL A 29 5.19 4.49 3.14
N LYS A 30 5.22 4.18 4.45
CA LYS A 30 6.25 4.68 5.38
C LYS A 30 7.69 4.50 4.85
N ASP A 31 8.14 3.25 4.70
CA ASP A 31 9.51 2.97 4.22
C ASP A 31 9.50 2.14 2.92
N LYS A 32 8.58 1.16 2.85
CA LYS A 32 8.48 0.26 1.70
C LYS A 32 7.33 0.65 0.77
N VAL A 33 7.48 0.31 -0.52
CA VAL A 33 6.46 0.58 -1.53
C VAL A 33 5.96 -0.74 -2.14
N TYR A 34 4.65 -0.82 -2.42
CA TYR A 34 4.05 -2.03 -2.98
C TYR A 34 3.09 -1.71 -4.13
N HIS A 35 2.94 -2.67 -5.07
CA HIS A 35 2.02 -2.53 -6.21
C HIS A 35 0.56 -2.46 -5.73
N LEU A 36 -0.37 -2.10 -6.63
CA LEU A 36 -1.79 -2.02 -6.28
C LEU A 36 -2.33 -3.40 -5.89
N GLU A 37 -2.05 -4.39 -6.75
CA GLU A 37 -2.45 -5.79 -6.53
C GLU A 37 -1.73 -6.41 -5.32
N CYS A 38 -0.57 -5.83 -4.99
CA CYS A 38 0.26 -6.30 -3.87
C CYS A 38 -0.16 -5.66 -2.54
N PHE A 39 -1.17 -4.78 -2.59
CA PHE A 39 -1.69 -4.11 -1.39
C PHE A 39 -2.92 -4.88 -0.86
N LYS A 40 -2.71 -6.18 -0.62
CA LYS A 40 -3.78 -7.07 -0.12
C LYS A 40 -3.40 -7.72 1.22
N CYS A 41 -4.44 -8.20 1.95
CA CYS A 41 -4.28 -8.88 3.24
C CYS A 41 -3.55 -10.22 3.08
N ALA A 42 -2.77 -10.58 4.10
CA ALA A 42 -2.02 -11.85 4.09
C ALA A 42 -2.77 -12.96 4.85
N ALA A 43 -3.85 -12.59 5.55
CA ALA A 43 -4.63 -13.55 6.32
C ALA A 43 -5.89 -13.99 5.56
N CYS A 44 -6.67 -13.03 5.06
CA CYS A 44 -7.90 -13.34 4.31
C CYS A 44 -7.72 -13.08 2.80
N GLN A 45 -6.55 -12.53 2.42
CA GLN A 45 -6.19 -12.23 1.02
C GLN A 45 -7.08 -11.13 0.39
N LYS A 46 -7.91 -10.47 1.22
CA LYS A 46 -8.81 -9.40 0.76
C LYS A 46 -8.01 -8.18 0.28
N HIS A 47 -8.68 -7.32 -0.48
CA HIS A 47 -8.06 -6.10 -1.02
C HIS A 47 -8.51 -4.88 -0.23
N PHE A 48 -7.61 -3.90 -0.11
CA PHE A 48 -7.89 -2.67 0.63
C PHE A 48 -8.25 -1.54 -0.34
N SER A 49 -9.18 -0.69 0.10
CA SER A 49 -9.64 0.44 -0.69
C SER A 49 -9.41 1.76 0.05
N VAL A 50 -9.44 2.88 -0.71
CA VAL A 50 -9.23 4.23 -0.15
C VAL A 50 -10.35 4.63 0.82
N GLY A 51 -9.94 5.11 2.01
CA GLY A 51 -10.91 5.52 3.03
C GLY A 51 -10.97 4.57 4.22
N ASP A 52 -10.39 3.37 4.04
CA ASP A 52 -10.38 2.36 5.10
C ASP A 52 -9.02 2.33 5.80
N ARG A 53 -9.03 1.96 7.09
CA ARG A 53 -7.81 1.90 7.90
C ARG A 53 -7.12 0.54 7.77
N TYR A 54 -5.80 0.56 7.63
CA TYR A 54 -5.02 -0.68 7.49
C TYR A 54 -3.85 -0.72 8.48
N LEU A 55 -3.40 -1.94 8.79
CA LEU A 55 -2.30 -2.15 9.71
C LEU A 55 -1.17 -2.89 8.98
N LEU A 56 0.00 -2.26 8.94
CA LEU A 56 1.17 -2.83 8.26
C LEU A 56 1.94 -3.77 9.20
N ILE A 57 1.97 -5.06 8.84
CA ILE A 57 2.66 -6.07 9.62
C ILE A 57 4.11 -6.24 9.11
N ASN A 58 4.88 -7.11 9.80
CA ASN A 58 6.30 -7.38 9.48
C ASN A 58 6.56 -7.65 7.99
N SER A 59 5.60 -8.30 7.31
CA SER A 59 5.74 -8.63 5.90
C SER A 59 4.78 -7.83 5.01
N ASP A 60 3.47 -8.10 5.12
CA ASP A 60 2.45 -7.43 4.31
C ASP A 60 1.43 -6.67 5.17
N ILE A 61 0.30 -6.28 4.55
CA ILE A 61 -0.77 -5.55 5.25
C ILE A 61 -1.85 -6.51 5.77
N VAL A 62 -2.28 -6.30 7.01
CA VAL A 62 -3.30 -7.14 7.64
C VAL A 62 -4.51 -6.30 8.05
N CYS A 63 -5.69 -6.66 7.53
CA CYS A 63 -6.95 -5.97 7.83
C CYS A 63 -7.35 -6.10 9.31
N GLU A 64 -8.23 -5.20 9.77
CA GLU A 64 -8.73 -5.19 11.15
C GLU A 64 -9.53 -6.45 11.49
N GLN A 65 -10.00 -7.15 10.45
CA GLN A 65 -10.78 -8.40 10.61
C GLN A 65 -9.91 -9.53 11.20
N ASP A 66 -8.69 -9.69 10.68
CA ASP A 66 -7.76 -10.74 11.14
C ASP A 66 -6.55 -10.16 11.90
N ILE A 67 -6.62 -8.88 12.29
CA ILE A 67 -5.51 -8.21 13.02
C ILE A 67 -5.16 -8.90 14.36
N TYR A 68 -6.18 -9.08 15.21
CA TYR A 68 -6.00 -9.70 16.54
C TYR A 68 -5.43 -11.12 16.45
N GLU A 69 -6.06 -11.98 15.63
CA GLU A 69 -5.63 -13.38 15.46
C GLU A 69 -4.23 -13.50 14.84
N TRP A 70 -3.93 -12.65 13.85
CA TRP A 70 -2.62 -12.65 13.16
C TRP A 70 -1.49 -12.25 14.11
N THR A 71 -1.67 -11.12 14.81
CA THR A 71 -0.67 -10.61 15.78
C THR A 71 -0.48 -11.59 16.94
N LYS A 72 -1.53 -12.34 17.24
CA LYS A 72 -1.55 -13.32 18.33
C LYS A 72 -0.58 -14.50 18.08
N ILE A 73 -0.49 -14.94 16.82
CA ILE A 73 0.37 -16.08 16.44
C ILE A 73 1.83 -15.69 16.20
N ASN A 74 2.05 -14.63 15.41
CA ASN A 74 3.41 -14.19 15.06
C ASN A 74 3.94 -13.09 16.00
N GLY A 75 3.06 -12.27 16.55
CA GLY A 75 3.47 -11.21 17.46
C GLY A 75 2.95 -9.85 17.04
N GLY A 76 2.83 -8.94 18.02
CA GLY A 76 2.34 -7.60 17.75
C GLY A 76 3.13 -6.54 18.51
N SER A 77 3.26 -6.72 19.83
CA SER A 77 3.99 -5.80 20.73
C SER A 77 3.35 -4.40 20.77
N GLY A 78 3.05 -3.94 21.99
CA GLY A 78 2.44 -2.63 22.16
C GLY A 78 2.97 -1.90 23.38
N GLY A 79 2.06 -1.39 24.21
CA GLY A 79 2.44 -0.67 25.42
C GLY A 79 1.52 0.49 25.71
N SER A 80 1.93 1.69 25.29
CA SER A 80 1.14 2.91 25.50
C SER A 80 0.34 3.27 24.26
N GLY A 81 -0.91 3.71 24.48
CA GLY A 81 -1.78 4.08 23.37
C GLY A 81 -2.86 3.05 23.11
N GLY A 82 -2.71 2.30 22.01
CA GLY A 82 -3.67 1.27 21.64
C GLY A 82 -3.16 -0.12 21.93
N SER A 83 -3.12 -0.96 20.89
CA SER A 83 -2.66 -2.35 21.02
C SER A 83 -1.21 -2.49 20.55
N GLY A 84 -0.88 -1.83 19.43
CA GLY A 84 0.47 -1.89 18.88
C GLY A 84 1.06 -0.51 18.66
N GLY A 85 0.44 0.26 17.76
CA GLY A 85 0.90 1.61 17.46
C GLY A 85 -0.18 2.47 16.84
N ASP A 86 0.20 3.25 15.83
CA ASP A 86 -0.74 4.14 15.14
C ASP A 86 -1.20 3.53 13.81
N VAL A 87 -2.49 3.69 13.51
CA VAL A 87 -3.07 3.16 12.28
C VAL A 87 -3.22 4.29 11.25
N MET A 88 -2.92 3.97 9.98
CA MET A 88 -3.01 4.94 8.89
C MET A 88 -4.00 4.48 7.82
N VAL A 89 -4.63 5.46 7.16
CA VAL A 89 -5.60 5.18 6.09
C VAL A 89 -4.90 5.12 4.72
N VAL A 90 -5.41 4.26 3.84
CA VAL A 90 -4.83 4.08 2.48
C VAL A 90 -5.00 5.36 1.65
N GLY A 91 -3.87 6.04 1.41
CA GLY A 91 -3.86 7.28 0.62
C GLY A 91 -4.20 7.05 -0.85
N GLU A 92 -4.55 8.14 -1.55
CA GLU A 92 -4.89 8.11 -2.98
C GLU A 92 -3.68 7.72 -3.85
N PRO A 93 -3.88 7.16 -5.09
CA PRO A 93 -2.75 6.78 -5.97
C PRO A 93 -2.11 7.98 -6.67
N THR A 94 -0.77 7.96 -6.76
CA THR A 94 -0.03 9.05 -7.40
C THR A 94 0.79 8.53 -8.58
N LEU A 95 0.39 8.94 -9.79
CA LEU A 95 1.07 8.55 -11.03
C LEU A 95 2.49 9.11 -11.13
N MET A 96 3.46 8.23 -11.43
CA MET A 96 4.91 8.56 -11.57
C MET A 96 5.41 9.56 -10.50
N GLY A 97 6.12 9.02 -9.50
CA GLY A 97 6.65 9.84 -8.43
C GLY A 97 5.80 9.80 -7.17
N GLY A 98 5.79 10.90 -6.42
CA GLY A 98 5.01 10.99 -5.20
C GLY A 98 4.76 12.41 -4.77
N GLU A 99 5.39 12.82 -3.65
CA GLU A 99 5.25 14.16 -3.11
C GLU A 99 6.44 15.03 -3.49
N PHE A 100 6.18 16.34 -3.62
CA PHE A 100 7.23 17.31 -4.00
C PHE A 100 7.75 18.05 -2.76
N GLY A 101 6.83 18.46 -1.88
CA GLY A 101 7.21 19.17 -0.67
C GLY A 101 6.00 19.67 0.11
N ASP A 102 5.32 18.75 0.79
CA ASP A 102 4.13 19.08 1.60
C ASP A 102 4.25 18.54 3.02
N GLU A 103 5.46 18.08 3.38
CA GLU A 103 5.74 17.52 4.71
C GLU A 103 6.15 18.62 5.71
N ASP A 104 6.70 19.73 5.19
CA ASP A 104 7.14 20.85 6.02
C ASP A 104 5.99 21.81 6.37
N GLU A 105 4.94 21.79 5.55
CA GLU A 105 3.76 22.65 5.75
C GLU A 105 2.74 22.00 6.68
N ARG A 106 2.59 20.68 6.57
CA ARG A 106 1.64 19.92 7.40
C ARG A 106 2.32 19.35 8.67
N LEU A 107 3.53 19.85 8.95
CA LEU A 107 4.29 19.41 10.13
C LEU A 107 3.97 20.26 11.35
N ILE A 108 3.91 21.58 11.16
CA ILE A 108 3.60 22.51 12.25
C ILE A 108 2.14 22.94 12.24
N THR A 109 1.38 22.46 13.23
CA THR A 109 -0.05 22.76 13.35
C THR A 109 -0.46 22.86 14.82
N ARG A 110 -1.50 23.67 15.08
CA ARG A 110 -2.01 23.86 16.44
C ARG A 110 -3.25 23.01 16.68
N LEU A 111 -3.25 22.25 17.77
CA LEU A 111 -4.37 21.38 18.13
C LEU A 111 -4.94 21.75 19.50
N GLU A 112 -6.24 21.51 19.67
CA GLU A 112 -6.93 21.81 20.93
C GLU A 112 -7.07 20.55 21.79
N ASN A 113 -7.13 20.75 23.12
CA ASN A 113 -7.25 19.65 24.07
C ASN A 113 -8.71 19.46 24.47
N THR A 114 -9.09 18.18 24.70
CA THR A 114 -10.46 17.75 25.10
C THR A 114 -11.60 18.48 24.33
N GLN A 115 -12.85 18.16 24.69
CA GLN A 115 -14.03 18.77 24.05
C GLN A 115 -15.02 19.29 25.09
N PHE A 116 -15.25 18.48 26.13
CA PHE A 116 -16.18 18.83 27.21
C PHE A 116 -15.42 19.14 28.49
N ASP A 117 -15.70 20.32 29.07
CA ASP A 117 -15.05 20.75 30.31
C ASP A 117 -16.09 21.28 31.31
N ALA A 118 -15.89 20.94 32.58
CA ALA A 118 -16.80 21.37 33.64
C ALA A 118 -16.19 22.53 34.45
N ALA A 119 -16.97 23.62 34.57
CA ALA A 119 -16.53 24.81 35.30
C ALA A 119 -17.19 24.89 36.68
N ASN A 120 -18.50 24.60 36.72
CA ASN A 120 -19.26 24.64 37.97
C ASN A 120 -19.44 23.24 38.54
N GLY A 121 -19.48 23.15 39.87
CA GLY A 121 -19.66 21.87 40.55
C GLY A 121 -20.32 22.02 41.90
N ILE A 122 -21.61 21.68 41.95
CA ILE A 122 -22.40 21.77 43.20
C ILE A 122 -22.69 20.38 43.76
N ASP A 123 -22.81 20.31 45.09
CA ASP A 123 -23.09 19.05 45.79
C ASP A 123 -24.27 19.22 46.74
N ASP A 124 -25.22 18.28 46.65
CA ASP A 124 -26.42 18.29 47.50
C ASP A 124 -26.27 17.33 48.67
N GLU A 125 -25.73 16.13 48.40
CA GLU A 125 -25.54 15.11 49.44
C GLU A 125 -24.10 14.58 49.41
N TYR A 3 21.58 3.51 -24.28
CA TYR A 3 22.11 2.34 -23.53
C TYR A 3 22.64 2.75 -22.14
N LEU A 4 23.02 4.03 -22.00
CA LEU A 4 23.54 4.57 -20.74
C LEU A 4 22.43 5.22 -19.92
N ARG A 5 22.43 4.91 -18.61
CA ARG A 5 21.43 5.43 -17.62
C ARG A 5 19.99 5.45 -18.16
N LEU A 6 19.18 4.49 -17.70
CA LEU A 6 17.77 4.37 -18.10
C LEU A 6 16.85 5.23 -17.23
N PHE A 7 15.72 5.65 -17.79
CA PHE A 7 14.74 6.48 -17.08
C PHE A 7 13.61 5.64 -16.50
N GLY A 8 13.04 6.09 -15.38
CA GLY A 8 11.96 5.38 -14.73
C GLY A 8 11.78 5.79 -13.28
N GLN A 9 11.12 4.92 -12.51
CA GLN A 9 10.87 5.18 -11.09
C GLN A 9 11.82 4.36 -10.21
N ASP A 10 12.04 4.85 -8.99
CA ASP A 10 12.93 4.20 -8.02
C ASP A 10 12.14 3.51 -6.90
N GLY A 11 10.83 3.79 -6.83
CA GLY A 11 9.99 3.20 -5.79
C GLY A 11 9.60 1.75 -6.05
N LEU A 12 10.61 0.87 -6.07
CA LEU A 12 10.41 -0.58 -6.30
C LEU A 12 9.41 -1.19 -5.31
N CYS A 13 8.82 -2.34 -5.68
CA CYS A 13 7.84 -3.02 -4.81
C CYS A 13 8.52 -3.69 -3.63
N ALA A 14 7.95 -3.49 -2.44
CA ALA A 14 8.47 -4.10 -1.21
C ALA A 14 8.32 -5.63 -1.23
N SER A 15 7.36 -6.11 -2.03
CA SER A 15 7.09 -7.54 -2.17
C SER A 15 7.79 -8.11 -3.42
N CYS A 16 7.67 -7.40 -4.55
CA CYS A 16 8.29 -7.83 -5.80
C CYS A 16 9.56 -7.03 -6.08
N ASP A 17 10.53 -7.68 -6.73
CA ASP A 17 11.79 -7.04 -7.12
C ASP A 17 11.61 -6.41 -8.51
N LYS A 18 10.49 -5.71 -8.67
CA LYS A 18 10.11 -5.07 -9.92
C LYS A 18 9.97 -3.57 -9.74
N ARG A 19 10.51 -2.80 -10.69
CA ARG A 19 10.43 -1.34 -10.67
C ARG A 19 8.99 -0.87 -10.84
N ILE A 20 8.48 -0.15 -9.83
CA ILE A 20 7.11 0.37 -9.85
C ILE A 20 7.00 1.52 -10.88
N ARG A 21 6.51 1.18 -12.08
CA ARG A 21 6.36 2.14 -13.18
C ARG A 21 5.17 1.80 -14.09
N ALA A 22 4.84 2.72 -15.02
CA ALA A 22 3.75 2.57 -16.02
C ALA A 22 2.37 2.31 -15.40
N TYR A 23 2.13 1.06 -14.96
CA TYR A 23 0.84 0.68 -14.35
C TYR A 23 0.75 1.19 -12.91
N GLU A 24 1.68 0.73 -12.06
CA GLU A 24 1.80 1.10 -10.62
C GLU A 24 0.46 1.44 -9.93
N MET A 25 -0.05 2.68 -10.13
CA MET A 25 -1.33 3.17 -9.53
C MET A 25 -1.42 2.90 -8.02
N THR A 26 -0.29 3.12 -7.33
CA THR A 26 -0.20 2.91 -5.89
C THR A 26 0.09 4.22 -5.14
N MET A 27 -0.04 4.16 -3.82
CA MET A 27 0.22 5.32 -2.98
C MET A 27 1.57 5.18 -2.26
N ARG A 28 2.04 6.28 -1.66
CA ARG A 28 3.32 6.30 -0.94
C ARG A 28 3.14 5.87 0.51
N VAL A 29 3.87 4.82 0.91
CA VAL A 29 3.82 4.29 2.27
C VAL A 29 4.99 4.87 3.10
N LYS A 30 5.10 4.45 4.38
CA LYS A 30 6.15 4.94 5.30
C LYS A 30 7.57 4.89 4.71
N ASP A 31 8.11 3.69 4.45
CA ASP A 31 9.45 3.54 3.90
C ASP A 31 9.46 2.81 2.55
N LYS A 32 8.66 1.73 2.45
CA LYS A 32 8.60 0.93 1.23
C LYS A 32 7.27 1.13 0.49
N VAL A 33 7.31 0.91 -0.83
CA VAL A 33 6.10 1.04 -1.67
C VAL A 33 5.69 -0.33 -2.21
N TYR A 34 4.37 -0.58 -2.22
CA TYR A 34 3.82 -1.85 -2.70
C TYR A 34 2.92 -1.64 -3.91
N HIS A 35 2.84 -2.66 -4.79
CA HIS A 35 1.96 -2.62 -5.97
C HIS A 35 0.50 -2.59 -5.53
N LEU A 36 -0.43 -2.23 -6.44
CA LEU A 36 -1.86 -2.19 -6.12
C LEU A 36 -2.38 -3.61 -5.81
N GLU A 37 -2.04 -4.57 -6.68
CA GLU A 37 -2.43 -5.98 -6.51
C GLU A 37 -1.73 -6.61 -5.29
N CYS A 38 -0.59 -6.03 -4.91
CA CYS A 38 0.21 -6.50 -3.79
C CYS A 38 -0.24 -5.90 -2.44
N PHE A 39 -1.20 -4.97 -2.51
CA PHE A 39 -1.73 -4.31 -1.32
C PHE A 39 -3.00 -5.03 -0.82
N LYS A 40 -2.85 -6.35 -0.59
CA LYS A 40 -3.95 -7.19 -0.11
C LYS A 40 -3.61 -7.86 1.23
N CYS A 41 -4.66 -8.32 1.94
CA CYS A 41 -4.52 -9.01 3.23
C CYS A 41 -3.81 -10.35 3.09
N ALA A 42 -3.05 -10.74 4.12
CA ALA A 42 -2.31 -12.00 4.11
C ALA A 42 -3.07 -13.11 4.84
N ALA A 43 -4.20 -12.76 5.47
CA ALA A 43 -5.02 -13.71 6.20
C ALA A 43 -6.27 -14.12 5.42
N CYS A 44 -7.01 -13.13 4.90
CA CYS A 44 -8.23 -13.40 4.12
C CYS A 44 -8.04 -13.08 2.64
N GLN A 45 -6.85 -12.53 2.28
CA GLN A 45 -6.49 -12.16 0.89
C GLN A 45 -7.36 -11.03 0.31
N LYS A 46 -8.14 -10.36 1.19
CA LYS A 46 -9.02 -9.26 0.78
C LYS A 46 -8.21 -8.05 0.29
N HIS A 47 -8.88 -7.14 -0.43
CA HIS A 47 -8.24 -5.94 -0.95
C HIS A 47 -8.57 -4.72 -0.10
N PHE A 48 -7.65 -3.76 -0.08
CA PHE A 48 -7.83 -2.53 0.70
C PHE A 48 -8.16 -1.35 -0.21
N SER A 49 -9.13 -0.55 0.25
CA SER A 49 -9.59 0.62 -0.50
C SER A 49 -9.42 1.90 0.32
N VAL A 50 -9.52 3.06 -0.35
CA VAL A 50 -9.37 4.38 0.30
C VAL A 50 -10.51 4.65 1.30
N GLY A 51 -10.15 5.26 2.44
CA GLY A 51 -11.12 5.57 3.47
C GLY A 51 -11.00 4.69 4.71
N ASP A 52 -10.60 3.43 4.50
CA ASP A 52 -10.43 2.47 5.60
C ASP A 52 -8.98 2.44 6.10
N ARG A 53 -8.81 2.10 7.38
CA ARG A 53 -7.48 2.02 8.01
C ARG A 53 -6.86 0.64 7.82
N TYR A 54 -5.54 0.62 7.60
CA TYR A 54 -4.81 -0.63 7.41
C TYR A 54 -3.60 -0.74 8.35
N LEU A 55 -3.21 -1.97 8.65
CA LEU A 55 -2.07 -2.24 9.52
C LEU A 55 -0.98 -2.96 8.73
N LEU A 56 0.23 -2.40 8.76
CA LEU A 56 1.37 -2.97 8.05
C LEU A 56 2.12 -3.97 8.93
N ILE A 57 2.07 -5.25 8.53
CA ILE A 57 2.74 -6.33 9.26
C ILE A 57 4.18 -6.51 8.76
N ASN A 58 4.92 -7.42 9.40
CA ASN A 58 6.34 -7.72 9.08
C ASN A 58 6.60 -7.93 7.58
N SER A 59 5.63 -8.51 6.86
CA SER A 59 5.78 -8.76 5.42
C SER A 59 4.73 -8.04 4.57
N ASP A 60 3.43 -8.31 4.84
CA ASP A 60 2.34 -7.71 4.07
C ASP A 60 1.39 -6.88 4.96
N ILE A 61 0.19 -6.59 4.43
CA ILE A 61 -0.82 -5.81 5.15
C ILE A 61 -1.94 -6.73 5.65
N VAL A 62 -2.40 -6.50 6.88
CA VAL A 62 -3.48 -7.30 7.48
C VAL A 62 -4.67 -6.41 7.85
N CYS A 63 -5.86 -6.80 7.37
CA CYS A 63 -7.11 -6.07 7.63
C CYS A 63 -7.48 -6.12 9.13
N GLU A 64 -8.33 -5.17 9.55
CA GLU A 64 -8.81 -5.09 10.95
C GLU A 64 -9.64 -6.34 11.34
N GLN A 65 -10.15 -7.05 10.32
CA GLN A 65 -10.93 -8.27 10.53
C GLN A 65 -10.07 -9.41 11.11
N ASP A 66 -8.84 -9.55 10.58
CA ASP A 66 -7.91 -10.60 11.01
C ASP A 66 -6.71 -10.06 11.79
N ILE A 67 -6.72 -8.75 12.11
CA ILE A 67 -5.61 -8.09 12.83
C ILE A 67 -5.28 -8.76 14.18
N TYR A 68 -6.31 -8.90 15.04
CA TYR A 68 -6.15 -9.50 16.37
C TYR A 68 -5.60 -10.94 16.32
N GLU A 69 -6.26 -11.81 15.54
CA GLU A 69 -5.86 -13.21 15.40
C GLU A 69 -4.48 -13.39 14.75
N TRP A 70 -4.19 -12.57 13.72
CA TRP A 70 -2.91 -12.63 13.00
C TRP A 70 -1.72 -12.23 13.90
N THR A 71 -1.84 -11.07 14.57
CA THR A 71 -0.79 -10.57 15.48
C THR A 71 -0.60 -11.50 16.68
N LYS A 72 -1.70 -12.17 17.06
CA LYS A 72 -1.72 -13.11 18.18
C LYS A 72 -0.85 -14.34 17.92
N ILE A 73 -0.90 -14.86 16.69
CA ILE A 73 -0.13 -16.06 16.29
C ILE A 73 1.30 -15.69 15.86
N ASN A 74 1.44 -14.66 15.01
CA ASN A 74 2.74 -14.21 14.50
C ASN A 74 3.54 -13.41 15.54
N GLY A 75 2.82 -12.70 16.42
CA GLY A 75 3.47 -11.89 17.45
C GLY A 75 3.51 -12.59 18.79
N GLY A 76 2.67 -12.11 19.72
CA GLY A 76 2.60 -12.69 21.05
C GLY A 76 1.19 -12.74 21.61
N SER A 77 0.92 -13.74 22.44
CA SER A 77 -0.40 -13.92 23.05
C SER A 77 -0.31 -13.87 24.58
N GLY A 78 -1.33 -13.26 25.20
CA GLY A 78 -1.37 -13.15 26.65
C GLY A 78 -2.06 -11.87 27.11
N GLY A 79 -1.63 -11.36 28.26
CA GLY A 79 -2.21 -10.14 28.81
C GLY A 79 -1.29 -9.46 29.81
N SER A 80 -0.06 -9.16 29.36
CA SER A 80 0.94 -8.50 30.21
C SER A 80 1.03 -7.01 29.89
N GLY A 81 1.01 -6.67 28.60
CA GLY A 81 1.09 -5.27 28.17
C GLY A 81 2.38 -4.97 27.43
N GLY A 82 2.38 -5.25 26.13
CA GLY A 82 3.55 -5.00 25.30
C GLY A 82 3.43 -3.72 24.49
N SER A 83 4.06 -3.70 23.31
CA SER A 83 4.04 -2.54 22.42
C SER A 83 3.60 -2.95 21.02
N GLY A 84 2.86 -2.06 20.36
CA GLY A 84 2.37 -2.32 19.01
C GLY A 84 2.99 -1.39 17.99
N GLY A 85 2.24 -0.35 17.61
CA GLY A 85 2.72 0.62 16.64
C GLY A 85 1.67 1.66 16.29
N ASP A 86 1.74 2.17 15.05
CA ASP A 86 0.80 3.18 14.57
C ASP A 86 0.04 2.69 13.35
N VAL A 87 -1.23 3.08 13.24
CA VAL A 87 -2.08 2.69 12.11
C VAL A 87 -2.22 3.86 11.13
N MET A 88 -2.07 3.55 9.84
CA MET A 88 -2.17 4.55 8.78
C MET A 88 -3.29 4.20 7.80
N VAL A 89 -3.84 5.23 7.15
CA VAL A 89 -4.93 5.06 6.17
C VAL A 89 -4.36 4.92 4.76
N VAL A 90 -5.10 4.17 3.91
CA VAL A 90 -4.69 3.93 2.51
C VAL A 90 -4.71 5.25 1.70
N GLY A 91 -3.51 5.73 1.34
CA GLY A 91 -3.36 6.97 0.58
C GLY A 91 -3.92 6.89 -0.84
N GLU A 92 -4.37 8.05 -1.35
CA GLU A 92 -4.94 8.16 -2.70
C GLU A 92 -3.87 7.87 -3.80
N PRO A 93 -4.04 6.78 -4.62
CA PRO A 93 -3.07 6.44 -5.70
C PRO A 93 -3.02 7.50 -6.81
N THR A 94 -1.87 7.59 -7.47
CA THR A 94 -1.67 8.55 -8.56
C THR A 94 -1.63 7.84 -9.91
N LEU A 95 -2.55 8.24 -10.80
CA LEU A 95 -2.66 7.66 -12.16
C LEU A 95 -1.43 7.99 -13.01
N MET A 96 -1.13 7.07 -13.97
CA MET A 96 0.01 7.18 -14.91
C MET A 96 1.30 7.69 -14.25
N GLY A 97 2.24 6.76 -14.02
CA GLY A 97 3.52 7.10 -13.40
C GLY A 97 4.66 7.10 -14.39
N GLY A 98 4.50 7.87 -15.48
CA GLY A 98 5.53 7.95 -16.50
C GLY A 98 4.95 8.23 -17.87
N GLU A 99 5.74 8.88 -18.72
CA GLU A 99 5.33 9.22 -20.09
C GLU A 99 6.29 8.67 -21.12
N PHE A 100 5.76 8.36 -22.32
CA PHE A 100 6.51 7.80 -23.45
C PHE A 100 7.38 6.61 -23.05
N GLY A 101 6.81 5.43 -23.22
CA GLY A 101 7.50 4.18 -22.89
C GLY A 101 7.50 3.20 -24.05
N ASP A 102 7.79 1.92 -23.74
CA ASP A 102 7.84 0.87 -24.74
C ASP A 102 7.09 -0.37 -24.24
N GLU A 103 5.76 -0.37 -24.48
CA GLU A 103 4.90 -1.48 -24.07
C GLU A 103 4.80 -2.57 -25.16
N ASP A 104 4.87 -2.14 -26.42
CA ASP A 104 4.78 -3.05 -27.57
C ASP A 104 6.13 -3.69 -27.91
N GLU A 105 7.23 -2.98 -27.59
CA GLU A 105 8.59 -3.46 -27.86
C GLU A 105 9.12 -4.35 -26.72
N ARG A 106 8.63 -4.11 -25.50
CA ARG A 106 9.04 -4.88 -24.32
C ARG A 106 8.13 -6.09 -24.06
N LEU A 107 7.06 -6.21 -24.87
CA LEU A 107 6.11 -7.31 -24.74
C LEU A 107 6.49 -8.49 -25.65
N ILE A 108 6.88 -8.19 -26.89
CA ILE A 108 7.27 -9.22 -27.86
C ILE A 108 8.80 -9.36 -27.94
N THR A 109 9.28 -10.59 -27.75
CA THR A 109 10.71 -10.89 -27.79
C THR A 109 10.98 -12.20 -28.52
N ARG A 110 12.03 -12.21 -29.34
CA ARG A 110 12.41 -13.40 -30.11
C ARG A 110 13.56 -14.16 -29.43
N LEU A 111 14.56 -13.41 -28.94
CA LEU A 111 15.72 -14.00 -28.27
C LEU A 111 15.83 -13.49 -26.83
N GLU A 112 16.32 -14.36 -25.94
CA GLU A 112 16.48 -14.03 -24.53
C GLU A 112 17.91 -14.32 -24.04
N ASN A 113 18.85 -14.32 -24.99
CA ASN A 113 20.26 -14.58 -24.69
C ASN A 113 21.05 -13.27 -24.66
N THR A 114 21.86 -13.11 -23.60
CA THR A 114 22.68 -11.91 -23.43
C THR A 114 24.14 -12.20 -23.76
N GLN A 115 24.81 -11.21 -24.37
CA GLN A 115 26.21 -11.34 -24.74
C GLN A 115 27.08 -10.37 -23.94
N PHE A 116 28.34 -10.77 -23.72
CA PHE A 116 29.29 -9.95 -22.96
C PHE A 116 30.21 -9.18 -23.91
N ASP A 117 30.43 -7.89 -23.58
CA ASP A 117 31.29 -7.02 -24.40
C ASP A 117 32.66 -6.89 -23.76
N ALA A 118 33.69 -6.78 -24.62
CA ALA A 118 35.08 -6.64 -24.17
C ALA A 118 35.53 -5.19 -24.25
N ALA A 119 36.44 -4.82 -23.35
CA ALA A 119 36.98 -3.45 -23.31
C ALA A 119 38.34 -3.37 -24.01
N ASN A 120 39.19 -4.36 -23.78
CA ASN A 120 40.53 -4.42 -24.39
C ASN A 120 40.69 -5.68 -25.22
N GLY A 121 41.29 -5.52 -26.40
CA GLY A 121 41.51 -6.65 -27.30
C GLY A 121 41.68 -6.21 -28.75
N ILE A 122 40.55 -5.98 -29.42
CA ILE A 122 40.56 -5.56 -30.83
C ILE A 122 40.10 -4.10 -30.97
N ASP A 123 40.82 -3.35 -31.81
CA ASP A 123 40.52 -1.95 -32.05
C ASP A 123 40.41 -1.64 -33.55
N ASP A 124 41.34 -2.21 -34.34
CA ASP A 124 41.36 -2.02 -35.79
C ASP A 124 40.85 -3.27 -36.51
N GLU A 125 39.92 -3.08 -37.45
CA GLU A 125 39.35 -4.17 -38.22
C GLU A 125 39.89 -4.16 -39.65
N TYR A 3 0.83 13.83 -31.44
CA TYR A 3 0.85 13.25 -30.07
C TYR A 3 0.77 11.73 -30.14
N LEU A 4 1.67 11.07 -29.40
CA LEU A 4 1.72 9.61 -29.34
C LEU A 4 1.71 9.11 -27.90
N ARG A 5 0.99 7.99 -27.68
CA ARG A 5 0.87 7.38 -26.35
C ARG A 5 2.21 6.84 -25.84
N LEU A 6 2.38 6.84 -24.51
CA LEU A 6 3.61 6.36 -23.88
C LEU A 6 3.30 5.26 -22.87
N PHE A 7 4.22 4.29 -22.76
CA PHE A 7 4.06 3.18 -21.83
C PHE A 7 5.32 3.02 -20.96
N GLY A 8 5.10 2.87 -19.64
CA GLY A 8 6.21 2.72 -18.72
C GLY A 8 5.87 3.23 -17.33
N GLN A 9 6.61 2.75 -16.32
CA GLN A 9 6.40 3.16 -14.94
C GLN A 9 7.65 3.87 -14.37
N ASP A 10 7.57 4.33 -13.11
CA ASP A 10 8.69 5.06 -12.47
C ASP A 10 8.88 4.70 -10.99
N GLY A 11 7.89 4.06 -10.36
CA GLY A 11 7.97 3.73 -8.95
C GLY A 11 8.37 2.29 -8.63
N LEU A 12 9.67 2.01 -8.63
CA LEU A 12 10.19 0.64 -8.32
C LEU A 12 9.63 0.09 -6.99
N CYS A 13 8.97 -1.08 -7.09
CA CYS A 13 8.34 -1.76 -5.95
C CYS A 13 9.36 -2.19 -4.91
N ALA A 14 8.93 -2.20 -3.65
CA ALA A 14 9.77 -2.62 -2.52
C ALA A 14 10.11 -4.12 -2.59
N SER A 15 9.14 -4.91 -3.05
CA SER A 15 9.30 -6.35 -3.18
C SER A 15 9.71 -6.75 -4.60
N CYS A 16 9.09 -6.12 -5.61
CA CYS A 16 9.40 -6.40 -7.02
C CYS A 16 10.38 -5.38 -7.58
N ASP A 17 11.12 -5.78 -8.62
CA ASP A 17 12.08 -4.90 -9.28
C ASP A 17 11.41 -4.15 -10.45
N LYS A 18 10.09 -3.96 -10.33
CA LYS A 18 9.30 -3.28 -11.35
C LYS A 18 8.75 -1.97 -10.83
N ARG A 19 8.81 -0.94 -11.67
CA ARG A 19 8.33 0.41 -11.33
C ARG A 19 6.80 0.42 -11.12
N ILE A 20 6.30 1.41 -10.35
CA ILE A 20 4.87 1.51 -10.00
C ILE A 20 4.25 2.84 -10.48
N ARG A 21 3.58 2.76 -11.64
CA ARG A 21 2.89 3.90 -12.27
C ARG A 21 1.69 3.44 -13.10
N ALA A 22 0.74 4.36 -13.38
CA ALA A 22 -0.49 4.09 -14.19
C ALA A 22 -1.28 2.84 -13.74
N TYR A 23 -0.84 1.64 -14.17
CA TYR A 23 -1.50 0.37 -13.80
C TYR A 23 -1.39 0.11 -12.29
N GLU A 24 -0.41 0.79 -11.67
CA GLU A 24 -0.11 0.69 -10.23
C GLU A 24 -1.33 0.35 -9.35
N MET A 25 -2.37 1.23 -9.37
CA MET A 25 -3.62 1.02 -8.58
C MET A 25 -3.28 0.47 -7.19
N THR A 26 -2.65 1.34 -6.40
CA THR A 26 -2.15 0.98 -5.06
C THR A 26 -1.99 2.24 -4.21
N MET A 27 -1.43 2.10 -3.02
CA MET A 27 -1.22 3.25 -2.14
C MET A 27 0.26 3.50 -1.87
N ARG A 28 0.56 4.71 -1.35
CA ARG A 28 1.93 5.09 -1.02
C ARG A 28 2.16 4.94 0.48
N VAL A 29 3.16 4.14 0.85
CA VAL A 29 3.50 3.88 2.25
C VAL A 29 4.54 4.92 2.76
N LYS A 30 4.95 4.79 4.03
CA LYS A 30 5.91 5.71 4.67
C LYS A 30 7.17 5.97 3.83
N ASP A 31 7.96 4.92 3.56
CA ASP A 31 9.19 5.06 2.78
C ASP A 31 9.18 4.20 1.52
N LYS A 32 8.62 3.00 1.64
CA LYS A 32 8.55 2.05 0.52
C LYS A 32 7.17 2.06 -0.15
N VAL A 33 7.15 1.69 -1.44
CA VAL A 33 5.90 1.63 -2.21
C VAL A 33 5.67 0.20 -2.70
N TYR A 34 4.44 -0.29 -2.56
CA TYR A 34 4.09 -1.64 -2.98
C TYR A 34 2.95 -1.65 -4.00
N HIS A 35 2.99 -2.63 -4.93
CA HIS A 35 1.96 -2.80 -5.97
C HIS A 35 0.59 -3.18 -5.36
N LEU A 36 -0.45 -3.26 -6.22
CA LEU A 36 -1.80 -3.65 -5.79
C LEU A 36 -1.80 -5.11 -5.34
N GLU A 37 -1.17 -5.97 -6.16
CA GLU A 37 -1.02 -7.41 -5.88
C GLU A 37 -0.11 -7.63 -4.66
N CYS A 38 0.70 -6.60 -4.35
CA CYS A 38 1.65 -6.64 -3.24
C CYS A 38 1.09 -5.97 -1.98
N PHE A 39 -0.12 -5.39 -2.07
CA PHE A 39 -0.76 -4.74 -0.94
C PHE A 39 -2.06 -5.48 -0.55
N LYS A 40 -1.90 -6.76 -0.22
CA LYS A 40 -3.04 -7.62 0.15
C LYS A 40 -2.86 -8.19 1.57
N CYS A 41 -3.99 -8.62 2.16
CA CYS A 41 -4.02 -9.21 3.51
C CYS A 41 -3.28 -10.55 3.56
N ALA A 42 -2.65 -10.82 4.72
CA ALA A 42 -1.91 -12.06 4.92
C ALA A 42 -2.79 -13.18 5.51
N ALA A 43 -4.06 -12.84 5.78
CA ALA A 43 -5.00 -13.80 6.36
C ALA A 43 -6.13 -14.17 5.38
N CYS A 44 -6.74 -13.16 4.75
CA CYS A 44 -7.83 -13.39 3.79
C CYS A 44 -7.41 -13.06 2.36
N GLN A 45 -6.19 -12.49 2.20
CA GLN A 45 -5.61 -12.10 0.88
C GLN A 45 -6.40 -10.98 0.17
N LYS A 46 -7.34 -10.36 0.90
CA LYS A 46 -8.17 -9.27 0.36
C LYS A 46 -7.33 -8.03 0.03
N HIS A 47 -7.89 -7.14 -0.80
CA HIS A 47 -7.22 -5.90 -1.21
C HIS A 47 -7.67 -4.73 -0.35
N PHE A 48 -6.81 -3.71 -0.23
CA PHE A 48 -7.09 -2.52 0.56
C PHE A 48 -7.48 -1.35 -0.33
N SER A 49 -8.34 -0.49 0.20
CA SER A 49 -8.85 0.69 -0.51
C SER A 49 -8.52 1.98 0.22
N VAL A 50 -8.59 3.11 -0.51
CA VAL A 50 -8.32 4.45 0.04
C VAL A 50 -9.36 4.88 1.09
N GLY A 51 -8.88 5.46 2.20
CA GLY A 51 -9.77 5.91 3.26
C GLY A 51 -9.92 4.91 4.40
N ASP A 52 -9.14 3.82 4.35
CA ASP A 52 -9.18 2.77 5.37
C ASP A 52 -7.83 2.63 6.06
N ARG A 53 -7.86 2.27 7.35
CA ARG A 53 -6.65 2.08 8.15
C ARG A 53 -6.17 0.62 8.06
N TYR A 54 -4.85 0.45 7.93
CA TYR A 54 -4.25 -0.89 7.84
C TYR A 54 -3.11 -1.07 8.84
N LEU A 55 -2.79 -2.33 9.13
CA LEU A 55 -1.70 -2.67 10.05
C LEU A 55 -0.63 -3.45 9.29
N LEU A 56 0.61 -2.97 9.37
CA LEU A 56 1.75 -3.61 8.70
C LEU A 56 2.41 -4.63 9.63
N ILE A 57 2.26 -5.91 9.30
CA ILE A 57 2.84 -7.00 10.09
C ILE A 57 4.28 -7.32 9.62
N ASN A 58 4.94 -8.25 10.31
CA ASN A 58 6.33 -8.66 10.03
C ASN A 58 6.60 -8.97 8.55
N SER A 59 5.59 -9.54 7.86
CA SER A 59 5.73 -9.89 6.44
C SER A 59 4.91 -8.95 5.54
N ASP A 60 3.58 -9.09 5.56
CA ASP A 60 2.69 -8.27 4.73
C ASP A 60 1.69 -7.46 5.58
N ILE A 61 0.64 -6.92 4.94
CA ILE A 61 -0.38 -6.13 5.62
C ILE A 61 -1.58 -7.02 5.99
N VAL A 62 -2.17 -6.76 7.16
CA VAL A 62 -3.33 -7.51 7.63
C VAL A 62 -4.51 -6.56 7.85
N CYS A 63 -5.65 -6.88 7.20
CA CYS A 63 -6.89 -6.09 7.30
C CYS A 63 -7.45 -6.07 8.73
N GLU A 64 -8.26 -5.03 9.03
CA GLU A 64 -8.89 -4.87 10.35
C GLU A 64 -9.82 -6.05 10.70
N GLN A 65 -10.27 -6.77 9.65
CA GLN A 65 -11.14 -7.94 9.82
C GLN A 65 -10.41 -9.11 10.51
N ASP A 66 -9.14 -9.31 10.12
CA ASP A 66 -8.31 -10.40 10.68
C ASP A 66 -7.17 -9.88 11.57
N ILE A 67 -7.14 -8.56 11.84
CA ILE A 67 -6.08 -7.94 12.67
C ILE A 67 -5.94 -8.57 14.07
N TYR A 68 -7.06 -8.65 14.81
CA TYR A 68 -7.08 -9.20 16.17
C TYR A 68 -6.63 -10.67 16.21
N GLU A 69 -7.26 -11.52 15.39
CA GLU A 69 -6.93 -12.96 15.34
C GLU A 69 -5.51 -13.25 14.85
N TRP A 70 -5.05 -12.47 13.84
CA TRP A 70 -3.69 -12.63 13.28
C TRP A 70 -2.61 -12.30 14.32
N THR A 71 -2.71 -11.10 14.92
CA THR A 71 -1.76 -10.62 15.94
C THR A 71 -1.78 -11.55 17.17
N LYS A 72 -2.94 -12.16 17.39
CA LYS A 72 -3.18 -13.08 18.52
C LYS A 72 -2.32 -14.36 18.42
N ILE A 73 -2.16 -14.88 17.19
CA ILE A 73 -1.41 -16.12 16.95
C ILE A 73 0.11 -15.89 16.84
N ASN A 74 0.53 -14.89 16.04
CA ASN A 74 1.97 -14.62 15.83
C ASN A 74 2.53 -13.57 16.81
N GLY A 75 1.68 -12.63 17.24
CA GLY A 75 2.12 -11.59 18.17
C GLY A 75 2.41 -10.28 17.48
N GLY A 76 3.20 -9.43 18.15
CA GLY A 76 3.56 -8.13 17.61
C GLY A 76 4.47 -7.34 18.53
N SER A 77 4.03 -7.16 19.78
CA SER A 77 4.80 -6.43 20.78
C SER A 77 5.30 -7.38 21.87
N GLY A 78 6.51 -7.10 22.38
CA GLY A 78 7.11 -7.92 23.42
C GLY A 78 8.35 -8.65 22.94
N GLY A 79 9.51 -8.03 23.14
CA GLY A 79 10.77 -8.63 22.73
C GLY A 79 11.78 -7.59 22.26
N SER A 80 11.74 -7.29 20.95
CA SER A 80 12.65 -6.31 20.35
C SER A 80 11.96 -4.96 20.17
N GLY A 81 10.70 -5.00 19.71
CA GLY A 81 9.93 -3.77 19.49
C GLY A 81 9.23 -3.76 18.15
N GLY A 82 9.72 -2.92 17.24
CA GLY A 82 9.14 -2.80 15.91
C GLY A 82 8.42 -1.49 15.71
N SER A 83 7.08 -1.54 15.81
CA SER A 83 6.24 -0.34 15.63
C SER A 83 5.72 0.17 16.98
N GLY A 84 5.27 -0.76 17.83
CA GLY A 84 4.74 -0.41 19.14
C GLY A 84 3.23 -0.35 19.17
N GLY A 85 2.67 0.70 18.55
CA GLY A 85 1.23 0.86 18.50
C GLY A 85 0.81 1.98 17.57
N ASP A 86 1.25 1.90 16.32
CA ASP A 86 0.93 2.91 15.30
C ASP A 86 0.20 2.27 14.12
N VAL A 87 -0.71 3.04 13.52
CA VAL A 87 -1.50 2.57 12.38
C VAL A 87 -1.35 3.55 11.21
N MET A 88 -1.20 3.00 10.00
CA MET A 88 -1.04 3.81 8.79
C MET A 88 -2.29 3.72 7.92
N VAL A 89 -2.59 4.82 7.22
CA VAL A 89 -3.75 4.90 6.33
C VAL A 89 -3.35 4.68 4.88
N VAL A 90 -4.27 4.09 4.10
CA VAL A 90 -4.06 3.82 2.66
C VAL A 90 -3.76 5.12 1.87
N GLY A 91 -2.51 5.24 1.42
CA GLY A 91 -2.03 6.41 0.66
C GLY A 91 -2.65 6.57 -0.72
N GLU A 92 -1.79 6.50 -1.75
CA GLU A 92 -2.17 6.63 -3.17
C GLU A 92 -3.37 5.72 -3.55
N PRO A 93 -4.05 5.94 -4.73
CA PRO A 93 -5.20 5.11 -5.10
C PRO A 93 -4.91 3.79 -5.78
N THR A 94 -5.82 2.88 -5.46
CA THR A 94 -5.90 1.56 -6.01
C THR A 94 -7.03 1.56 -7.05
N LEU A 95 -7.04 0.55 -7.88
CA LEU A 95 -8.02 0.34 -8.97
C LEU A 95 -9.45 0.74 -8.57
N MET A 96 -9.82 1.97 -8.95
CA MET A 96 -11.14 2.55 -8.68
C MET A 96 -12.25 1.81 -9.44
N GLY A 97 -12.05 1.61 -10.75
CA GLY A 97 -13.05 0.93 -11.58
C GLY A 97 -12.53 -0.35 -12.19
N GLY A 98 -11.87 -0.24 -13.35
CA GLY A 98 -11.32 -1.39 -14.04
C GLY A 98 -10.49 -1.02 -15.26
N GLU A 99 -10.25 -2.02 -16.12
CA GLU A 99 -9.45 -1.83 -17.34
C GLU A 99 -10.36 -1.76 -18.56
N PHE A 100 -9.82 -1.23 -19.67
CA PHE A 100 -10.56 -1.10 -20.93
C PHE A 100 -10.45 -2.36 -21.79
N GLY A 101 -9.23 -2.92 -21.87
CA GLY A 101 -8.99 -4.12 -22.66
C GLY A 101 -7.60 -4.18 -23.24
N ASP A 102 -7.00 -5.37 -23.20
CA ASP A 102 -5.64 -5.58 -23.72
C ASP A 102 -5.62 -6.80 -24.66
N GLU A 103 -6.41 -6.70 -25.74
CA GLU A 103 -6.52 -7.78 -26.74
C GLU A 103 -5.46 -7.65 -27.85
N ASP A 104 -4.94 -6.43 -28.04
CA ASP A 104 -3.93 -6.15 -29.08
C ASP A 104 -2.50 -6.45 -28.59
N GLU A 105 -2.31 -6.48 -27.26
CA GLU A 105 -0.98 -6.75 -26.67
C GLU A 105 -0.71 -8.25 -26.50
N ARG A 106 -1.77 -9.06 -26.59
CA ARG A 106 -1.66 -10.52 -26.44
C ARG A 106 -1.38 -11.23 -27.78
N LEU A 107 -1.88 -10.63 -28.87
CA LEU A 107 -1.69 -11.17 -30.22
C LEU A 107 -0.43 -10.62 -30.89
N ILE A 108 -0.18 -9.32 -30.73
CA ILE A 108 0.99 -8.67 -31.32
C ILE A 108 1.66 -7.72 -30.33
N THR A 109 2.97 -7.53 -30.48
CA THR A 109 3.75 -6.65 -29.62
C THR A 109 4.56 -5.65 -30.44
N ARG A 110 4.36 -4.36 -30.14
CA ARG A 110 5.07 -3.29 -30.84
C ARG A 110 6.16 -2.69 -29.97
N LEU A 111 7.31 -2.42 -30.59
CA LEU A 111 8.47 -1.84 -29.88
C LEU A 111 9.01 -0.62 -30.62
N GLU A 112 9.40 0.40 -29.86
CA GLU A 112 9.94 1.64 -30.42
C GLU A 112 11.45 1.71 -30.23
N ASN A 113 12.15 2.26 -31.22
CA ASN A 113 13.60 2.40 -31.18
C ASN A 113 14.02 3.84 -31.48
N THR A 114 15.07 4.29 -30.77
CA THR A 114 15.59 5.66 -30.95
C THR A 114 16.88 5.66 -31.77
N GLN A 115 17.78 4.72 -31.47
CA GLN A 115 19.06 4.60 -32.17
C GLN A 115 19.01 3.50 -33.23
N PHE A 116 19.78 3.69 -34.30
CA PHE A 116 19.84 2.72 -35.40
C PHE A 116 21.04 1.78 -35.26
N ASP A 117 22.19 2.36 -34.88
CA ASP A 117 23.42 1.59 -34.71
C ASP A 117 23.66 1.26 -33.24
N ALA A 118 23.90 -0.03 -32.96
CA ALA A 118 24.16 -0.50 -31.60
C ALA A 118 25.45 -1.31 -31.51
N ALA A 119 25.68 -2.17 -32.52
CA ALA A 119 26.87 -3.01 -32.58
C ALA A 119 27.96 -2.38 -33.46
N ASN A 120 27.53 -1.75 -34.58
CA ASN A 120 28.42 -1.08 -35.56
C ASN A 120 29.63 -1.93 -35.97
N GLY A 121 29.58 -2.48 -37.19
CA GLY A 121 30.67 -3.30 -37.69
C GLY A 121 30.53 -3.58 -39.18
N ILE A 122 31.68 -3.74 -39.85
CA ILE A 122 31.70 -4.01 -41.29
C ILE A 122 31.89 -5.52 -41.56
N ASP A 123 31.07 -6.06 -42.46
CA ASP A 123 31.13 -7.47 -42.82
C ASP A 123 31.20 -7.63 -44.34
N ASP A 124 31.95 -8.66 -44.79
CA ASP A 124 32.11 -8.94 -46.22
C ASP A 124 31.55 -10.31 -46.57
N GLU A 125 30.85 -10.39 -47.70
CA GLU A 125 30.25 -11.65 -48.17
C GLU A 125 30.85 -12.07 -49.51
N TYR A 3 27.66 17.58 -6.07
CA TYR A 3 26.44 17.05 -6.77
C TYR A 3 25.66 16.10 -5.87
N LEU A 4 24.36 16.32 -5.76
CA LEU A 4 23.47 15.49 -4.94
C LEU A 4 22.29 14.99 -5.76
N ARG A 5 22.17 13.65 -5.85
CA ARG A 5 21.09 12.99 -6.60
C ARG A 5 19.72 13.24 -5.97
N LEU A 6 18.68 13.24 -6.81
CA LEU A 6 17.31 13.46 -6.36
C LEU A 6 16.40 12.31 -6.80
N PHE A 7 15.71 11.71 -5.83
CA PHE A 7 14.80 10.59 -6.09
C PHE A 7 13.45 10.79 -5.39
N GLY A 8 12.40 10.23 -6.00
CA GLY A 8 11.05 10.34 -5.45
C GLY A 8 10.44 9.00 -5.13
N GLN A 9 10.40 8.12 -6.15
CA GLN A 9 9.84 6.77 -5.99
C GLN A 9 10.96 5.75 -5.78
N ASP A 10 10.60 4.55 -5.30
CA ASP A 10 11.56 3.47 -5.04
C ASP A 10 11.93 2.72 -6.34
N GLY A 11 10.91 2.45 -7.17
CA GLY A 11 11.14 1.76 -8.44
C GLY A 11 10.91 0.26 -8.36
N LEU A 12 10.80 -0.28 -7.13
CA LEU A 12 10.59 -1.71 -6.91
C LEU A 12 9.51 -1.96 -5.86
N CYS A 13 8.84 -3.12 -5.99
CA CYS A 13 7.78 -3.51 -5.05
C CYS A 13 8.36 -4.41 -3.97
N ALA A 14 8.34 -3.91 -2.73
CA ALA A 14 8.87 -4.63 -1.56
C ALA A 14 8.07 -5.91 -1.20
N SER A 15 6.94 -6.15 -1.88
CA SER A 15 6.10 -7.32 -1.61
C SER A 15 6.38 -8.46 -2.59
N CYS A 16 6.30 -8.17 -3.90
CA CYS A 16 6.52 -9.19 -4.93
C CYS A 16 7.93 -9.10 -5.54
N ASP A 17 8.75 -8.13 -5.06
CA ASP A 17 10.13 -7.90 -5.54
C ASP A 17 10.19 -7.64 -7.06
N LYS A 18 9.11 -7.06 -7.59
CA LYS A 18 9.02 -6.75 -9.02
C LYS A 18 9.19 -5.24 -9.24
N ARG A 19 9.87 -4.89 -10.34
CA ARG A 19 10.11 -3.48 -10.69
C ARG A 19 8.81 -2.75 -11.02
N ILE A 20 8.57 -1.63 -10.33
CA ILE A 20 7.37 -0.81 -10.56
C ILE A 20 7.53 0.01 -11.86
N ARG A 21 6.43 0.16 -12.60
CA ARG A 21 6.45 0.87 -13.89
C ARG A 21 5.48 2.05 -13.90
N ALA A 22 5.34 2.70 -15.08
CA ALA A 22 4.46 3.87 -15.26
C ALA A 22 2.98 3.58 -14.89
N TYR A 23 2.60 2.29 -14.84
CA TYR A 23 1.24 1.89 -14.48
C TYR A 23 0.99 2.18 -12.99
N GLU A 24 1.76 1.50 -12.12
CA GLU A 24 1.72 1.64 -10.64
C GLU A 24 0.33 1.95 -10.02
N MET A 25 -0.17 3.20 -10.22
CA MET A 25 -1.47 3.66 -9.66
C MET A 25 -1.57 3.35 -8.16
N THR A 26 -0.46 3.64 -7.46
CA THR A 26 -0.34 3.37 -6.02
C THR A 26 -0.16 4.65 -5.20
N MET A 27 -0.26 4.50 -3.88
CA MET A 27 -0.08 5.61 -2.94
C MET A 27 1.28 5.50 -2.25
N ARG A 28 1.77 6.62 -1.70
CA ARG A 28 3.07 6.65 -1.02
C ARG A 28 2.92 6.26 0.45
N VAL A 29 3.62 5.17 0.83
CA VAL A 29 3.59 4.65 2.20
C VAL A 29 4.76 5.28 3.01
N LYS A 30 4.89 4.89 4.29
CA LYS A 30 5.93 5.42 5.19
C LYS A 30 7.36 5.31 4.62
N ASP A 31 7.84 4.07 4.42
CA ASP A 31 9.20 3.86 3.90
C ASP A 31 9.21 3.06 2.59
N LYS A 32 8.38 2.01 2.51
CA LYS A 32 8.33 1.15 1.33
C LYS A 32 7.04 1.35 0.53
N VAL A 33 7.16 1.31 -0.79
CA VAL A 33 6.01 1.44 -1.71
C VAL A 33 5.67 0.06 -2.27
N TYR A 34 4.36 -0.23 -2.39
CA TYR A 34 3.89 -1.52 -2.90
C TYR A 34 2.89 -1.35 -4.03
N HIS A 35 2.78 -2.38 -4.89
CA HIS A 35 1.82 -2.39 -6.02
C HIS A 35 0.38 -2.38 -5.52
N LEU A 36 -0.56 -1.94 -6.38
CA LEU A 36 -1.99 -1.92 -6.01
C LEU A 36 -2.53 -3.34 -5.82
N GLU A 37 -2.18 -4.22 -6.78
CA GLU A 37 -2.58 -5.64 -6.75
C GLU A 37 -1.93 -6.38 -5.57
N CYS A 38 -0.76 -5.89 -5.14
CA CYS A 38 -0.01 -6.48 -4.02
C CYS A 38 -0.43 -5.89 -2.67
N PHE A 39 -1.33 -4.90 -2.70
CA PHE A 39 -1.83 -4.25 -1.49
C PHE A 39 -3.06 -5.00 -0.94
N LYS A 40 -2.86 -6.30 -0.70
CA LYS A 40 -3.93 -7.18 -0.19
C LYS A 40 -3.57 -7.81 1.15
N CYS A 41 -4.58 -8.33 1.87
CA CYS A 41 -4.41 -8.99 3.17
C CYS A 41 -3.59 -10.28 3.05
N ALA A 42 -2.82 -10.58 4.09
CA ALA A 42 -1.98 -11.78 4.13
C ALA A 42 -2.68 -12.99 4.76
N ALA A 43 -3.83 -12.76 5.41
CA ALA A 43 -4.57 -13.84 6.06
C ALA A 43 -5.79 -14.28 5.25
N CYS A 44 -6.62 -13.32 4.82
CA CYS A 44 -7.83 -13.63 4.04
C CYS A 44 -7.65 -13.28 2.56
N GLN A 45 -6.50 -12.64 2.22
CA GLN A 45 -6.15 -12.22 0.83
C GLN A 45 -7.09 -11.15 0.26
N LYS A 46 -7.93 -10.55 1.12
CA LYS A 46 -8.88 -9.51 0.72
C LYS A 46 -8.15 -8.23 0.25
N HIS A 47 -8.87 -7.37 -0.47
CA HIS A 47 -8.30 -6.13 -0.98
C HIS A 47 -8.67 -4.93 -0.09
N PHE A 48 -7.81 -3.92 -0.11
CA PHE A 48 -8.01 -2.71 0.70
C PHE A 48 -8.50 -1.55 -0.17
N SER A 49 -9.33 -0.70 0.43
CA SER A 49 -9.91 0.46 -0.26
C SER A 49 -9.54 1.75 0.47
N VAL A 50 -9.60 2.87 -0.27
CA VAL A 50 -9.29 4.21 0.27
C VAL A 50 -10.29 4.65 1.34
N GLY A 51 -9.76 5.18 2.45
CA GLY A 51 -10.60 5.64 3.55
C GLY A 51 -10.55 4.74 4.77
N ASP A 52 -10.21 3.46 4.56
CA ASP A 52 -10.12 2.47 5.65
C ASP A 52 -8.70 2.40 6.21
N ARG A 53 -8.61 2.01 7.49
CA ARG A 53 -7.31 1.88 8.18
C ARG A 53 -6.69 0.50 7.93
N TYR A 54 -5.38 0.48 7.67
CA TYR A 54 -4.66 -0.77 7.41
C TYR A 54 -3.44 -0.90 8.33
N LEU A 55 -3.05 -2.15 8.59
CA LEU A 55 -1.90 -2.44 9.43
C LEU A 55 -0.79 -3.07 8.58
N LEU A 56 0.43 -2.54 8.73
CA LEU A 56 1.58 -3.03 7.98
C LEU A 56 2.35 -4.07 8.82
N ILE A 57 2.28 -5.33 8.37
CA ILE A 57 2.96 -6.43 9.05
C ILE A 57 4.40 -6.58 8.54
N ASN A 58 5.16 -7.51 9.16
CA ASN A 58 6.57 -7.79 8.82
C ASN A 58 6.83 -7.94 7.31
N SER A 59 5.86 -8.53 6.59
CA SER A 59 6.02 -8.74 5.14
C SER A 59 4.93 -8.04 4.32
N ASP A 60 3.65 -8.33 4.60
CA ASP A 60 2.53 -7.74 3.86
C ASP A 60 1.59 -6.94 4.77
N ILE A 61 0.36 -6.69 4.30
CA ILE A 61 -0.65 -5.94 5.05
C ILE A 61 -1.77 -6.87 5.53
N VAL A 62 -2.28 -6.61 6.74
CA VAL A 62 -3.35 -7.41 7.33
C VAL A 62 -4.57 -6.52 7.62
N CYS A 63 -5.73 -6.93 7.09
CA CYS A 63 -7.00 -6.18 7.28
C CYS A 63 -7.46 -6.18 8.75
N GLU A 64 -8.30 -5.19 9.08
CA GLU A 64 -8.86 -5.03 10.44
C GLU A 64 -9.74 -6.24 10.86
N GLN A 65 -10.20 -7.02 9.87
CA GLN A 65 -11.06 -8.19 10.13
C GLN A 65 -10.32 -9.31 10.88
N ASP A 66 -9.14 -9.71 10.36
CA ASP A 66 -8.34 -10.77 10.98
C ASP A 66 -7.03 -10.23 11.60
N ILE A 67 -6.96 -8.91 11.78
CA ILE A 67 -5.79 -8.22 12.34
C ILE A 67 -5.44 -8.72 13.77
N TYR A 68 -6.45 -8.89 14.61
CA TYR A 68 -6.28 -9.34 16.00
C TYR A 68 -5.68 -10.75 16.09
N GLU A 69 -6.26 -11.71 15.36
CA GLU A 69 -5.80 -13.11 15.36
C GLU A 69 -4.38 -13.26 14.78
N TRP A 70 -4.08 -12.53 13.69
CA TRP A 70 -2.76 -12.58 13.03
C TRP A 70 -1.66 -12.02 13.93
N THR A 71 -1.92 -10.86 14.54
CA THR A 71 -0.96 -10.18 15.43
C THR A 71 -0.68 -11.00 16.69
N LYS A 72 -1.69 -11.78 17.11
CA LYS A 72 -1.60 -12.63 18.29
C LYS A 72 -0.56 -13.76 18.12
N ILE A 73 -0.54 -14.37 16.92
CA ILE A 73 0.39 -15.45 16.61
C ILE A 73 1.76 -14.91 16.15
N ASN A 74 1.71 -13.94 15.23
CA ASN A 74 2.93 -13.32 14.68
C ASN A 74 3.53 -12.26 15.61
N GLY A 75 2.88 -12.04 16.76
CA GLY A 75 3.37 -11.06 17.73
C GLY A 75 3.55 -11.64 19.11
N GLY A 76 3.14 -10.88 20.13
CA GLY A 76 3.27 -11.34 21.50
C GLY A 76 2.20 -10.76 22.41
N SER A 77 1.27 -11.62 22.84
CA SER A 77 0.17 -11.20 23.71
C SER A 77 0.08 -12.11 24.93
N GLY A 78 -0.01 -11.49 26.12
CA GLY A 78 -0.10 -12.24 27.36
C GLY A 78 -0.81 -11.47 28.45
N GLY A 79 -0.07 -10.58 29.13
CA GLY A 79 -0.62 -9.78 30.20
C GLY A 79 0.07 -8.43 30.34
N SER A 80 1.39 -8.46 30.51
CA SER A 80 2.19 -7.25 30.65
C SER A 80 3.31 -7.22 29.62
N GLY A 81 3.53 -6.04 29.02
CA GLY A 81 4.57 -5.87 28.02
C GLY A 81 5.07 -4.44 27.94
N GLY A 82 4.94 -3.83 26.76
CA GLY A 82 5.39 -2.47 26.55
C GLY A 82 4.42 -1.67 25.69
N SER A 83 4.97 -0.68 24.95
CA SER A 83 4.17 0.17 24.08
C SER A 83 4.76 0.20 22.67
N GLY A 84 3.88 0.28 21.67
CA GLY A 84 4.31 0.32 20.28
C GLY A 84 3.32 -0.34 19.35
N GLY A 85 2.72 0.46 18.45
CA GLY A 85 1.75 -0.05 17.49
C GLY A 85 0.83 1.04 16.98
N ASP A 86 1.14 1.57 15.80
CA ASP A 86 0.34 2.63 15.17
C ASP A 86 -0.25 2.13 13.86
N VAL A 87 -1.48 2.58 13.57
CA VAL A 87 -2.18 2.19 12.33
C VAL A 87 -2.14 3.34 11.32
N MET A 88 -2.06 2.99 10.03
CA MET A 88 -2.02 3.99 8.95
C MET A 88 -3.21 3.81 8.01
N VAL A 89 -3.63 4.92 7.39
CA VAL A 89 -4.76 4.92 6.46
C VAL A 89 -4.25 4.87 5.02
N VAL A 90 -4.97 4.12 4.16
CA VAL A 90 -4.60 3.98 2.74
C VAL A 90 -4.72 5.33 2.01
N GLY A 91 -3.58 5.90 1.62
CA GLY A 91 -3.53 7.18 0.92
C GLY A 91 -4.15 7.12 -0.47
N GLU A 92 -4.70 8.27 -0.92
CA GLU A 92 -5.33 8.37 -2.25
C GLU A 92 -4.28 8.21 -3.38
N PRO A 93 -4.33 7.10 -4.19
CA PRO A 93 -3.38 6.88 -5.30
C PRO A 93 -3.52 7.92 -6.42
N THR A 94 -2.51 8.04 -7.27
CA THR A 94 -2.53 9.00 -8.37
C THR A 94 -2.83 8.31 -9.69
N LEU A 95 -4.03 8.58 -10.23
CA LEU A 95 -4.49 8.02 -11.51
C LEU A 95 -3.66 8.51 -12.70
N MET A 96 -3.55 7.68 -13.73
CA MET A 96 -2.80 8.00 -14.95
C MET A 96 -3.44 9.17 -15.73
N GLY A 97 -4.78 9.14 -15.81
CA GLY A 97 -5.51 10.18 -16.52
C GLY A 97 -6.30 9.64 -17.70
N GLY A 98 -7.38 8.91 -17.40
CA GLY A 98 -8.21 8.33 -18.44
C GLY A 98 -9.47 7.69 -17.90
N GLU A 99 -9.32 6.86 -16.86
CA GLU A 99 -10.44 6.17 -16.22
C GLU A 99 -10.95 6.94 -15.01
N PHE A 100 -12.26 6.82 -14.75
CA PHE A 100 -12.90 7.49 -13.62
C PHE A 100 -13.22 6.50 -12.50
N GLY A 101 -13.71 5.31 -12.88
CA GLY A 101 -14.05 4.29 -11.91
C GLY A 101 -15.55 4.19 -11.67
N ASP A 102 -16.06 2.95 -11.67
CA ASP A 102 -17.49 2.71 -11.46
C ASP A 102 -17.72 1.79 -10.26
N GLU A 103 -17.62 2.39 -9.06
CA GLU A 103 -17.81 1.67 -7.80
C GLU A 103 -19.29 1.64 -7.37
N ASP A 104 -20.09 2.56 -7.93
CA ASP A 104 -21.53 2.67 -7.60
C ASP A 104 -22.39 1.69 -8.43
N GLU A 105 -21.87 1.28 -9.60
CA GLU A 105 -22.59 0.36 -10.49
C GLU A 105 -22.31 -1.10 -10.13
N ARG A 106 -21.12 -1.38 -9.59
CA ARG A 106 -20.72 -2.73 -9.20
C ARG A 106 -21.04 -3.02 -7.73
N LEU A 107 -21.59 -2.03 -7.02
CA LEU A 107 -21.94 -2.17 -5.61
C LEU A 107 -23.41 -2.56 -5.44
N ILE A 108 -24.30 -1.88 -6.18
CA ILE A 108 -25.74 -2.15 -6.11
C ILE A 108 -26.22 -2.91 -7.34
N THR A 109 -27.25 -3.75 -7.14
CA THR A 109 -27.83 -4.57 -8.22
C THR A 109 -29.35 -4.62 -8.10
N ARG A 110 -30.02 -4.72 -9.24
CA ARG A 110 -31.49 -4.78 -9.29
C ARG A 110 -31.95 -5.98 -10.10
N LEU A 111 -33.12 -6.52 -9.70
CA LEU A 111 -33.70 -7.69 -10.37
C LEU A 111 -35.11 -7.37 -10.89
N GLU A 112 -35.49 -8.01 -11.99
CA GLU A 112 -36.80 -7.82 -12.60
C GLU A 112 -37.61 -9.11 -12.61
N ASN A 113 -38.93 -8.97 -12.48
CA ASN A 113 -39.84 -10.12 -12.47
C ASN A 113 -40.89 -9.99 -13.56
N THR A 114 -41.26 -11.13 -14.15
CA THR A 114 -42.26 -11.17 -15.22
C THR A 114 -43.45 -12.04 -14.84
N GLN A 115 -43.18 -13.23 -14.29
CA GLN A 115 -44.22 -14.17 -13.87
C GLN A 115 -44.46 -14.09 -12.36
N PHE A 116 -45.72 -14.21 -11.96
CA PHE A 116 -46.11 -14.16 -10.55
C PHE A 116 -46.98 -15.37 -10.19
N ASP A 117 -46.80 -15.88 -8.97
CA ASP A 117 -47.55 -17.02 -8.48
C ASP A 117 -48.34 -16.67 -7.23
N ALA A 118 -49.52 -17.27 -7.09
CA ALA A 118 -50.40 -17.03 -5.94
C ALA A 118 -50.61 -18.30 -5.13
N ALA A 119 -50.67 -18.15 -3.80
CA ALA A 119 -50.86 -19.28 -2.90
C ALA A 119 -52.31 -19.36 -2.42
N ASN A 120 -52.90 -18.20 -2.09
CA ASN A 120 -54.29 -18.15 -1.61
C ASN A 120 -55.23 -17.73 -2.75
N GLY A 121 -56.45 -18.28 -2.73
CA GLY A 121 -57.44 -17.96 -3.75
C GLY A 121 -58.51 -19.04 -3.86
N ILE A 122 -58.62 -19.63 -5.05
CA ILE A 122 -59.61 -20.69 -5.31
C ILE A 122 -58.93 -22.05 -5.50
N ASP A 123 -59.57 -23.10 -4.95
CA ASP A 123 -59.04 -24.46 -5.04
C ASP A 123 -59.77 -25.25 -6.12
N ASP A 124 -59.00 -26.01 -6.90
CA ASP A 124 -59.55 -26.83 -7.99
C ASP A 124 -59.67 -28.29 -7.56
N GLU A 125 -60.79 -28.92 -7.93
CA GLU A 125 -61.05 -30.32 -7.60
C GLU A 125 -60.76 -31.23 -8.80
N TYR A 3 18.79 18.49 -16.38
CA TYR A 3 19.48 19.42 -15.45
C TYR A 3 18.80 19.43 -14.08
N LEU A 4 17.46 19.42 -14.08
CA LEU A 4 16.68 19.44 -12.85
C LEU A 4 16.18 18.03 -12.51
N ARG A 5 16.51 17.57 -11.30
CA ARG A 5 16.11 16.24 -10.81
C ARG A 5 14.59 16.12 -10.64
N LEU A 6 14.07 14.90 -10.79
CA LEU A 6 12.65 14.63 -10.66
C LEU A 6 12.36 13.74 -9.46
N PHE A 7 11.32 14.08 -8.70
CA PHE A 7 10.92 13.32 -7.51
C PHE A 7 9.63 12.55 -7.77
N GLY A 8 9.49 11.41 -7.09
CA GLY A 8 8.30 10.58 -7.24
C GLY A 8 8.36 9.31 -6.40
N GLN A 9 8.29 8.17 -7.08
CA GLN A 9 8.33 6.85 -6.43
C GLN A 9 9.76 6.28 -6.41
N ASP A 10 9.93 5.15 -5.70
CA ASP A 10 11.24 4.49 -5.60
C ASP A 10 11.61 3.74 -6.88
N GLY A 11 10.63 3.02 -7.46
CA GLY A 11 10.85 2.28 -8.69
C GLY A 11 10.79 0.77 -8.53
N LEU A 12 10.92 0.29 -7.29
CA LEU A 12 10.88 -1.16 -7.01
C LEU A 12 9.80 -1.50 -5.99
N CYS A 13 9.26 -2.73 -6.11
CA CYS A 13 8.22 -3.22 -5.21
C CYS A 13 8.85 -4.11 -4.14
N ALA A 14 8.69 -3.71 -2.88
CA ALA A 14 9.24 -4.43 -1.72
C ALA A 14 8.62 -5.82 -1.49
N SER A 15 7.58 -6.18 -2.26
CA SER A 15 6.92 -7.48 -2.09
C SER A 15 7.21 -8.45 -3.25
N CYS A 16 6.95 -8.00 -4.49
CA CYS A 16 7.17 -8.85 -5.67
C CYS A 16 8.53 -8.57 -6.35
N ASP A 17 9.28 -7.57 -5.82
CA ASP A 17 10.61 -7.18 -6.33
C ASP A 17 10.58 -6.74 -7.81
N LYS A 18 9.40 -6.29 -8.27
CA LYS A 18 9.21 -5.84 -9.65
C LYS A 18 9.25 -4.32 -9.73
N ARG A 19 9.76 -3.80 -10.84
CA ARG A 19 9.85 -2.35 -11.08
C ARG A 19 8.45 -1.74 -11.20
N ILE A 20 8.15 -0.77 -10.32
CA ILE A 20 6.84 -0.10 -10.32
C ILE A 20 6.82 1.03 -11.37
N ARG A 21 6.25 0.70 -12.53
CA ARG A 21 6.16 1.62 -13.67
C ARG A 21 4.89 1.37 -14.49
N ALA A 22 4.42 2.43 -15.18
CA ALA A 22 3.22 2.40 -16.06
C ALA A 22 1.94 1.89 -15.36
N TYR A 23 1.88 0.58 -15.04
CA TYR A 23 0.72 -0.05 -14.39
C TYR A 23 0.42 0.61 -13.02
N GLU A 24 1.39 0.48 -12.08
CA GLU A 24 1.33 1.04 -10.71
C GLU A 24 -0.09 1.17 -10.12
N MET A 25 -0.80 2.31 -10.40
CA MET A 25 -2.17 2.58 -9.89
C MET A 25 -2.27 2.43 -8.35
N THR A 26 -1.14 2.64 -7.67
CA THR A 26 -1.07 2.51 -6.20
C THR A 26 -0.65 3.83 -5.53
N MET A 27 -0.56 3.79 -4.20
CA MET A 27 -0.17 4.96 -3.42
C MET A 27 1.25 4.82 -2.85
N ARG A 28 1.77 5.90 -2.28
CA ARG A 28 3.11 5.92 -1.69
C ARG A 28 3.04 5.67 -0.18
N VAL A 29 3.81 4.69 0.29
CA VAL A 29 3.85 4.34 1.72
C VAL A 29 5.01 5.09 2.40
N LYS A 30 5.19 4.85 3.72
CA LYS A 30 6.24 5.49 4.54
C LYS A 30 7.62 5.57 3.85
N ASP A 31 8.25 4.40 3.61
CA ASP A 31 9.57 4.36 2.97
C ASP A 31 9.54 3.56 1.67
N LYS A 32 8.85 2.42 1.68
CA LYS A 32 8.76 1.53 0.52
C LYS A 32 7.42 1.69 -0.22
N VAL A 33 7.45 1.43 -1.53
CA VAL A 33 6.24 1.53 -2.37
C VAL A 33 5.80 0.12 -2.78
N TYR A 34 4.49 -0.15 -2.62
CA TYR A 34 3.93 -1.46 -2.96
C TYR A 34 2.83 -1.34 -4.02
N HIS A 35 2.75 -2.36 -4.90
CA HIS A 35 1.72 -2.42 -5.96
C HIS A 35 0.32 -2.56 -5.35
N LEU A 36 -0.72 -2.34 -6.18
CA LEU A 36 -2.12 -2.47 -5.73
C LEU A 36 -2.45 -3.93 -5.37
N GLU A 37 -2.09 -4.86 -6.27
CA GLU A 37 -2.29 -6.30 -6.06
C GLU A 37 -1.42 -6.83 -4.91
N CYS A 38 -0.26 -6.19 -4.72
CA CYS A 38 0.69 -6.57 -3.68
C CYS A 38 0.33 -5.94 -2.32
N PHE A 39 -0.63 -5.01 -2.34
CA PHE A 39 -1.09 -4.32 -1.12
C PHE A 39 -2.38 -4.98 -0.61
N LYS A 40 -2.29 -6.30 -0.39
CA LYS A 40 -3.44 -7.09 0.10
C LYS A 40 -3.14 -7.79 1.43
N CYS A 41 -4.21 -8.21 2.11
CA CYS A 41 -4.14 -8.91 3.41
C CYS A 41 -3.47 -10.29 3.27
N ALA A 42 -2.74 -10.69 4.32
CA ALA A 42 -2.05 -11.98 4.33
C ALA A 42 -2.88 -13.07 5.03
N ALA A 43 -4.05 -12.68 5.58
CA ALA A 43 -4.93 -13.61 6.27
C ALA A 43 -6.17 -13.94 5.44
N CYS A 44 -6.83 -12.91 4.89
CA CYS A 44 -8.04 -13.11 4.07
C CYS A 44 -7.77 -12.81 2.59
N GLN A 45 -6.56 -12.32 2.29
CA GLN A 45 -6.11 -11.96 0.92
C GLN A 45 -6.91 -10.80 0.30
N LYS A 46 -7.71 -10.11 1.14
CA LYS A 46 -8.53 -8.97 0.69
C LYS A 46 -7.64 -7.78 0.26
N HIS A 47 -8.23 -6.86 -0.51
CA HIS A 47 -7.50 -5.68 -1.00
C HIS A 47 -7.86 -4.44 -0.16
N PHE A 48 -6.93 -3.50 -0.11
CA PHE A 48 -7.12 -2.27 0.65
C PHE A 48 -7.32 -1.07 -0.26
N SER A 49 -8.37 -0.30 0.05
CA SER A 49 -8.73 0.89 -0.72
C SER A 49 -8.72 2.13 0.17
N VAL A 50 -8.86 3.32 -0.45
CA VAL A 50 -8.87 4.61 0.27
C VAL A 50 -10.10 4.75 1.20
N GLY A 51 -9.87 5.34 2.38
CA GLY A 51 -10.93 5.54 3.36
C GLY A 51 -10.81 4.62 4.56
N ASP A 52 -10.30 3.40 4.34
CA ASP A 52 -10.13 2.41 5.41
C ASP A 52 -8.70 2.44 5.95
N ARG A 53 -8.56 2.06 7.23
CA ARG A 53 -7.25 2.02 7.89
C ARG A 53 -6.59 0.65 7.77
N TYR A 54 -5.27 0.64 7.57
CA TYR A 54 -4.51 -0.60 7.42
C TYR A 54 -3.39 -0.70 8.46
N LEU A 55 -3.01 -1.94 8.78
CA LEU A 55 -1.95 -2.21 9.74
C LEU A 55 -0.84 -2.98 9.06
N LEU A 56 0.38 -2.43 9.13
CA LEU A 56 1.56 -3.05 8.52
C LEU A 56 2.20 -4.08 9.47
N ILE A 57 2.09 -5.36 9.09
CA ILE A 57 2.65 -6.45 9.88
C ILE A 57 4.12 -6.72 9.49
N ASN A 58 4.76 -7.66 10.20
CA ASN A 58 6.18 -8.02 10.00
C ASN A 58 6.54 -8.27 8.52
N SER A 59 5.59 -8.82 7.75
CA SER A 59 5.83 -9.11 6.33
C SER A 59 4.95 -8.27 5.40
N ASP A 60 3.62 -8.47 5.47
CA ASP A 60 2.68 -7.74 4.60
C ASP A 60 1.67 -6.91 5.42
N ILE A 61 0.55 -6.51 4.76
CA ILE A 61 -0.50 -5.72 5.40
C ILE A 61 -1.64 -6.64 5.87
N VAL A 62 -2.10 -6.42 7.10
CA VAL A 62 -3.19 -7.21 7.68
C VAL A 62 -4.38 -6.31 8.06
N CYS A 63 -5.56 -6.64 7.51
CA CYS A 63 -6.80 -5.88 7.78
C CYS A 63 -7.24 -5.98 9.26
N GLU A 64 -8.08 -5.03 9.69
CA GLU A 64 -8.61 -5.00 11.06
C GLU A 64 -9.49 -6.22 11.38
N GLN A 65 -9.99 -6.87 10.32
CA GLN A 65 -10.83 -8.06 10.45
C GLN A 65 -10.05 -9.25 11.03
N ASP A 66 -8.81 -9.44 10.56
CA ASP A 66 -7.95 -10.55 11.00
C ASP A 66 -6.76 -10.07 11.85
N ILE A 67 -6.72 -8.77 12.18
CA ILE A 67 -5.60 -8.18 12.97
C ILE A 67 -5.37 -8.90 14.33
N TYR A 68 -6.44 -9.00 15.13
CA TYR A 68 -6.39 -9.63 16.46
C TYR A 68 -5.93 -11.09 16.39
N GLU A 69 -6.60 -11.89 15.54
CA GLU A 69 -6.29 -13.32 15.38
C GLU A 69 -4.89 -13.57 14.78
N TRP A 70 -4.49 -12.71 13.82
CA TRP A 70 -3.17 -12.83 13.17
C TRP A 70 -2.03 -12.56 14.17
N THR A 71 -2.11 -11.42 14.87
CA THR A 71 -1.11 -11.02 15.89
C THR A 71 -1.08 -12.04 17.04
N LYS A 72 -2.23 -12.67 17.28
CA LYS A 72 -2.41 -13.67 18.33
C LYS A 72 -1.56 -14.94 18.09
N ILE A 73 -1.46 -15.36 16.83
CA ILE A 73 -0.71 -16.58 16.46
C ILE A 73 0.80 -16.34 16.28
N ASN A 74 1.18 -15.29 15.54
CA ASN A 74 2.60 -14.99 15.28
C ASN A 74 3.21 -14.02 16.30
N GLY A 75 2.39 -13.11 16.84
CA GLY A 75 2.87 -12.14 17.82
C GLY A 75 2.52 -10.72 17.45
N GLY A 76 2.33 -9.87 18.46
CA GLY A 76 2.00 -8.47 18.25
C GLY A 76 1.10 -7.92 19.34
N SER A 77 1.53 -8.09 20.59
CA SER A 77 0.78 -7.60 21.75
C SER A 77 1.68 -6.80 22.69
N GLY A 78 1.08 -5.79 23.34
CA GLY A 78 1.82 -4.96 24.27
C GLY A 78 1.56 -5.33 25.72
N GLY A 79 1.57 -4.31 26.59
CA GLY A 79 1.33 -4.53 28.01
C GLY A 79 0.93 -3.26 28.74
N SER A 80 1.42 -3.10 29.98
CA SER A 80 1.16 -1.93 30.86
C SER A 80 -0.29 -1.92 31.37
N GLY A 81 -1.26 -2.02 30.46
CA GLY A 81 -2.66 -2.03 30.84
C GLY A 81 -3.57 -2.40 29.67
N GLY A 82 -3.85 -1.42 28.81
CA GLY A 82 -4.71 -1.65 27.66
C GLY A 82 -3.92 -1.85 26.38
N SER A 83 -4.49 -2.62 25.44
CA SER A 83 -3.86 -2.91 24.17
C SER A 83 -4.45 -2.03 23.06
N GLY A 84 -3.55 -1.42 22.26
CA GLY A 84 -3.98 -0.56 21.17
C GLY A 84 -3.00 -0.57 20.01
N GLY A 85 -2.32 0.57 19.81
CA GLY A 85 -1.35 0.70 18.73
C GLY A 85 -1.69 1.82 17.77
N ASP A 86 -0.72 2.18 16.92
CA ASP A 86 -0.89 3.25 15.93
C ASP A 86 -1.24 2.67 14.56
N VAL A 87 -2.30 3.21 13.95
CA VAL A 87 -2.75 2.77 12.63
C VAL A 87 -2.82 3.96 11.67
N MET A 88 -2.43 3.72 10.41
CA MET A 88 -2.46 4.75 9.38
C MET A 88 -3.38 4.36 8.23
N VAL A 89 -3.94 5.38 7.55
CA VAL A 89 -4.85 5.17 6.43
C VAL A 89 -4.09 5.10 5.10
N VAL A 90 -4.69 4.40 4.12
CA VAL A 90 -4.10 4.25 2.77
C VAL A 90 -3.97 5.61 2.07
N GLY A 91 -2.74 5.95 1.67
CA GLY A 91 -2.46 7.22 0.99
C GLY A 91 -3.13 7.35 -0.37
N GLU A 92 -2.97 8.54 -0.98
CA GLU A 92 -3.54 8.84 -2.31
C GLU A 92 -2.91 7.99 -3.43
N PRO A 93 -3.72 7.16 -4.15
CA PRO A 93 -3.20 6.31 -5.25
C PRO A 93 -2.95 7.08 -6.54
N THR A 94 -2.31 6.41 -7.51
CA THR A 94 -2.00 7.02 -8.80
C THR A 94 -2.97 6.52 -9.86
N LEU A 95 -3.84 7.43 -10.32
CA LEU A 95 -4.88 7.13 -11.32
C LEU A 95 -4.32 6.77 -12.70
N MET A 96 -5.12 5.98 -13.44
CA MET A 96 -4.80 5.47 -14.80
C MET A 96 -3.36 4.98 -14.96
N GLY A 97 -3.22 3.66 -15.08
CA GLY A 97 -1.92 3.02 -15.25
C GLY A 97 -2.03 1.55 -15.61
N GLY A 98 -2.99 0.86 -14.98
CA GLY A 98 -3.21 -0.56 -15.25
C GLY A 98 -4.67 -0.93 -15.32
N GLU A 99 -4.99 -2.18 -14.95
CA GLU A 99 -6.36 -2.68 -14.97
C GLU A 99 -6.72 -3.37 -13.65
N PHE A 100 -8.02 -3.58 -13.42
CA PHE A 100 -8.50 -4.23 -12.20
C PHE A 100 -8.60 -5.75 -12.37
N GLY A 101 -9.11 -6.19 -13.53
CA GLY A 101 -9.26 -7.61 -13.80
C GLY A 101 -10.42 -7.92 -14.72
N ASP A 102 -11.36 -8.75 -14.23
CA ASP A 102 -12.54 -9.14 -14.98
C ASP A 102 -13.76 -9.19 -14.06
N GLU A 103 -14.47 -8.06 -13.99
CA GLU A 103 -15.67 -7.92 -13.16
C GLU A 103 -16.94 -8.36 -13.91
N ASP A 104 -16.86 -8.40 -15.25
CA ASP A 104 -18.00 -8.79 -16.10
C ASP A 104 -18.13 -10.31 -16.23
N GLU A 105 -17.03 -11.03 -16.01
CA GLU A 105 -17.02 -12.50 -16.09
C GLU A 105 -17.41 -13.15 -14.76
N ARG A 106 -17.39 -12.36 -13.68
CA ARG A 106 -17.74 -12.85 -12.34
C ARG A 106 -19.24 -12.64 -12.03
N LEU A 107 -19.99 -12.16 -13.04
CA LEU A 107 -21.44 -11.91 -12.88
C LEU A 107 -22.26 -13.15 -13.27
N ILE A 108 -21.85 -13.82 -14.35
CA ILE A 108 -22.54 -15.02 -14.84
C ILE A 108 -21.84 -16.30 -14.37
N THR A 109 -22.56 -17.10 -13.58
CA THR A 109 -22.02 -18.36 -13.05
C THR A 109 -23.08 -19.45 -13.06
N ARG A 110 -22.63 -20.70 -13.25
CA ARG A 110 -23.51 -21.86 -13.30
C ARG A 110 -23.35 -22.72 -12.06
N LEU A 111 -24.44 -23.37 -11.64
CA LEU A 111 -24.45 -24.23 -10.46
C LEU A 111 -24.79 -25.67 -10.84
N GLU A 112 -24.19 -26.63 -10.10
CA GLU A 112 -24.40 -28.09 -10.31
C GLU A 112 -23.93 -28.54 -11.70
N ASN A 113 -23.06 -29.55 -11.73
CA ASN A 113 -22.53 -30.10 -12.97
C ASN A 113 -22.98 -31.54 -13.17
N THR A 114 -23.28 -31.88 -14.42
CA THR A 114 -23.74 -33.24 -14.77
C THR A 114 -22.60 -34.05 -15.41
N GLN A 115 -22.32 -35.22 -14.80
CA GLN A 115 -21.26 -36.10 -15.28
C GLN A 115 -21.79 -37.53 -15.43
N PHE A 116 -21.34 -38.22 -16.49
CA PHE A 116 -21.75 -39.59 -16.77
C PHE A 116 -20.63 -40.57 -16.41
N ASP A 117 -20.98 -41.61 -15.64
CA ASP A 117 -20.01 -42.62 -15.22
C ASP A 117 -20.54 -44.04 -15.49
N ALA A 118 -19.62 -44.96 -15.76
CA ALA A 118 -19.98 -46.35 -16.05
C ALA A 118 -19.77 -47.23 -14.82
N ALA A 119 -20.67 -48.20 -14.65
CA ALA A 119 -20.60 -49.13 -13.52
C ALA A 119 -19.98 -50.47 -13.93
N ASN A 120 -20.37 -50.97 -15.10
CA ASN A 120 -19.85 -52.24 -15.62
C ASN A 120 -18.74 -52.00 -16.64
N GLY A 121 -17.76 -52.92 -16.66
CA GLY A 121 -16.64 -52.81 -17.58
C GLY A 121 -15.44 -53.62 -17.14
N ILE A 122 -15.49 -54.94 -17.40
CA ILE A 122 -14.41 -55.85 -17.03
C ILE A 122 -13.67 -56.39 -18.26
N ASP A 123 -14.44 -56.70 -19.32
CA ASP A 123 -13.87 -57.22 -20.56
C ASP A 123 -14.46 -56.50 -21.77
N ASP A 124 -13.66 -56.40 -22.85
CA ASP A 124 -14.04 -55.73 -24.13
C ASP A 124 -14.33 -54.23 -23.92
N GLU A 125 -13.62 -53.41 -24.70
CA GLU A 125 -13.77 -51.95 -24.62
C GLU A 125 -14.49 -51.41 -25.86
N TYR A 3 4.26 19.95 -17.99
CA TYR A 3 5.49 19.44 -18.66
C TYR A 3 6.30 18.55 -17.72
N LEU A 4 6.37 18.94 -16.43
CA LEU A 4 7.11 18.18 -15.43
C LEU A 4 6.18 17.21 -14.68
N ARG A 5 6.62 15.95 -14.60
CA ARG A 5 5.85 14.88 -13.93
C ARG A 5 5.73 15.13 -12.42
N LEU A 6 4.50 15.02 -11.91
CA LEU A 6 4.22 15.23 -10.49
C LEU A 6 4.27 13.91 -9.70
N PHE A 7 4.93 13.94 -8.53
CA PHE A 7 5.09 12.77 -7.64
C PHE A 7 5.93 11.66 -8.27
N GLY A 8 6.69 10.95 -7.44
CA GLY A 8 7.54 9.86 -7.91
C GLY A 8 7.52 8.66 -6.98
N GLN A 9 8.27 7.61 -7.37
CA GLN A 9 8.36 6.39 -6.58
C GLN A 9 9.84 5.99 -6.37
N ASP A 10 10.06 4.89 -5.61
CA ASP A 10 11.41 4.39 -5.33
C ASP A 10 12.03 3.69 -6.54
N GLY A 11 11.21 2.90 -7.25
CA GLY A 11 11.68 2.19 -8.44
C GLY A 11 11.25 0.73 -8.49
N LEU A 12 11.31 0.05 -7.34
CA LEU A 12 10.94 -1.37 -7.25
C LEU A 12 10.00 -1.64 -6.09
N CYS A 13 9.26 -2.76 -6.18
CA CYS A 13 8.30 -3.19 -5.16
C CYS A 13 9.02 -3.79 -3.95
N ALA A 14 8.40 -3.62 -2.78
CA ALA A 14 8.93 -4.15 -1.51
C ALA A 14 8.93 -5.67 -1.48
N SER A 15 7.90 -6.27 -2.10
CA SER A 15 7.76 -7.73 -2.16
C SER A 15 8.28 -8.30 -3.49
N CYS A 16 8.02 -7.59 -4.60
CA CYS A 16 8.48 -8.02 -5.93
C CYS A 16 9.75 -7.29 -6.33
N ASP A 17 10.60 -7.99 -7.10
CA ASP A 17 11.86 -7.42 -7.59
C ASP A 17 11.62 -6.84 -9.00
N LYS A 18 10.43 -6.25 -9.19
CA LYS A 18 10.02 -5.68 -10.46
C LYS A 18 9.92 -4.16 -10.36
N ARG A 19 10.37 -3.48 -11.42
CA ARG A 19 10.32 -2.01 -11.50
C ARG A 19 8.88 -1.49 -11.54
N ILE A 20 8.50 -0.75 -10.50
CA ILE A 20 7.14 -0.18 -10.40
C ILE A 20 6.98 0.98 -11.41
N ARG A 21 6.37 0.64 -12.55
CA ARG A 21 6.15 1.61 -13.66
C ARG A 21 4.85 1.29 -14.44
N ALA A 22 4.63 2.06 -15.53
CA ALA A 22 3.46 1.92 -16.45
C ALA A 22 2.10 1.97 -15.72
N TYR A 23 1.66 0.83 -15.17
CA TYR A 23 0.38 0.74 -14.46
C TYR A 23 0.51 1.31 -13.04
N GLU A 24 1.45 0.73 -12.27
CA GLU A 24 1.76 1.12 -10.87
C GLU A 24 0.56 1.71 -10.09
N MET A 25 0.32 3.05 -10.21
CA MET A 25 -0.78 3.76 -9.52
C MET A 25 -0.87 3.38 -8.03
N THR A 26 0.25 3.52 -7.34
CA THR A 26 0.36 3.18 -5.92
C THR A 26 0.66 4.39 -5.05
N MET A 27 0.42 4.24 -3.74
CA MET A 27 0.68 5.29 -2.76
C MET A 27 1.96 4.96 -1.99
N ARG A 28 2.65 6.01 -1.51
CA ARG A 28 3.91 5.85 -0.75
C ARG A 28 3.64 5.48 0.70
N VAL A 29 4.17 4.32 1.12
CA VAL A 29 4.01 3.82 2.49
C VAL A 29 5.14 4.38 3.38
N LYS A 30 5.15 4.01 4.68
CA LYS A 30 6.14 4.49 5.66
C LYS A 30 7.59 4.44 5.16
N ASP A 31 8.12 3.24 4.89
CA ASP A 31 9.50 3.09 4.42
C ASP A 31 9.56 2.42 3.04
N LYS A 32 8.79 1.34 2.86
CA LYS A 32 8.79 0.58 1.61
C LYS A 32 7.47 0.76 0.85
N VAL A 33 7.55 0.64 -0.49
CA VAL A 33 6.37 0.77 -1.36
C VAL A 33 5.96 -0.59 -1.93
N TYR A 34 4.66 -0.75 -2.21
CA TYR A 34 4.12 -2.01 -2.74
C TYR A 34 3.20 -1.74 -3.94
N HIS A 35 3.09 -2.75 -4.84
CA HIS A 35 2.21 -2.66 -6.02
C HIS A 35 0.73 -2.60 -5.59
N LEU A 36 -0.16 -2.18 -6.52
CA LEU A 36 -1.61 -2.11 -6.22
C LEU A 36 -2.16 -3.49 -5.83
N GLU A 37 -1.84 -4.50 -6.66
CA GLU A 37 -2.26 -5.89 -6.42
C GLU A 37 -1.57 -6.48 -5.18
N CYS A 38 -0.42 -5.89 -4.81
CA CYS A 38 0.37 -6.33 -3.65
C CYS A 38 -0.15 -5.69 -2.34
N PHE A 39 -1.17 -4.84 -2.45
CA PHE A 39 -1.78 -4.17 -1.30
C PHE A 39 -3.00 -4.98 -0.81
N LYS A 40 -2.75 -6.27 -0.53
CA LYS A 40 -3.81 -7.19 -0.07
C LYS A 40 -3.47 -7.78 1.30
N CYS A 41 -4.50 -8.32 1.97
CA CYS A 41 -4.36 -8.95 3.30
C CYS A 41 -3.52 -10.22 3.24
N ALA A 42 -2.77 -10.49 4.31
CA ALA A 42 -1.92 -11.68 4.40
C ALA A 42 -2.63 -12.86 5.05
N ALA A 43 -3.85 -12.63 5.55
CA ALA A 43 -4.62 -13.69 6.23
C ALA A 43 -5.80 -14.17 5.36
N CYS A 44 -6.61 -13.23 4.85
CA CYS A 44 -7.76 -13.58 4.01
C CYS A 44 -7.51 -13.23 2.53
N GLN A 45 -6.36 -12.58 2.25
CA GLN A 45 -5.95 -12.17 0.89
C GLN A 45 -6.89 -11.11 0.27
N LYS A 46 -7.78 -10.53 1.10
CA LYS A 46 -8.73 -9.51 0.64
C LYS A 46 -8.00 -8.22 0.22
N HIS A 47 -8.70 -7.37 -0.54
CA HIS A 47 -8.14 -6.11 -1.02
C HIS A 47 -8.59 -4.94 -0.15
N PHE A 48 -7.73 -3.93 -0.05
CA PHE A 48 -8.02 -2.73 0.75
C PHE A 48 -8.47 -1.58 -0.14
N SER A 49 -9.37 -0.77 0.40
CA SER A 49 -9.91 0.39 -0.31
C SER A 49 -9.64 1.68 0.45
N VAL A 50 -9.68 2.81 -0.28
CA VAL A 50 -9.45 4.16 0.30
C VAL A 50 -10.55 4.55 1.30
N GLY A 51 -10.13 5.10 2.45
CA GLY A 51 -11.08 5.51 3.47
C GLY A 51 -11.06 4.61 4.70
N ASP A 52 -10.60 3.37 4.52
CA ASP A 52 -10.52 2.40 5.61
C ASP A 52 -9.12 2.36 6.22
N ARG A 53 -9.05 1.97 7.50
CA ARG A 53 -7.77 1.88 8.22
C ARG A 53 -7.12 0.52 8.03
N TYR A 54 -5.80 0.51 7.86
CA TYR A 54 -5.05 -0.74 7.65
C TYR A 54 -3.85 -0.82 8.60
N LEU A 55 -3.39 -2.05 8.85
CA LEU A 55 -2.24 -2.30 9.71
C LEU A 55 -1.10 -2.89 8.88
N LEU A 56 0.09 -2.29 9.01
CA LEU A 56 1.28 -2.74 8.28
C LEU A 56 2.06 -3.76 9.12
N ILE A 57 2.12 -5.00 8.62
CA ILE A 57 2.85 -6.07 9.29
C ILE A 57 4.29 -6.17 8.76
N ASN A 58 5.08 -7.08 9.37
CA ASN A 58 6.50 -7.29 9.02
C ASN A 58 6.76 -7.43 7.52
N SER A 59 5.81 -8.05 6.79
CA SER A 59 5.96 -8.25 5.34
C SER A 59 4.85 -7.58 4.52
N ASP A 60 3.59 -7.92 4.81
CA ASP A 60 2.44 -7.36 4.07
C ASP A 60 1.48 -6.60 5.00
N ILE A 61 0.24 -6.39 4.51
CA ILE A 61 -0.80 -5.67 5.27
C ILE A 61 -1.90 -6.65 5.71
N VAL A 62 -2.42 -6.45 6.92
CA VAL A 62 -3.47 -7.30 7.47
C VAL A 62 -4.72 -6.47 7.80
N CYS A 63 -5.88 -6.91 7.30
CA CYS A 63 -7.17 -6.24 7.53
C CYS A 63 -7.58 -6.29 9.01
N GLU A 64 -8.48 -5.35 9.40
CA GLU A 64 -9.00 -5.28 10.78
C GLU A 64 -9.76 -6.55 11.18
N GLN A 65 -10.23 -7.30 10.16
CA GLN A 65 -10.95 -8.56 10.39
C GLN A 65 -10.03 -9.64 10.98
N ASP A 66 -8.78 -9.71 10.47
CA ASP A 66 -7.80 -10.71 10.92
C ASP A 66 -6.65 -10.08 11.74
N ILE A 67 -6.73 -8.77 12.02
CA ILE A 67 -5.68 -8.04 12.76
C ILE A 67 -5.34 -8.68 14.13
N TYR A 68 -6.37 -8.87 14.97
CA TYR A 68 -6.20 -9.44 16.32
C TYR A 68 -5.58 -10.85 16.30
N GLU A 69 -6.17 -11.77 15.52
CA GLU A 69 -5.69 -13.16 15.41
C GLU A 69 -4.29 -13.26 14.79
N TRP A 70 -4.03 -12.46 13.74
CA TRP A 70 -2.74 -12.45 13.03
C TRP A 70 -1.59 -11.97 13.94
N THR A 71 -1.79 -10.80 14.58
CA THR A 71 -0.79 -10.21 15.49
C THR A 71 -0.53 -11.11 16.70
N LYS A 72 -1.56 -11.87 17.07
CA LYS A 72 -1.51 -12.81 18.20
C LYS A 72 -0.53 -13.97 17.94
N ILE A 73 -0.56 -14.50 16.70
CA ILE A 73 0.30 -15.61 16.30
C ILE A 73 1.69 -15.14 15.85
N ASN A 74 1.72 -14.10 15.00
CA ASN A 74 2.98 -13.55 14.47
C ASN A 74 3.72 -12.68 15.49
N GLY A 75 2.97 -12.03 16.39
CA GLY A 75 3.56 -11.18 17.41
C GLY A 75 3.69 -11.87 18.75
N GLY A 76 3.12 -11.25 19.78
CA GLY A 76 3.17 -11.81 21.13
C GLY A 76 2.99 -10.76 22.21
N SER A 77 1.93 -10.91 22.99
CA SER A 77 1.62 -9.97 24.07
C SER A 77 2.06 -10.54 25.43
N GLY A 78 2.55 -9.65 26.30
CA GLY A 78 3.00 -10.07 27.62
C GLY A 78 4.46 -9.73 27.86
N GLY A 79 4.70 -8.65 28.62
CA GLY A 79 6.05 -8.23 28.94
C GLY A 79 6.50 -7.05 28.09
N SER A 80 7.80 -7.02 27.76
CA SER A 80 8.37 -5.95 26.95
C SER A 80 8.85 -6.48 25.61
N GLY A 81 8.47 -5.80 24.53
CA GLY A 81 8.86 -6.21 23.19
C GLY A 81 7.82 -5.84 22.15
N GLY A 82 8.04 -4.74 21.44
CA GLY A 82 7.12 -4.28 20.42
C GLY A 82 7.12 -2.78 20.27
N SER A 83 7.45 -2.30 19.05
CA SER A 83 7.49 -0.87 18.76
C SER A 83 6.60 -0.55 17.56
N GLY A 84 5.88 0.57 17.65
CA GLY A 84 5.01 1.01 16.58
C GLY A 84 3.55 0.67 16.85
N GLY A 85 2.78 1.69 17.26
CA GLY A 85 1.37 1.51 17.55
C GLY A 85 0.50 2.59 16.95
N ASP A 86 0.65 2.80 15.63
CA ASP A 86 -0.12 3.81 14.91
C ASP A 86 -0.75 3.22 13.66
N VAL A 87 -2.04 3.48 13.47
CA VAL A 87 -2.78 2.98 12.30
C VAL A 87 -3.03 4.12 11.31
N MET A 88 -2.78 3.84 10.03
CA MET A 88 -2.97 4.82 8.96
C MET A 88 -3.98 4.34 7.92
N VAL A 89 -4.60 5.30 7.22
CA VAL A 89 -5.59 5.01 6.19
C VAL A 89 -4.91 4.99 4.80
N VAL A 90 -5.44 4.16 3.89
CA VAL A 90 -4.89 4.03 2.52
C VAL A 90 -5.07 5.33 1.73
N GLY A 91 -3.95 6.01 1.47
CA GLY A 91 -3.96 7.26 0.71
C GLY A 91 -4.30 7.06 -0.76
N GLU A 92 -4.55 8.17 -1.48
CA GLU A 92 -4.88 8.14 -2.91
C GLU A 92 -3.68 7.66 -3.75
N PRO A 93 -3.91 7.12 -5.00
CA PRO A 93 -2.80 6.64 -5.85
C PRO A 93 -2.02 7.78 -6.51
N THR A 94 -0.69 7.67 -6.50
CA THR A 94 0.19 8.69 -7.09
C THR A 94 1.04 8.10 -8.21
N LEU A 95 0.89 8.65 -9.42
CA LEU A 95 1.63 8.21 -10.60
C LEU A 95 3.15 8.47 -10.46
N MET A 96 3.96 7.63 -11.13
CA MET A 96 5.42 7.74 -11.10
C MET A 96 5.90 9.04 -11.78
N GLY A 97 7.05 9.53 -11.32
CA GLY A 97 7.62 10.76 -11.87
C GLY A 97 9.13 10.73 -11.91
N GLY A 98 9.76 11.01 -10.76
CA GLY A 98 11.21 11.01 -10.67
C GLY A 98 11.72 11.76 -9.46
N GLU A 99 11.88 11.05 -8.34
CA GLU A 99 12.35 11.64 -7.09
C GLU A 99 13.51 10.84 -6.51
N PHE A 100 14.58 11.53 -6.12
CA PHE A 100 15.78 10.90 -5.56
C PHE A 100 16.18 11.55 -4.23
N GLY A 101 16.02 12.88 -4.14
CA GLY A 101 16.36 13.62 -2.93
C GLY A 101 15.19 13.77 -1.97
N ASP A 102 15.13 14.93 -1.31
CA ASP A 102 14.06 15.24 -0.35
C ASP A 102 13.65 16.71 -0.45
N GLU A 103 12.62 16.97 -1.26
CA GLU A 103 12.10 18.32 -1.48
C GLU A 103 11.01 18.69 -0.44
N ASP A 104 10.45 17.66 0.21
CA ASP A 104 9.40 17.86 1.22
C ASP A 104 9.98 18.21 2.60
N GLU A 105 11.22 17.75 2.85
CA GLU A 105 11.90 18.00 4.14
C GLU A 105 12.66 19.33 4.12
N ARG A 106 12.78 19.93 2.93
CA ARG A 106 13.48 21.22 2.77
C ARG A 106 12.55 22.41 2.97
N LEU A 107 11.24 22.14 3.10
CA LEU A 107 10.23 23.19 3.30
C LEU A 107 9.98 23.43 4.80
N ILE A 108 9.97 22.34 5.60
CA ILE A 108 9.75 22.38 7.06
C ILE A 108 8.32 22.86 7.39
N THR A 109 7.63 22.08 8.21
CA THR A 109 6.25 22.41 8.62
C THR A 109 6.22 23.03 10.01
N ARG A 110 5.21 23.88 10.25
CA ARG A 110 5.05 24.57 11.53
C ARG A 110 4.00 23.87 12.38
N LEU A 111 4.19 23.92 13.70
CA LEU A 111 3.25 23.30 14.65
C LEU A 111 2.80 24.32 15.70
N GLU A 112 1.56 24.13 16.18
CA GLU A 112 0.97 25.02 17.19
C GLU A 112 0.44 24.22 18.39
N ASN A 113 0.52 24.83 19.57
CA ASN A 113 0.04 24.20 20.80
C ASN A 113 -1.21 24.89 21.33
N THR A 114 -2.11 24.10 21.93
CA THR A 114 -3.37 24.61 22.47
C THR A 114 -3.30 24.71 24.00
N GLN A 115 -2.83 23.61 24.64
CA GLN A 115 -2.70 23.52 26.13
C GLN A 115 -4.06 23.61 26.83
N PHE A 116 -4.34 22.62 27.70
CA PHE A 116 -5.60 22.53 28.47
C PHE A 116 -6.82 22.37 27.57
N ASP A 117 -7.63 21.34 27.85
CA ASP A 117 -8.84 21.05 27.08
C ASP A 117 -10.07 21.16 27.96
N ALA A 118 -11.09 21.89 27.47
CA ALA A 118 -12.38 22.10 28.17
C ALA A 118 -12.20 22.85 29.51
N ALA A 119 -12.91 23.97 29.65
CA ALA A 119 -12.83 24.79 30.85
C ALA A 119 -14.05 24.57 31.76
N ASN A 120 -15.24 24.52 31.14
CA ASN A 120 -16.49 24.32 31.87
C ASN A 120 -17.30 23.19 31.25
N GLY A 121 -17.90 22.36 32.10
CA GLY A 121 -18.70 21.23 31.63
C GLY A 121 -17.95 19.92 31.67
N ILE A 122 -18.05 19.22 32.80
CA ILE A 122 -17.38 17.93 32.99
C ILE A 122 -18.40 16.81 33.23
N ASP A 123 -18.26 15.72 32.47
CA ASP A 123 -19.17 14.56 32.59
C ASP A 123 -18.39 13.25 32.65
N ASP A 124 -17.35 13.14 31.81
CA ASP A 124 -16.51 11.94 31.75
C ASP A 124 -15.22 12.14 32.55
N GLU A 125 -14.70 11.04 33.09
CA GLU A 125 -13.46 11.07 33.87
C GLU A 125 -12.26 10.63 33.02
N TYR A 3 12.26 13.41 -9.65
CA TYR A 3 13.06 13.83 -10.82
C TYR A 3 12.15 14.19 -11.99
N LEU A 4 12.49 15.30 -12.67
CA LEU A 4 11.72 15.78 -13.82
C LEU A 4 12.40 15.37 -15.14
N ARG A 5 13.72 15.60 -15.21
CA ARG A 5 14.51 15.26 -16.41
C ARG A 5 14.56 13.75 -16.68
N LEU A 6 14.70 12.97 -15.60
CA LEU A 6 14.77 11.51 -15.71
C LEU A 6 13.42 10.87 -15.37
N PHE A 7 13.12 9.76 -16.04
CA PHE A 7 11.87 9.04 -15.83
C PHE A 7 12.11 7.72 -15.10
N GLY A 8 11.14 7.34 -14.26
CA GLY A 8 11.25 6.11 -13.50
C GLY A 8 11.14 6.33 -12.00
N GLN A 9 10.63 5.32 -11.29
CA GLN A 9 10.45 5.40 -9.84
C GLN A 9 11.52 4.60 -9.11
N ASP A 10 11.83 5.04 -7.89
CA ASP A 10 12.82 4.39 -7.04
C ASP A 10 12.15 3.51 -5.98
N GLY A 11 10.81 3.67 -5.86
CA GLY A 11 10.04 2.90 -4.89
C GLY A 11 9.54 1.59 -5.42
N LEU A 12 10.41 0.57 -5.41
CA LEU A 12 10.09 -0.79 -5.87
C LEU A 12 9.10 -1.49 -4.93
N CYS A 13 8.40 -2.51 -5.45
CA CYS A 13 7.41 -3.26 -4.68
C CYS A 13 8.10 -4.31 -3.79
N ALA A 14 8.07 -4.05 -2.48
CA ALA A 14 8.68 -4.93 -1.46
C ALA A 14 8.01 -6.31 -1.34
N SER A 15 6.82 -6.47 -1.93
CA SER A 15 6.09 -7.75 -1.86
C SER A 15 6.40 -8.67 -3.05
N CYS A 16 6.29 -8.13 -4.28
CA CYS A 16 6.55 -8.92 -5.48
C CYS A 16 7.96 -8.65 -6.06
N ASP A 17 8.76 -7.84 -5.31
CA ASP A 17 10.14 -7.45 -5.70
C ASP A 17 10.27 -7.07 -7.18
N LYS A 18 9.31 -6.26 -7.65
CA LYS A 18 9.28 -5.81 -9.05
C LYS A 18 9.35 -4.29 -9.11
N ARG A 19 9.90 -3.77 -10.22
CA ARG A 19 10.04 -2.32 -10.45
C ARG A 19 8.68 -1.64 -10.57
N ILE A 20 8.44 -0.65 -9.72
CA ILE A 20 7.18 0.12 -9.73
C ILE A 20 7.31 1.28 -10.74
N ARG A 21 6.77 1.04 -11.95
CA ARG A 21 6.83 2.02 -13.04
C ARG A 21 5.60 1.93 -13.96
N ALA A 22 5.32 3.05 -14.66
CA ALA A 22 4.20 3.17 -15.63
C ALA A 22 2.81 2.87 -15.04
N TYR A 23 2.53 1.58 -14.75
CA TYR A 23 1.23 1.15 -14.21
C TYR A 23 1.02 1.68 -12.78
N GLU A 24 1.89 1.24 -11.84
CA GLU A 24 1.86 1.62 -10.41
C GLU A 24 0.44 1.86 -9.85
N MET A 25 -0.11 3.09 -10.04
CA MET A 25 -1.46 3.48 -9.56
C MET A 25 -1.68 3.17 -8.06
N THR A 26 -0.61 3.33 -7.28
CA THR A 26 -0.63 3.06 -5.84
C THR A 26 -0.21 4.29 -5.04
N MET A 27 -0.32 4.19 -3.72
CA MET A 27 0.06 5.27 -2.83
C MET A 27 1.43 5.04 -2.22
N ARG A 28 2.04 6.11 -1.69
CA ARG A 28 3.37 6.03 -1.07
C ARG A 28 3.26 5.70 0.43
N VAL A 29 3.85 4.55 0.80
CA VAL A 29 3.83 4.08 2.20
C VAL A 29 5.07 4.64 2.95
N LYS A 30 5.21 4.28 4.24
CA LYS A 30 6.32 4.76 5.09
C LYS A 30 7.71 4.56 4.45
N ASP A 31 8.15 3.30 4.33
CA ASP A 31 9.46 2.99 3.75
C ASP A 31 9.35 2.10 2.51
N LYS A 32 8.43 1.12 2.56
CA LYS A 32 8.24 0.18 1.45
C LYS A 32 6.99 0.50 0.64
N VAL A 33 7.15 0.53 -0.69
CA VAL A 33 6.03 0.80 -1.61
C VAL A 33 5.53 -0.52 -2.20
N TYR A 34 4.21 -0.63 -2.38
CA TYR A 34 3.60 -1.85 -2.93
C TYR A 34 2.57 -1.53 -4.00
N HIS A 35 2.45 -2.43 -5.00
CA HIS A 35 1.49 -2.29 -6.10
C HIS A 35 0.05 -2.38 -5.60
N LEU A 36 -0.92 -1.96 -6.43
CA LEU A 36 -2.35 -2.01 -6.07
C LEU A 36 -2.83 -3.47 -5.92
N GLU A 37 -2.47 -4.31 -6.91
CA GLU A 37 -2.81 -5.74 -6.90
C GLU A 37 -2.08 -6.48 -5.76
N CYS A 38 -0.91 -5.95 -5.39
CA CYS A 38 -0.07 -6.53 -4.32
C CYS A 38 -0.49 -6.03 -2.93
N PHE A 39 -1.40 -5.04 -2.92
CA PHE A 39 -1.90 -4.45 -1.67
C PHE A 39 -3.15 -5.21 -1.18
N LYS A 40 -2.95 -6.49 -0.86
CA LYS A 40 -4.02 -7.37 -0.40
C LYS A 40 -3.72 -7.93 0.99
N CYS A 41 -4.75 -8.50 1.65
CA CYS A 41 -4.60 -9.08 2.99
C CYS A 41 -3.69 -10.32 2.98
N ALA A 42 -2.96 -10.51 4.08
CA ALA A 42 -2.06 -11.65 4.24
C ALA A 42 -2.77 -12.81 4.93
N ALA A 43 -4.00 -12.55 5.41
CA ALA A 43 -4.80 -13.55 6.11
C ALA A 43 -6.01 -13.99 5.27
N CYS A 44 -6.61 -13.03 4.54
CA CYS A 44 -7.78 -13.32 3.69
C CYS A 44 -7.46 -13.15 2.21
N GLN A 45 -6.34 -12.45 1.91
CA GLN A 45 -5.89 -12.17 0.52
C GLN A 45 -6.81 -11.17 -0.20
N LYS A 46 -7.81 -10.63 0.54
CA LYS A 46 -8.77 -9.65 0.01
C LYS A 46 -8.08 -8.33 -0.34
N HIS A 47 -8.78 -7.45 -1.07
CA HIS A 47 -8.25 -6.15 -1.47
C HIS A 47 -8.70 -5.05 -0.51
N PHE A 48 -7.89 -3.99 -0.42
CA PHE A 48 -8.16 -2.85 0.45
C PHE A 48 -8.71 -1.66 -0.33
N SER A 49 -9.42 -0.79 0.37
CA SER A 49 -10.02 0.41 -0.24
C SER A 49 -9.50 1.68 0.42
N VAL A 50 -9.49 2.78 -0.36
CA VAL A 50 -9.03 4.09 0.12
C VAL A 50 -9.92 4.66 1.24
N GLY A 51 -9.29 5.05 2.35
CA GLY A 51 -10.03 5.60 3.49
C GLY A 51 -10.10 4.66 4.68
N ASP A 52 -9.83 3.37 4.44
CA ASP A 52 -9.86 2.35 5.49
C ASP A 52 -8.47 2.15 6.10
N ARG A 53 -8.45 1.69 7.37
CA ARG A 53 -7.21 1.44 8.10
C ARG A 53 -6.65 0.05 7.79
N TYR A 54 -5.33 -0.02 7.57
CA TYR A 54 -4.66 -1.28 7.26
C TYR A 54 -3.52 -1.56 8.24
N LEU A 55 -3.09 -2.83 8.26
CA LEU A 55 -1.99 -3.26 9.11
C LEU A 55 -0.79 -3.66 8.26
N LEU A 56 0.40 -3.23 8.71
CA LEU A 56 1.64 -3.54 8.02
C LEU A 56 2.44 -4.51 8.88
N ILE A 57 2.52 -5.76 8.42
CA ILE A 57 3.23 -6.80 9.15
C ILE A 57 4.41 -7.35 8.34
N ASN A 58 5.19 -8.25 8.95
CA ASN A 58 6.35 -8.90 8.31
C ASN A 58 5.96 -9.51 6.96
N SER A 59 4.75 -10.08 6.93
CA SER A 59 4.19 -10.68 5.73
C SER A 59 3.00 -9.86 5.23
N ASP A 60 3.29 -8.93 4.29
CA ASP A 60 2.32 -8.02 3.65
C ASP A 60 1.27 -7.39 4.60
N ILE A 61 0.29 -6.71 3.99
CA ILE A 61 -0.79 -6.02 4.71
C ILE A 61 -1.94 -6.97 5.07
N VAL A 62 -2.38 -6.90 6.33
CA VAL A 62 -3.49 -7.70 6.84
C VAL A 62 -4.66 -6.78 7.21
N CYS A 63 -5.86 -7.16 6.76
CA CYS A 63 -7.10 -6.39 6.99
C CYS A 63 -7.49 -6.33 8.47
N GLU A 64 -8.34 -5.33 8.80
CA GLU A 64 -8.86 -5.09 10.15
C GLU A 64 -9.67 -6.28 10.72
N GLN A 65 -10.11 -7.18 9.83
CA GLN A 65 -10.89 -8.36 10.23
C GLN A 65 -10.06 -9.34 11.09
N ASP A 66 -8.83 -9.64 10.63
CA ASP A 66 -7.94 -10.57 11.35
C ASP A 66 -6.72 -9.85 11.97
N ILE A 67 -6.78 -8.51 12.06
CA ILE A 67 -5.68 -7.70 12.62
C ILE A 67 -5.26 -8.14 14.04
N TYR A 68 -6.23 -8.22 14.96
CA TYR A 68 -5.98 -8.61 16.36
C TYR A 68 -5.38 -10.02 16.46
N GLU A 69 -6.03 -11.00 15.82
CA GLU A 69 -5.58 -12.40 15.84
C GLU A 69 -4.23 -12.60 15.13
N TRP A 70 -4.03 -11.88 14.01
CA TRP A 70 -2.78 -11.96 13.22
C TRP A 70 -1.58 -11.44 14.01
N THR A 71 -1.71 -10.22 14.57
CA THR A 71 -0.63 -9.60 15.36
C THR A 71 -0.36 -10.39 16.64
N LYS A 72 -1.41 -11.05 17.14
CA LYS A 72 -1.35 -11.87 18.35
C LYS A 72 -0.44 -13.10 18.15
N ILE A 73 -0.58 -13.76 16.99
CA ILE A 73 0.19 -14.97 16.67
C ILE A 73 1.57 -14.63 16.07
N ASN A 74 1.59 -13.71 15.10
CA ASN A 74 2.83 -13.31 14.42
C ASN A 74 3.67 -12.33 15.23
N GLY A 75 3.00 -11.51 16.05
CA GLY A 75 3.71 -10.53 16.87
C GLY A 75 3.69 -10.89 18.35
N GLY A 76 3.45 -9.87 19.19
CA GLY A 76 3.40 -10.08 20.63
C GLY A 76 4.46 -9.29 21.37
N SER A 77 5.51 -9.98 21.79
CA SER A 77 6.62 -9.34 22.52
C SER A 77 7.85 -9.21 21.62
N GLY A 78 8.51 -8.05 21.71
CA GLY A 78 9.71 -7.80 20.92
C GLY A 78 10.04 -6.31 20.84
N GLY A 79 11.01 -5.90 21.65
CA GLY A 79 11.44 -4.50 21.68
C GLY A 79 10.86 -3.75 22.86
N SER A 80 10.26 -2.59 22.57
CA SER A 80 9.65 -1.76 23.61
C SER A 80 8.21 -1.42 23.26
N GLY A 81 7.31 -1.61 24.22
CA GLY A 81 5.89 -1.33 24.02
C GLY A 81 4.99 -2.35 24.69
N GLY A 82 4.10 -1.86 25.56
CA GLY A 82 3.17 -2.72 26.28
C GLY A 82 1.76 -2.65 25.73
N SER A 83 1.00 -1.66 26.21
CA SER A 83 -0.38 -1.46 25.77
C SER A 83 -0.47 -0.34 24.73
N GLY A 84 -1.23 -0.60 23.67
CA GLY A 84 -1.41 0.37 22.60
C GLY A 84 -1.61 -0.27 21.24
N GLY A 85 -1.02 0.33 20.21
CA GLY A 85 -1.14 -0.19 18.85
C GLY A 85 -1.35 0.90 17.83
N ASP A 86 -0.40 1.03 16.90
CA ASP A 86 -0.47 2.04 15.84
C ASP A 86 -0.95 1.42 14.53
N VAL A 87 -1.85 2.13 13.84
CA VAL A 87 -2.40 1.67 12.57
C VAL A 87 -2.19 2.74 11.48
N MET A 88 -2.03 2.29 10.24
CA MET A 88 -1.81 3.18 9.10
C MET A 88 -3.01 3.17 8.15
N VAL A 89 -3.34 4.34 7.61
CA VAL A 89 -4.46 4.49 6.69
C VAL A 89 -3.97 4.47 5.23
N VAL A 90 -4.76 3.83 4.34
CA VAL A 90 -4.43 3.73 2.91
C VAL A 90 -4.45 5.13 2.25
N GLY A 91 -3.25 5.61 1.87
CA GLY A 91 -3.12 6.92 1.23
C GLY A 91 -3.75 7.00 -0.15
N GLU A 92 -4.11 8.23 -0.56
CA GLU A 92 -4.72 8.48 -1.87
C GLU A 92 -3.72 8.21 -3.03
N PRO A 93 -3.95 7.13 -3.88
CA PRO A 93 -3.05 6.82 -5.01
C PRO A 93 -3.05 7.90 -6.10
N THR A 94 -2.00 7.89 -6.92
CA THR A 94 -1.87 8.88 -8.02
C THR A 94 -2.19 8.25 -9.36
N LEU A 95 -3.26 8.74 -10.00
CA LEU A 95 -3.71 8.25 -11.32
C LEU A 95 -2.69 8.56 -12.41
N MET A 96 -2.43 7.56 -13.27
CA MET A 96 -1.48 7.70 -14.39
C MET A 96 -1.97 8.71 -15.44
N GLY A 97 -3.27 8.66 -15.74
CA GLY A 97 -3.86 9.58 -16.73
C GLY A 97 -4.39 8.84 -17.94
N GLY A 98 -5.71 8.65 -17.97
CA GLY A 98 -6.36 7.96 -19.08
C GLY A 98 -7.69 8.58 -19.45
N GLU A 99 -8.71 7.73 -19.57
CA GLU A 99 -10.06 8.18 -19.93
C GLU A 99 -10.95 8.31 -18.70
N PHE A 100 -11.52 9.51 -18.50
CA PHE A 100 -12.40 9.77 -17.36
C PHE A 100 -13.86 9.67 -17.79
N GLY A 101 -14.36 8.43 -17.82
CA GLY A 101 -15.74 8.17 -18.19
C GLY A 101 -16.57 7.63 -17.04
N ASP A 102 -17.05 8.55 -16.19
CA ASP A 102 -17.87 8.19 -15.03
C ASP A 102 -19.36 8.35 -15.33
N GLU A 103 -19.69 8.52 -16.61
CA GLU A 103 -21.09 8.69 -17.05
C GLU A 103 -21.76 7.34 -17.34
N ASP A 104 -20.96 6.36 -17.77
CA ASP A 104 -21.46 5.01 -18.09
C ASP A 104 -21.57 4.12 -16.85
N GLU A 105 -20.72 4.39 -15.84
CA GLU A 105 -20.70 3.62 -14.60
C GLU A 105 -21.70 4.16 -13.57
N ARG A 106 -22.04 5.45 -13.69
CA ARG A 106 -22.98 6.10 -12.76
C ARG A 106 -24.42 6.03 -13.28
N LEU A 107 -24.58 6.17 -14.60
CA LEU A 107 -25.90 6.14 -15.24
C LEU A 107 -26.26 4.71 -15.70
N ILE A 108 -25.23 3.95 -16.15
CA ILE A 108 -25.35 2.57 -16.65
C ILE A 108 -26.56 2.34 -17.59
N THR A 109 -26.26 2.22 -18.89
CA THR A 109 -27.29 2.02 -19.91
C THR A 109 -27.13 0.66 -20.59
N ARG A 110 -25.89 0.33 -20.96
CA ARG A 110 -25.58 -0.93 -21.62
C ARG A 110 -24.68 -1.81 -20.74
N LEU A 111 -24.89 -3.13 -20.81
CA LEU A 111 -24.11 -4.09 -20.02
C LEU A 111 -23.24 -4.95 -20.93
N GLU A 112 -22.11 -5.42 -20.38
CA GLU A 112 -21.17 -6.26 -21.12
C GLU A 112 -21.40 -7.73 -20.79
N ASN A 113 -21.58 -8.54 -21.85
CA ASN A 113 -21.81 -9.98 -21.70
C ASN A 113 -20.87 -10.76 -22.62
N THR A 114 -20.50 -11.97 -22.18
CA THR A 114 -19.61 -12.84 -22.95
C THR A 114 -20.39 -13.91 -23.69
N GLN A 115 -20.20 -13.98 -25.02
CA GLN A 115 -20.88 -14.94 -25.87
C GLN A 115 -19.90 -15.98 -26.42
N PHE A 116 -20.38 -17.21 -26.58
CA PHE A 116 -19.57 -18.31 -27.10
C PHE A 116 -19.84 -18.54 -28.59
N ASP A 117 -21.11 -18.51 -28.98
CA ASP A 117 -21.52 -18.72 -30.37
C ASP A 117 -22.26 -17.48 -30.90
N ALA A 118 -22.05 -17.19 -32.20
CA ALA A 118 -22.67 -16.04 -32.89
C ALA A 118 -22.25 -14.69 -32.29
N ALA A 119 -21.73 -13.81 -33.15
CA ALA A 119 -21.28 -12.48 -32.72
C ALA A 119 -22.32 -11.40 -33.04
N ASN A 120 -22.92 -11.49 -34.23
CA ASN A 120 -23.94 -10.54 -34.66
C ASN A 120 -25.28 -11.23 -34.91
N GLY A 121 -25.24 -12.41 -35.55
CA GLY A 121 -26.45 -13.15 -35.84
C GLY A 121 -26.79 -13.16 -37.31
N ILE A 122 -26.57 -14.31 -37.96
CA ILE A 122 -26.86 -14.47 -39.39
C ILE A 122 -28.05 -15.40 -39.62
N ASP A 123 -28.84 -15.09 -40.65
CA ASP A 123 -30.02 -15.88 -41.00
C ASP A 123 -29.88 -16.47 -42.40
N ASP A 124 -30.35 -17.71 -42.55
CA ASP A 124 -30.29 -18.42 -43.84
C ASP A 124 -31.63 -18.36 -44.58
N GLU A 125 -32.73 -18.59 -43.84
CA GLU A 125 -34.07 -18.56 -44.41
C GLU A 125 -34.76 -17.23 -44.09
N TYR A 3 -6.16 23.04 -9.41
CA TYR A 3 -6.33 21.57 -9.55
C TYR A 3 -5.00 20.83 -9.37
N LEU A 4 -3.93 21.38 -9.99
CA LEU A 4 -2.56 20.82 -9.94
C LEU A 4 -2.49 19.43 -10.58
N ARG A 5 -1.64 19.29 -11.60
CA ARG A 5 -1.44 18.02 -12.32
C ARG A 5 -0.81 16.94 -11.42
N LEU A 6 -1.08 15.67 -11.75
CA LEU A 6 -0.56 14.54 -11.00
C LEU A 6 0.72 13.99 -11.64
N PHE A 7 1.70 13.69 -10.79
CA PHE A 7 2.99 13.14 -11.26
C PHE A 7 3.04 11.63 -11.08
N GLY A 8 4.04 10.98 -11.70
CA GLY A 8 4.20 9.53 -11.60
C GLY A 8 4.84 9.09 -10.29
N GLN A 9 5.52 7.94 -10.31
CA GLN A 9 6.18 7.41 -9.12
C GLN A 9 7.67 7.18 -9.35
N ASP A 10 8.42 7.25 -8.26
CA ASP A 10 9.87 7.03 -8.28
C ASP A 10 10.27 5.91 -7.32
N GLY A 11 9.32 5.49 -6.48
CA GLY A 11 9.53 4.44 -5.51
C GLY A 11 9.05 3.09 -6.00
N LEU A 12 9.94 2.36 -6.66
CA LEU A 12 9.68 1.02 -7.21
C LEU A 12 9.18 0.04 -6.14
N CYS A 13 8.50 -1.04 -6.57
CA CYS A 13 7.97 -2.05 -5.64
C CYS A 13 9.09 -2.79 -4.93
N ALA A 14 9.08 -2.69 -3.60
CA ALA A 14 10.07 -3.34 -2.74
C ALA A 14 10.01 -4.88 -2.79
N SER A 15 8.90 -5.43 -3.32
CA SER A 15 8.71 -6.88 -3.41
C SER A 15 9.07 -7.42 -4.80
N CYS A 16 8.69 -6.68 -5.85
CA CYS A 16 8.95 -7.11 -7.24
C CYS A 16 10.19 -6.45 -7.83
N ASP A 17 10.54 -5.25 -7.33
CA ASP A 17 11.69 -4.44 -7.81
C ASP A 17 11.46 -3.98 -9.25
N LYS A 18 10.18 -3.76 -9.59
CA LYS A 18 9.77 -3.31 -10.92
C LYS A 18 9.43 -1.83 -10.90
N ARG A 19 9.51 -1.20 -12.09
CA ARG A 19 9.20 0.22 -12.24
C ARG A 19 7.72 0.50 -11.96
N ILE A 20 7.44 1.15 -10.82
CA ILE A 20 6.07 1.49 -10.43
C ILE A 20 5.55 2.65 -11.31
N ARG A 21 4.78 2.28 -12.37
CA ARG A 21 4.22 3.25 -13.33
C ARG A 21 2.89 2.77 -13.91
N ALA A 22 2.18 3.72 -14.58
CA ALA A 22 0.88 3.50 -15.27
C ALA A 22 -0.08 2.50 -14.58
N TYR A 23 0.19 1.18 -14.73
CA TYR A 23 -0.64 0.11 -14.13
C TYR A 23 -0.55 0.08 -12.60
N GLU A 24 0.12 1.08 -12.01
CA GLU A 24 0.29 1.16 -10.57
C GLU A 24 -0.86 1.91 -9.92
N MET A 25 -1.87 1.10 -9.72
CA MET A 25 -3.15 1.43 -9.11
C MET A 25 -3.03 0.90 -7.67
N THR A 26 -2.38 1.70 -6.81
CA THR A 26 -2.04 1.27 -5.43
C THR A 26 -1.83 2.47 -4.49
N MET A 27 -1.38 2.16 -3.28
CA MET A 27 -1.12 3.17 -2.27
C MET A 27 0.39 3.27 -1.94
N ARG A 28 0.76 4.36 -1.26
CA ARG A 28 2.14 4.59 -0.85
C ARG A 28 2.31 4.35 0.65
N VAL A 29 3.34 3.57 1.00
CA VAL A 29 3.64 3.23 2.39
C VAL A 29 4.66 4.25 2.96
N LYS A 30 5.07 4.05 4.23
CA LYS A 30 6.02 4.94 4.93
C LYS A 30 7.27 5.28 4.10
N ASP A 31 8.07 4.25 3.76
CA ASP A 31 9.30 4.46 2.98
C ASP A 31 9.27 3.69 1.66
N LYS A 32 8.72 2.48 1.69
CA LYS A 32 8.65 1.61 0.50
C LYS A 32 7.28 1.66 -0.15
N VAL A 33 7.23 1.37 -1.46
CA VAL A 33 5.98 1.36 -2.22
C VAL A 33 5.77 -0.05 -2.80
N TYR A 34 4.50 -0.50 -2.80
CA TYR A 34 4.16 -1.84 -3.30
C TYR A 34 2.98 -1.79 -4.26
N HIS A 35 2.95 -2.76 -5.21
CA HIS A 35 1.87 -2.87 -6.21
C HIS A 35 0.52 -3.22 -5.54
N LEU A 36 -0.58 -3.17 -6.34
CA LEU A 36 -1.92 -3.50 -5.82
C LEU A 36 -2.01 -4.98 -5.42
N GLU A 37 -1.50 -5.86 -6.30
CA GLU A 37 -1.47 -7.31 -6.05
C GLU A 37 -0.55 -7.66 -4.88
N CYS A 38 0.38 -6.74 -4.59
CA CYS A 38 1.36 -6.90 -3.51
C CYS A 38 0.88 -6.23 -2.21
N PHE A 39 -0.36 -5.75 -2.20
CA PHE A 39 -0.96 -5.10 -1.03
C PHE A 39 -2.26 -5.82 -0.63
N LYS A 40 -2.11 -7.08 -0.22
CA LYS A 40 -3.25 -7.91 0.19
C LYS A 40 -3.09 -8.39 1.64
N CYS A 41 -4.22 -8.78 2.24
CA CYS A 41 -4.26 -9.28 3.62
C CYS A 41 -3.52 -10.61 3.77
N ALA A 42 -2.89 -10.81 4.93
CA ALA A 42 -2.13 -12.03 5.21
C ALA A 42 -3.01 -13.15 5.81
N ALA A 43 -4.28 -12.84 6.05
CA ALA A 43 -5.20 -13.82 6.62
C ALA A 43 -6.36 -14.16 5.67
N CYS A 44 -7.00 -13.13 5.10
CA CYS A 44 -8.12 -13.32 4.19
C CYS A 44 -7.74 -12.99 2.73
N GLN A 45 -6.53 -12.44 2.53
CA GLN A 45 -5.99 -12.08 1.19
C GLN A 45 -6.81 -10.97 0.49
N LYS A 46 -7.65 -10.26 1.26
CA LYS A 46 -8.50 -9.18 0.73
C LYS A 46 -7.66 -8.00 0.22
N HIS A 47 -8.28 -7.15 -0.61
CA HIS A 47 -7.62 -5.97 -1.18
C HIS A 47 -7.96 -4.72 -0.35
N PHE A 48 -7.06 -3.72 -0.41
CA PHE A 48 -7.24 -2.47 0.34
C PHE A 48 -7.50 -1.30 -0.60
N SER A 49 -8.32 -0.38 -0.12
CA SER A 49 -8.72 0.82 -0.88
C SER A 49 -8.33 2.11 -0.14
N VAL A 50 -8.27 3.23 -0.88
CA VAL A 50 -7.93 4.55 -0.31
C VAL A 50 -8.96 5.05 0.70
N GLY A 51 -8.48 5.45 1.89
CA GLY A 51 -9.36 5.96 2.94
C GLY A 51 -9.57 4.97 4.07
N ASP A 52 -8.84 3.85 4.04
CA ASP A 52 -8.94 2.82 5.09
C ASP A 52 -7.63 2.69 5.86
N ARG A 53 -7.74 2.21 7.10
CA ARG A 53 -6.57 2.02 7.97
C ARG A 53 -6.10 0.56 7.92
N TYR A 54 -4.80 0.36 7.71
CA TYR A 54 -4.23 -0.98 7.65
C TYR A 54 -3.06 -1.16 8.61
N LEU A 55 -2.79 -2.41 8.98
CA LEU A 55 -1.69 -2.75 9.87
C LEU A 55 -0.63 -3.55 9.12
N LEU A 56 0.62 -3.13 9.25
CA LEU A 56 1.75 -3.80 8.61
C LEU A 56 2.39 -4.80 9.56
N ILE A 57 2.13 -6.09 9.32
CA ILE A 57 2.68 -7.17 10.14
C ILE A 57 4.09 -7.59 9.66
N ASN A 58 4.73 -8.51 10.39
CA ASN A 58 6.09 -9.02 10.09
C ASN A 58 6.29 -9.42 8.62
N SER A 59 5.23 -9.97 7.99
CA SER A 59 5.31 -10.40 6.59
C SER A 59 4.56 -9.45 5.66
N ASP A 60 3.21 -9.51 5.67
CA ASP A 60 2.38 -8.66 4.80
C ASP A 60 1.42 -7.78 5.62
N ILE A 61 0.43 -7.18 4.95
CA ILE A 61 -0.56 -6.30 5.59
C ILE A 61 -1.77 -7.13 6.05
N VAL A 62 -2.33 -6.76 7.22
CA VAL A 62 -3.49 -7.44 7.79
C VAL A 62 -4.65 -6.44 7.95
N CYS A 63 -5.77 -6.72 7.26
CA CYS A 63 -6.97 -5.87 7.33
C CYS A 63 -7.54 -5.78 8.75
N GLU A 64 -8.35 -4.74 9.00
CA GLU A 64 -8.97 -4.50 10.31
C GLU A 64 -9.97 -5.60 10.70
N GLN A 65 -10.42 -6.38 9.69
CA GLN A 65 -11.39 -7.47 9.90
C GLN A 65 -10.80 -8.61 10.76
N ASP A 66 -9.62 -9.12 10.36
CA ASP A 66 -8.96 -10.22 11.07
C ASP A 66 -7.67 -9.78 11.79
N ILE A 67 -7.50 -8.46 11.96
CA ILE A 67 -6.31 -7.87 12.63
C ILE A 67 -6.13 -8.38 14.07
N TYR A 68 -7.22 -8.34 14.86
CA TYR A 68 -7.23 -8.75 16.27
C TYR A 68 -6.77 -10.22 16.46
N GLU A 69 -7.41 -11.15 15.76
CA GLU A 69 -7.09 -12.59 15.86
C GLU A 69 -5.68 -12.90 15.36
N TRP A 70 -5.26 -12.23 14.27
CA TRP A 70 -3.93 -12.42 13.68
C TRP A 70 -2.82 -11.94 14.63
N THR A 71 -3.02 -10.76 15.22
CA THR A 71 -2.07 -10.16 16.16
C THR A 71 -1.89 -11.01 17.41
N LYS A 72 -2.96 -11.73 17.79
CA LYS A 72 -2.97 -12.61 18.95
C LYS A 72 -2.01 -13.80 18.79
N ILE A 73 -1.98 -14.37 17.58
CA ILE A 73 -1.14 -15.53 17.25
C ILE A 73 0.29 -15.12 16.87
N ASN A 74 0.41 -14.11 15.99
CA ASN A 74 1.72 -13.63 15.51
C ASN A 74 2.40 -12.69 16.52
N GLY A 75 1.60 -11.96 17.29
CA GLY A 75 2.15 -11.03 18.28
C GLY A 75 1.90 -11.50 19.70
N GLY A 76 2.76 -11.04 20.62
CA GLY A 76 2.65 -11.41 22.03
C GLY A 76 3.95 -11.22 22.78
N SER A 77 4.37 -9.97 22.94
CA SER A 77 5.61 -9.64 23.64
C SER A 77 5.37 -8.58 24.72
N GLY A 78 4.57 -7.56 24.39
CA GLY A 78 4.26 -6.49 25.34
C GLY A 78 4.29 -5.12 24.70
N GLY A 79 5.51 -4.57 24.55
CA GLY A 79 5.67 -3.25 23.95
C GLY A 79 6.96 -2.58 24.38
N SER A 80 8.09 -3.18 24.02
CA SER A 80 9.41 -2.65 24.37
C SER A 80 10.28 -2.52 23.12
N GLY A 81 11.01 -1.39 23.03
CA GLY A 81 11.89 -1.14 21.89
C GLY A 81 11.69 0.24 21.30
N GLY A 82 10.72 0.36 20.39
CA GLY A 82 10.43 1.63 19.75
C GLY A 82 8.96 1.78 19.40
N SER A 83 8.54 1.12 18.32
CA SER A 83 7.15 1.17 17.87
C SER A 83 6.39 -0.08 18.30
N GLY A 84 5.20 0.12 18.87
CA GLY A 84 4.37 -0.99 19.33
C GLY A 84 3.04 -1.05 18.61
N GLY A 85 2.15 -0.10 18.94
CA GLY A 85 0.83 -0.05 18.33
C GLY A 85 0.71 1.07 17.31
N ASP A 86 1.32 0.85 16.14
CA ASP A 86 1.29 1.84 15.05
C ASP A 86 0.45 1.33 13.88
N VAL A 87 -0.37 2.22 13.32
CA VAL A 87 -1.24 1.88 12.18
C VAL A 87 -0.99 2.86 11.03
N MET A 88 -0.91 2.31 9.81
CA MET A 88 -0.68 3.11 8.61
C MET A 88 -1.94 3.16 7.74
N VAL A 89 -2.21 4.34 7.18
CA VAL A 89 -3.37 4.56 6.32
C VAL A 89 -3.01 4.36 4.84
N VAL A 90 -4.01 3.91 4.06
CA VAL A 90 -3.84 3.68 2.61
C VAL A 90 -3.40 4.97 1.89
N GLY A 91 -2.14 4.96 1.42
CA GLY A 91 -1.53 6.10 0.73
C GLY A 91 -2.14 6.44 -0.62
N GLU A 92 -1.28 6.38 -1.66
CA GLU A 92 -1.64 6.68 -3.06
C GLU A 92 -2.88 5.89 -3.56
N PRO A 93 -3.47 6.23 -4.74
CA PRO A 93 -4.64 5.52 -5.26
C PRO A 93 -4.41 4.41 -6.28
N THR A 94 -5.53 3.74 -6.49
CA THR A 94 -5.75 2.69 -7.44
C THR A 94 -6.46 3.33 -8.63
N LEU A 95 -6.54 2.62 -9.75
CA LEU A 95 -7.14 3.13 -11.01
C LEU A 95 -8.39 3.99 -10.78
N MET A 96 -8.14 5.30 -10.80
CA MET A 96 -9.20 6.31 -10.64
C MET A 96 -10.19 6.31 -11.80
N GLY A 97 -9.67 6.22 -13.03
CA GLY A 97 -10.51 6.21 -14.22
C GLY A 97 -9.83 5.53 -15.40
N GLY A 98 -9.32 6.34 -16.33
CA GLY A 98 -8.65 5.81 -17.51
C GLY A 98 -7.84 6.86 -18.24
N GLU A 99 -8.53 7.82 -18.86
CA GLU A 99 -7.87 8.90 -19.60
C GLU A 99 -7.78 10.17 -18.76
N PHE A 100 -6.67 10.90 -18.94
CA PHE A 100 -6.44 12.15 -18.20
C PHE A 100 -6.04 13.28 -19.15
N GLY A 101 -5.13 12.98 -20.10
CA GLY A 101 -4.66 13.97 -21.05
C GLY A 101 -3.34 14.58 -20.66
N ASP A 102 -2.48 14.83 -21.64
CA ASP A 102 -1.16 15.42 -21.41
C ASP A 102 -0.84 16.49 -22.47
N GLU A 103 -1.27 17.72 -22.17
CA GLU A 103 -1.05 18.87 -23.07
C GLU A 103 0.29 19.57 -22.80
N ASP A 104 0.86 19.32 -21.61
CA ASP A 104 2.14 19.93 -21.21
C ASP A 104 3.34 19.12 -21.71
N GLU A 105 3.11 17.86 -22.11
CA GLU A 105 4.18 16.98 -22.61
C GLU A 105 4.42 17.17 -24.11
N ARG A 106 3.45 17.76 -24.81
CA ARG A 106 3.55 18.00 -26.26
C ARG A 106 4.22 19.35 -26.57
N LEU A 107 4.05 20.33 -25.67
CA LEU A 107 4.64 21.65 -25.83
C LEU A 107 6.00 21.75 -25.13
N ILE A 108 6.10 21.13 -23.92
CA ILE A 108 7.33 21.10 -23.08
C ILE A 108 8.04 22.45 -22.96
N THR A 109 8.02 23.01 -21.74
CA THR A 109 8.67 24.30 -21.47
C THR A 109 9.64 24.18 -20.31
N ARG A 110 10.76 24.91 -20.40
CA ARG A 110 11.80 24.90 -19.37
C ARG A 110 11.83 26.22 -18.61
N LEU A 111 12.22 26.16 -17.33
CA LEU A 111 12.30 27.35 -16.48
C LEU A 111 13.74 27.58 -16.00
N GLU A 112 14.14 28.85 -15.98
CA GLU A 112 15.50 29.23 -15.56
C GLU A 112 15.44 30.02 -14.24
N ASN A 113 16.49 29.85 -13.43
CA ASN A 113 16.59 30.54 -12.14
C ASN A 113 17.67 31.62 -12.18
N THR A 114 17.48 32.67 -11.39
CA THR A 114 18.42 33.79 -11.32
C THR A 114 19.37 33.65 -10.12
N GLN A 115 18.78 33.47 -8.92
CA GLN A 115 19.52 33.32 -7.64
C GLN A 115 20.37 34.56 -7.32
N PHE A 116 20.15 35.11 -6.12
CA PHE A 116 20.88 36.29 -5.66
C PHE A 116 21.89 35.92 -4.57
N ASP A 117 23.17 36.15 -4.86
CA ASP A 117 24.26 35.86 -3.92
C ASP A 117 25.29 36.98 -3.89
N ALA A 118 25.92 37.17 -2.73
CA ALA A 118 26.93 38.21 -2.55
C ALA A 118 28.28 37.61 -2.19
N ALA A 119 29.30 37.89 -3.02
CA ALA A 119 30.65 37.38 -2.81
C ALA A 119 31.57 38.45 -2.23
N ASN A 120 31.48 39.68 -2.78
CA ASN A 120 32.30 40.80 -2.32
C ASN A 120 31.51 41.71 -1.38
N GLY A 121 32.24 42.35 -0.45
CA GLY A 121 31.61 43.24 0.51
C GLY A 121 32.50 44.42 0.85
N ILE A 122 31.86 45.58 1.11
CA ILE A 122 32.58 46.81 1.45
C ILE A 122 32.41 47.17 2.92
N ASP A 123 33.46 47.76 3.50
CA ASP A 123 33.45 48.16 4.92
C ASP A 123 33.87 49.61 5.06
N ASP A 124 33.08 50.38 5.82
CA ASP A 124 33.35 51.80 6.06
C ASP A 124 33.95 52.01 7.45
N GLU A 125 34.92 52.94 7.54
CA GLU A 125 35.62 53.29 8.81
C GLU A 125 36.40 52.10 9.38
N TYR A 3 12.74 8.03 -30.10
CA TYR A 3 11.97 6.87 -30.62
C TYR A 3 12.00 5.70 -29.64
N LEU A 4 13.19 5.44 -29.07
CA LEU A 4 13.37 4.35 -28.11
C LEU A 4 13.35 4.87 -26.68
N ARG A 5 12.51 4.27 -25.84
CA ARG A 5 12.37 4.64 -24.42
C ARG A 5 13.64 4.35 -23.62
N LEU A 6 13.95 5.23 -22.68
CA LEU A 6 15.15 5.10 -21.84
C LEU A 6 14.80 5.23 -20.34
N PHE A 7 13.88 6.16 -20.04
CA PHE A 7 13.45 6.41 -18.65
C PHE A 7 12.24 5.57 -18.28
N GLY A 8 12.21 5.13 -17.02
CA GLY A 8 11.11 4.32 -16.50
C GLY A 8 10.74 4.70 -15.08
N GLN A 9 11.04 3.83 -14.13
CA GLN A 9 10.75 4.08 -12.72
C GLN A 9 11.96 3.73 -11.85
N ASP A 10 12.05 4.40 -10.70
CA ASP A 10 13.13 4.19 -9.74
C ASP A 10 12.64 3.47 -8.48
N GLY A 11 11.31 3.35 -8.37
CA GLY A 11 10.70 2.70 -7.23
C GLY A 11 10.11 1.35 -7.55
N LEU A 12 10.87 0.30 -7.25
CA LEU A 12 10.43 -1.09 -7.46
C LEU A 12 9.62 -1.58 -6.26
N CYS A 13 8.80 -2.64 -6.47
CA CYS A 13 7.95 -3.18 -5.41
C CYS A 13 8.75 -3.75 -4.24
N ALA A 14 8.37 -3.32 -3.03
CA ALA A 14 9.01 -3.74 -1.79
C ALA A 14 8.80 -5.24 -1.49
N SER A 15 7.67 -5.78 -1.96
CA SER A 15 7.32 -7.20 -1.73
C SER A 15 7.81 -8.08 -2.89
N CYS A 16 7.42 -7.73 -4.12
CA CYS A 16 7.82 -8.50 -5.31
C CYS A 16 8.88 -7.74 -6.12
N ASP A 17 9.60 -8.45 -6.97
CA ASP A 17 10.65 -7.86 -7.81
C ASP A 17 10.06 -7.38 -9.15
N LYS A 18 9.04 -6.53 -9.06
CA LYS A 18 8.37 -5.97 -10.24
C LYS A 18 8.45 -4.45 -10.25
N ARG A 19 8.90 -3.91 -11.39
CA ARG A 19 9.02 -2.45 -11.57
C ARG A 19 7.66 -1.75 -11.54
N ILE A 20 7.57 -0.67 -10.76
CA ILE A 20 6.34 0.12 -10.64
C ILE A 20 6.10 0.95 -11.93
N ARG A 21 4.88 0.86 -12.48
CA ARG A 21 4.52 1.56 -13.72
C ARG A 21 3.19 2.32 -13.57
N ALA A 22 2.71 2.90 -14.70
CA ALA A 22 1.46 3.69 -14.74
C ALA A 22 0.23 2.92 -14.24
N TYR A 23 0.08 1.66 -14.69
CA TYR A 23 -1.05 0.80 -14.27
C TYR A 23 -0.88 0.36 -12.81
N GLU A 24 0.40 0.18 -12.41
CA GLU A 24 0.75 -0.27 -11.07
C GLU A 24 0.25 0.68 -9.98
N MET A 25 0.23 1.99 -10.28
CA MET A 25 -0.25 3.07 -9.37
C MET A 25 0.05 2.79 -7.89
N THR A 26 1.06 3.47 -7.36
CA THR A 26 1.47 3.28 -5.98
C THR A 26 1.44 4.57 -5.19
N MET A 27 0.97 4.47 -3.94
CA MET A 27 0.87 5.62 -3.03
C MET A 27 2.10 5.69 -2.12
N ARG A 28 2.25 6.83 -1.42
CA ARG A 28 3.38 7.05 -0.51
C ARG A 28 3.11 6.44 0.87
N VAL A 29 3.85 5.37 1.19
CA VAL A 29 3.73 4.67 2.48
C VAL A 29 4.81 5.19 3.45
N LYS A 30 4.84 4.62 4.68
CA LYS A 30 5.81 5.02 5.71
C LYS A 30 7.28 4.97 5.22
N ASP A 31 7.80 3.76 4.99
CA ASP A 31 9.18 3.59 4.52
C ASP A 31 9.24 2.87 3.17
N LYS A 32 8.44 1.81 3.03
CA LYS A 32 8.42 1.00 1.81
C LYS A 32 7.12 1.15 1.03
N VAL A 33 7.22 1.15 -0.30
CA VAL A 33 6.06 1.27 -1.19
C VAL A 33 5.69 -0.12 -1.73
N TYR A 34 4.39 -0.36 -1.93
CA TYR A 34 3.91 -1.68 -2.40
C TYR A 34 2.88 -1.54 -3.54
N HIS A 35 2.83 -2.58 -4.39
CA HIS A 35 1.91 -2.66 -5.54
C HIS A 35 0.44 -2.73 -5.09
N LEU A 36 -0.49 -2.38 -6.00
CA LEU A 36 -1.93 -2.45 -5.72
C LEU A 36 -2.36 -3.92 -5.53
N GLU A 37 -1.94 -4.79 -6.48
CA GLU A 37 -2.22 -6.23 -6.42
C GLU A 37 -1.52 -6.90 -5.22
N CYS A 38 -0.34 -6.37 -4.86
CA CYS A 38 0.45 -6.89 -3.74
C CYS A 38 -0.01 -6.29 -2.40
N PHE A 39 -0.97 -5.36 -2.46
CA PHE A 39 -1.52 -4.70 -1.27
C PHE A 39 -2.80 -5.43 -0.81
N LYS A 40 -2.63 -6.72 -0.49
CA LYS A 40 -3.74 -7.57 -0.05
C LYS A 40 -3.50 -8.12 1.36
N CYS A 41 -4.57 -8.63 1.99
CA CYS A 41 -4.50 -9.20 3.35
C CYS A 41 -3.65 -10.48 3.40
N ALA A 42 -2.97 -10.69 4.52
CA ALA A 42 -2.13 -11.87 4.71
C ALA A 42 -2.92 -13.02 5.33
N ALA A 43 -4.19 -12.74 5.67
CA ALA A 43 -5.07 -13.74 6.28
C ALA A 43 -6.26 -14.07 5.36
N CYS A 44 -6.82 -13.03 4.71
CA CYS A 44 -7.97 -13.20 3.80
C CYS A 44 -7.55 -13.06 2.34
N GLN A 45 -6.37 -12.45 2.10
CA GLN A 45 -5.82 -12.21 0.74
C GLN A 45 -6.64 -11.15 -0.04
N LYS A 46 -7.66 -10.59 0.62
CA LYS A 46 -8.53 -9.56 0.03
C LYS A 46 -7.75 -8.26 -0.24
N HIS A 47 -8.34 -7.39 -1.07
CA HIS A 47 -7.70 -6.12 -1.42
C HIS A 47 -8.20 -4.98 -0.52
N PHE A 48 -7.34 -3.97 -0.33
CA PHE A 48 -7.65 -2.82 0.51
C PHE A 48 -8.06 -1.61 -0.33
N SER A 49 -8.99 -0.83 0.21
CA SER A 49 -9.51 0.36 -0.45
C SER A 49 -9.27 1.61 0.40
N VAL A 50 -9.29 2.78 -0.25
CA VAL A 50 -9.08 4.08 0.42
C VAL A 50 -10.21 4.41 1.42
N GLY A 51 -9.83 5.03 2.54
CA GLY A 51 -10.81 5.40 3.56
C GLY A 51 -10.71 4.54 4.82
N ASP A 52 -10.37 3.26 4.64
CA ASP A 52 -10.24 2.33 5.76
C ASP A 52 -8.80 2.23 6.25
N ARG A 53 -8.64 1.99 7.57
CA ARG A 53 -7.33 1.86 8.20
C ARG A 53 -6.75 0.46 8.01
N TYR A 54 -5.42 0.39 7.82
CA TYR A 54 -4.74 -0.89 7.61
C TYR A 54 -3.52 -1.05 8.52
N LEU A 55 -3.15 -2.30 8.79
CA LEU A 55 -2.00 -2.61 9.62
C LEU A 55 -0.90 -3.24 8.76
N LEU A 56 0.33 -2.75 8.92
CA LEU A 56 1.47 -3.26 8.17
C LEU A 56 2.22 -4.30 9.00
N ILE A 57 2.15 -5.56 8.56
CA ILE A 57 2.82 -6.67 9.25
C ILE A 57 4.26 -6.86 8.70
N ASN A 58 5.00 -7.79 9.32
CA ASN A 58 6.41 -8.09 8.97
C ASN A 58 6.63 -8.28 7.45
N SER A 59 5.65 -8.85 6.75
CA SER A 59 5.78 -9.09 5.31
C SER A 59 4.69 -8.38 4.49
N ASP A 60 3.41 -8.64 4.81
CA ASP A 60 2.30 -8.04 4.07
C ASP A 60 1.39 -7.20 4.98
N ILE A 61 0.16 -6.91 4.50
CA ILE A 61 -0.83 -6.13 5.25
C ILE A 61 -1.97 -7.03 5.72
N VAL A 62 -2.49 -6.77 6.92
CA VAL A 62 -3.61 -7.54 7.49
C VAL A 62 -4.79 -6.62 7.77
N CYS A 63 -5.97 -7.00 7.22
CA CYS A 63 -7.21 -6.23 7.40
C CYS A 63 -7.68 -6.22 8.87
N GLU A 64 -8.50 -5.22 9.19
CA GLU A 64 -9.06 -5.03 10.55
C GLU A 64 -9.89 -6.24 11.04
N GLN A 65 -10.30 -7.11 10.11
CA GLN A 65 -11.10 -8.30 10.44
C GLN A 65 -10.31 -9.31 11.28
N ASP A 66 -9.12 -9.70 10.81
CA ASP A 66 -8.26 -10.68 11.51
C ASP A 66 -7.00 -10.01 12.09
N ILE A 67 -7.00 -8.67 12.18
CA ILE A 67 -5.86 -7.90 12.72
C ILE A 67 -5.46 -8.34 14.14
N TYR A 68 -6.45 -8.48 15.03
CA TYR A 68 -6.23 -8.89 16.42
C TYR A 68 -5.69 -10.33 16.52
N GLU A 69 -6.38 -11.28 15.85
CA GLU A 69 -6.00 -12.70 15.86
C GLU A 69 -4.64 -12.94 15.20
N TRP A 70 -4.40 -12.33 14.03
CA TRP A 70 -3.13 -12.49 13.29
C TRP A 70 -1.92 -12.00 14.10
N THR A 71 -2.06 -10.82 14.73
CA THR A 71 -1.00 -10.23 15.56
C THR A 71 -0.76 -11.05 16.82
N LYS A 72 -1.82 -11.73 17.27
CA LYS A 72 -1.79 -12.57 18.46
C LYS A 72 -0.86 -13.79 18.28
N ILE A 73 -0.94 -14.43 17.11
CA ILE A 73 -0.11 -15.62 16.80
C ILE A 73 1.29 -15.22 16.28
N ASN A 74 1.30 -14.29 15.31
CA ASN A 74 2.55 -13.81 14.69
C ASN A 74 3.36 -12.89 15.60
N GLY A 75 2.66 -12.15 16.47
CA GLY A 75 3.34 -11.23 17.39
C GLY A 75 3.27 -9.79 16.92
N GLY A 76 4.44 -9.20 16.65
CA GLY A 76 4.51 -7.82 16.19
C GLY A 76 5.34 -6.94 17.11
N SER A 77 6.63 -6.76 16.74
CA SER A 77 7.62 -5.94 17.48
C SER A 77 7.91 -6.48 18.89
N GLY A 78 6.88 -6.50 19.76
CA GLY A 78 7.04 -6.99 21.12
C GLY A 78 6.23 -8.25 21.38
N GLY A 79 5.61 -8.31 22.55
CA GLY A 79 4.79 -9.47 22.92
C GLY A 79 3.66 -9.10 23.85
N SER A 80 3.98 -8.90 25.13
CA SER A 80 2.99 -8.54 26.14
C SER A 80 3.16 -7.08 26.57
N GLY A 81 2.05 -6.35 26.58
CA GLY A 81 2.07 -4.94 26.97
C GLY A 81 1.76 -4.02 25.81
N GLY A 82 0.53 -4.12 25.29
CA GLY A 82 0.11 -3.28 24.18
C GLY A 82 -0.76 -2.12 24.62
N SER A 83 -0.13 -0.95 24.78
CA SER A 83 -0.82 0.26 25.20
C SER A 83 -0.98 1.26 24.05
N GLY A 84 0.09 1.41 23.25
CA GLY A 84 0.07 2.32 22.12
C GLY A 84 -0.20 1.61 20.81
N GLY A 85 0.24 2.24 19.70
CA GLY A 85 0.05 1.67 18.38
C GLY A 85 -0.65 2.63 17.44
N ASP A 86 0.08 3.08 16.42
CA ASP A 86 -0.46 4.01 15.42
C ASP A 86 -0.86 3.27 14.15
N VAL A 87 -1.96 3.72 13.54
CA VAL A 87 -2.48 3.12 12.30
C VAL A 87 -2.65 4.19 11.23
N MET A 88 -2.37 3.82 9.98
CA MET A 88 -2.48 4.74 8.84
C MET A 88 -3.48 4.24 7.81
N VAL A 89 -4.07 5.19 7.07
CA VAL A 89 -5.05 4.89 6.02
C VAL A 89 -4.36 4.76 4.66
N VAL A 90 -4.96 3.98 3.76
CA VAL A 90 -4.43 3.75 2.40
C VAL A 90 -4.44 5.06 1.58
N GLY A 91 -3.24 5.57 1.28
CA GLY A 91 -3.09 6.80 0.51
C GLY A 91 -3.58 6.71 -0.92
N GLU A 92 -4.16 7.81 -1.42
CA GLU A 92 -4.69 7.88 -2.80
C GLU A 92 -3.56 7.78 -3.84
N PRO A 93 -3.50 6.69 -4.68
CA PRO A 93 -2.45 6.53 -5.72
C PRO A 93 -2.50 7.62 -6.79
N THR A 94 -1.34 7.91 -7.39
CA THR A 94 -1.23 8.93 -8.43
C THR A 94 -0.72 8.33 -9.74
N LEU A 95 -1.54 8.41 -10.79
CA LEU A 95 -1.21 7.89 -12.12
C LEU A 95 -0.04 8.67 -12.75
N MET A 96 0.79 7.96 -13.53
CA MET A 96 1.95 8.56 -14.22
C MET A 96 1.55 9.59 -15.27
N GLY A 97 0.53 9.25 -16.08
CA GLY A 97 0.06 10.14 -17.12
C GLY A 97 0.37 9.64 -18.51
N GLY A 98 -0.40 8.65 -18.97
CA GLY A 98 -0.19 8.08 -20.30
C GLY A 98 -0.41 6.58 -20.32
N GLU A 99 -1.47 6.16 -21.02
CA GLU A 99 -1.81 4.73 -21.14
C GLU A 99 -2.00 4.32 -22.60
N PHE A 100 -1.36 5.07 -23.50
CA PHE A 100 -1.43 4.80 -24.94
C PHE A 100 -0.16 4.09 -25.43
N GLY A 101 -0.25 2.76 -25.53
CA GLY A 101 0.87 1.96 -25.99
C GLY A 101 1.10 0.74 -25.12
N ASP A 102 0.26 -0.28 -25.29
CA ASP A 102 0.35 -1.52 -24.53
C ASP A 102 0.69 -2.72 -25.43
N GLU A 103 1.06 -2.43 -26.68
CA GLU A 103 1.41 -3.45 -27.67
C GLU A 103 2.90 -3.82 -27.60
N ASP A 104 3.75 -2.79 -27.45
CA ASP A 104 5.21 -2.98 -27.38
C ASP A 104 5.68 -3.32 -25.95
N GLU A 105 4.84 -2.99 -24.96
CA GLU A 105 5.17 -3.26 -23.54
C GLU A 105 4.73 -4.67 -23.12
N ARG A 106 3.73 -5.22 -23.80
CA ARG A 106 3.21 -6.55 -23.51
C ARG A 106 3.89 -7.65 -24.33
N LEU A 107 4.61 -7.25 -25.40
CA LEU A 107 5.29 -8.19 -26.27
C LEU A 107 6.77 -8.36 -25.87
N ILE A 108 7.56 -7.29 -26.01
CA ILE A 108 8.99 -7.32 -25.67
C ILE A 108 9.48 -5.93 -25.23
N THR A 109 10.28 -5.91 -24.16
CA THR A 109 10.83 -4.66 -23.62
C THR A 109 12.34 -4.79 -23.41
N ARG A 110 13.10 -3.96 -24.14
CA ARG A 110 14.56 -3.95 -24.04
C ARG A 110 15.09 -2.53 -23.90
N LEU A 111 16.21 -2.39 -23.18
CA LEU A 111 16.84 -1.09 -22.95
C LEU A 111 18.34 -1.15 -23.26
N GLU A 112 18.86 -0.08 -23.88
CA GLU A 112 20.27 0.01 -24.25
C GLU A 112 20.89 1.30 -23.73
N ASN A 113 22.18 1.23 -23.37
CA ASN A 113 22.96 2.39 -22.85
C ASN A 113 22.39 2.92 -21.53
N THR A 114 23.25 3.00 -20.51
CA THR A 114 22.86 3.49 -19.19
C THR A 114 23.41 4.88 -18.94
N GLN A 115 22.59 5.73 -18.31
CA GLN A 115 22.98 7.11 -18.00
C GLN A 115 22.77 7.42 -16.52
N PHE A 116 23.64 8.27 -15.96
CA PHE A 116 23.56 8.67 -14.56
C PHE A 116 22.92 10.05 -14.41
N ASP A 117 22.31 10.29 -13.25
CA ASP A 117 21.65 11.57 -12.97
C ASP A 117 22.58 12.50 -12.20
N ALA A 118 22.47 13.80 -12.49
CA ALA A 118 23.29 14.82 -11.83
C ALA A 118 22.53 15.50 -10.69
N ALA A 119 23.28 15.97 -9.70
CA ALA A 119 22.70 16.66 -8.54
C ALA A 119 22.70 18.18 -8.72
N ASN A 120 23.78 18.71 -9.28
CA ASN A 120 23.93 20.15 -9.51
C ASN A 120 23.57 20.50 -10.96
N GLY A 121 22.71 21.51 -11.12
CA GLY A 121 22.30 21.95 -12.44
C GLY A 121 20.79 22.10 -12.55
N ILE A 122 20.22 22.92 -11.66
CA ILE A 122 18.77 23.16 -11.65
C ILE A 122 18.43 24.49 -12.36
N ASP A 123 17.23 24.55 -12.94
CA ASP A 123 16.77 25.73 -13.67
C ASP A 123 15.67 26.49 -12.90
N ASP A 124 15.17 25.88 -11.82
CA ASP A 124 14.11 26.49 -10.99
C ASP A 124 14.70 27.37 -9.88
N GLU A 125 15.78 26.88 -9.23
CA GLU A 125 16.43 27.62 -8.15
C GLU A 125 17.78 28.17 -8.61
N TYR A 3 25.33 3.14 -19.87
CA TYR A 3 25.16 3.81 -21.19
C TYR A 3 24.00 4.81 -21.15
N LEU A 4 22.89 4.42 -20.51
CA LEU A 4 21.70 5.26 -20.40
C LEU A 4 21.65 5.94 -19.04
N ARG A 5 21.28 7.24 -19.04
CA ARG A 5 21.18 8.04 -17.81
C ARG A 5 20.06 7.54 -16.89
N LEU A 6 18.92 7.17 -17.47
CA LEU A 6 17.77 6.68 -16.72
C LEU A 6 17.26 5.35 -17.31
N PHE A 7 16.73 4.50 -16.43
CA PHE A 7 16.19 3.19 -16.83
C PHE A 7 14.77 2.98 -16.30
N GLY A 8 14.24 4.00 -15.62
CA GLY A 8 12.89 3.92 -15.07
C GLY A 8 12.85 4.35 -13.61
N GLN A 9 12.15 3.57 -12.79
CA GLN A 9 12.03 3.86 -11.35
C GLN A 9 12.90 2.93 -10.53
N ASP A 10 13.38 3.46 -9.39
CA ASP A 10 14.24 2.70 -8.48
C ASP A 10 13.43 2.14 -7.30
N GLY A 11 12.17 2.59 -7.16
CA GLY A 11 11.32 2.14 -6.08
C GLY A 11 10.59 0.84 -6.38
N LEU A 12 11.31 -0.29 -6.25
CA LEU A 12 10.75 -1.63 -6.49
C LEU A 12 9.70 -1.99 -5.43
N CYS A 13 8.83 -2.95 -5.76
CA CYS A 13 7.75 -3.38 -4.85
C CYS A 13 8.29 -4.10 -3.61
N ALA A 14 7.76 -3.72 -2.45
CA ALA A 14 8.14 -4.32 -1.17
C ALA A 14 7.72 -5.79 -1.04
N SER A 15 6.57 -6.13 -1.64
CA SER A 15 6.05 -7.50 -1.59
C SER A 15 6.57 -8.35 -2.77
N CYS A 16 6.39 -7.85 -3.99
CA CYS A 16 6.86 -8.56 -5.19
C CYS A 16 8.15 -7.94 -5.72
N ASP A 17 8.94 -8.74 -6.43
CA ASP A 17 10.21 -8.29 -6.99
C ASP A 17 10.01 -7.71 -8.41
N LYS A 18 9.07 -6.78 -8.51
CA LYS A 18 8.75 -6.13 -9.78
C LYS A 18 8.96 -4.63 -9.69
N ARG A 19 9.64 -4.07 -10.69
CA ARG A 19 9.93 -2.63 -10.75
C ARG A 19 8.64 -1.82 -10.90
N ILE A 20 8.47 -0.81 -10.02
CA ILE A 20 7.29 0.07 -10.03
C ILE A 20 7.37 1.01 -11.25
N ARG A 21 6.65 0.63 -12.32
CA ARG A 21 6.62 1.41 -13.58
C ARG A 21 5.27 1.27 -14.28
N ALA A 22 4.91 2.31 -15.07
CA ALA A 22 3.65 2.38 -15.86
C ALA A 22 2.39 1.98 -15.08
N TYR A 23 2.23 0.67 -14.81
CA TYR A 23 1.08 0.15 -14.07
C TYR A 23 1.32 0.24 -12.54
N GLU A 24 2.13 1.21 -12.13
CA GLU A 24 2.45 1.46 -10.73
C GLU A 24 1.20 1.90 -9.93
N MET A 25 0.65 3.08 -10.30
CA MET A 25 -0.57 3.67 -9.66
C MET A 25 -0.62 3.42 -8.14
N THR A 26 0.50 3.67 -7.47
CA THR A 26 0.62 3.47 -6.03
C THR A 26 0.95 4.77 -5.30
N MET A 27 0.79 4.74 -3.98
CA MET A 27 1.08 5.89 -3.15
C MET A 27 2.32 5.63 -2.27
N ARG A 28 2.88 6.70 -1.70
CA ARG A 28 4.07 6.59 -0.84
C ARG A 28 3.71 6.24 0.61
N VAL A 29 4.19 5.08 1.05
CA VAL A 29 3.94 4.58 2.41
C VAL A 29 5.11 4.98 3.33
N LYS A 30 5.05 4.57 4.62
CA LYS A 30 6.08 4.90 5.63
C LYS A 30 7.52 4.72 5.15
N ASP A 31 7.91 3.47 4.83
CA ASP A 31 9.27 3.18 4.37
C ASP A 31 9.30 2.56 2.97
N LYS A 32 8.40 1.59 2.73
CA LYS A 32 8.34 0.89 1.44
C LYS A 32 7.01 1.12 0.72
N VAL A 33 7.04 0.96 -0.61
CA VAL A 33 5.84 1.14 -1.45
C VAL A 33 5.32 -0.23 -1.90
N TYR A 34 3.99 -0.33 -2.06
CA TYR A 34 3.35 -1.59 -2.47
C TYR A 34 2.38 -1.35 -3.64
N HIS A 35 2.35 -2.30 -4.59
CA HIS A 35 1.45 -2.25 -5.75
C HIS A 35 -0.02 -2.37 -5.31
N LEU A 36 -0.97 -2.02 -6.21
CA LEU A 36 -2.41 -2.12 -5.91
C LEU A 36 -2.81 -3.59 -5.70
N GLU A 37 -2.41 -4.44 -6.66
CA GLU A 37 -2.69 -5.88 -6.61
C GLU A 37 -1.95 -6.56 -5.45
N CYS A 38 -0.83 -5.96 -5.04
CA CYS A 38 0.00 -6.48 -3.94
C CYS A 38 -0.43 -5.91 -2.58
N PHE A 39 -1.35 -4.94 -2.61
CA PHE A 39 -1.86 -4.31 -1.38
C PHE A 39 -3.10 -5.05 -0.86
N LYS A 40 -2.94 -6.36 -0.63
CA LYS A 40 -4.02 -7.22 -0.14
C LYS A 40 -3.66 -7.89 1.19
N CYS A 41 -4.68 -8.35 1.92
CA CYS A 41 -4.51 -9.03 3.21
C CYS A 41 -3.80 -10.38 3.05
N ALA A 42 -3.01 -10.75 4.06
CA ALA A 42 -2.27 -12.01 4.04
C ALA A 42 -3.01 -13.13 4.80
N ALA A 43 -4.12 -12.76 5.44
CA ALA A 43 -4.92 -13.73 6.22
C ALA A 43 -6.19 -14.14 5.47
N CYS A 44 -6.96 -13.16 4.97
CA CYS A 44 -8.20 -13.44 4.23
C CYS A 44 -8.04 -13.14 2.73
N GLN A 45 -6.86 -12.59 2.35
CA GLN A 45 -6.53 -12.24 0.95
C GLN A 45 -7.41 -11.12 0.37
N LYS A 46 -8.19 -10.46 1.25
CA LYS A 46 -9.09 -9.36 0.84
C LYS A 46 -8.29 -8.15 0.34
N HIS A 47 -8.97 -7.26 -0.39
CA HIS A 47 -8.35 -6.05 -0.93
C HIS A 47 -8.71 -4.83 -0.10
N PHE A 48 -7.80 -3.85 -0.08
CA PHE A 48 -7.98 -2.63 0.68
C PHE A 48 -8.35 -1.47 -0.24
N SER A 49 -9.30 -0.65 0.22
CA SER A 49 -9.78 0.50 -0.54
C SER A 49 -9.56 1.80 0.26
N VAL A 50 -9.66 2.95 -0.44
CA VAL A 50 -9.48 4.28 0.16
C VAL A 50 -10.60 4.59 1.18
N GLY A 51 -10.19 5.17 2.32
CA GLY A 51 -11.14 5.52 3.38
C GLY A 51 -11.04 4.61 4.59
N ASP A 52 -10.64 3.35 4.37
CA ASP A 52 -10.49 2.37 5.45
C ASP A 52 -9.07 2.35 6.00
N ARG A 53 -8.94 1.98 7.29
CA ARG A 53 -7.64 1.92 7.97
C ARG A 53 -6.97 0.55 7.78
N TYR A 54 -5.66 0.58 7.48
CA TYR A 54 -4.90 -0.65 7.27
C TYR A 54 -3.70 -0.72 8.22
N LEU A 55 -3.26 -1.94 8.52
CA LEU A 55 -2.13 -2.18 9.39
C LEU A 55 -1.01 -2.86 8.60
N LEU A 56 0.19 -2.27 8.66
CA LEU A 56 1.36 -2.79 7.96
C LEU A 56 2.11 -3.80 8.83
N ILE A 57 2.10 -5.06 8.40
CA ILE A 57 2.79 -6.14 9.11
C ILE A 57 4.22 -6.31 8.59
N ASN A 58 4.98 -7.22 9.23
CA ASN A 58 6.39 -7.51 8.88
C ASN A 58 6.63 -7.73 7.37
N SER A 59 5.65 -8.32 6.67
CA SER A 59 5.79 -8.59 5.24
C SER A 59 4.71 -7.89 4.40
N ASP A 60 3.43 -8.17 4.69
CA ASP A 60 2.32 -7.60 3.92
C ASP A 60 1.37 -6.76 4.81
N ILE A 61 0.15 -6.51 4.31
CA ILE A 61 -0.86 -5.74 5.04
C ILE A 61 -1.96 -6.67 5.55
N VAL A 62 -2.38 -6.45 6.80
CA VAL A 62 -3.43 -7.27 7.43
C VAL A 62 -4.62 -6.39 7.85
N CYS A 63 -5.82 -6.78 7.39
CA CYS A 63 -7.06 -6.07 7.71
C CYS A 63 -7.39 -6.14 9.20
N GLU A 64 -8.25 -5.21 9.67
CA GLU A 64 -8.68 -5.15 11.08
C GLU A 64 -9.48 -6.39 11.49
N GLN A 65 -10.01 -7.12 10.48
CA GLN A 65 -10.77 -8.35 10.71
C GLN A 65 -9.89 -9.48 11.27
N ASP A 66 -8.67 -9.61 10.70
CA ASP A 66 -7.73 -10.66 11.10
C ASP A 66 -6.50 -10.09 11.85
N ILE A 67 -6.51 -8.78 12.16
CA ILE A 67 -5.38 -8.11 12.85
C ILE A 67 -4.98 -8.79 14.18
N TYR A 68 -5.97 -8.93 15.08
CA TYR A 68 -5.76 -9.53 16.42
C TYR A 68 -5.17 -10.96 16.35
N GLU A 69 -5.85 -11.84 15.59
CA GLU A 69 -5.42 -13.25 15.45
C GLU A 69 -4.06 -13.39 14.73
N TRP A 70 -3.84 -12.57 13.69
CA TRP A 70 -2.59 -12.59 12.91
C TRP A 70 -1.39 -12.17 13.76
N THR A 71 -1.53 -11.03 14.47
CA THR A 71 -0.48 -10.49 15.35
C THR A 71 -0.20 -11.43 16.52
N LYS A 72 -1.24 -12.17 16.90
CA LYS A 72 -1.19 -13.15 18.00
C LYS A 72 -0.25 -14.31 17.68
N ILE A 73 -0.32 -14.81 16.44
CA ILE A 73 0.49 -15.94 15.98
C ILE A 73 1.88 -15.49 15.49
N ASN A 74 1.91 -14.43 14.66
CA ASN A 74 3.17 -13.91 14.10
C ASN A 74 3.96 -13.06 15.11
N GLY A 75 3.26 -12.42 16.04
CA GLY A 75 3.91 -11.59 17.04
C GLY A 75 4.03 -12.29 18.38
N GLY A 76 5.07 -11.93 19.13
CA GLY A 76 5.31 -12.51 20.45
C GLY A 76 5.78 -11.50 21.47
N SER A 77 5.28 -11.63 22.69
CA SER A 77 5.65 -10.72 23.79
C SER A 77 6.70 -11.36 24.69
N GLY A 78 7.66 -10.53 25.13
CA GLY A 78 8.73 -10.99 26.00
C GLY A 78 9.67 -9.89 26.42
N GLY A 79 9.09 -8.84 27.02
CA GLY A 79 9.88 -7.70 27.47
C GLY A 79 9.15 -6.38 27.30
N SER A 80 9.22 -5.54 28.33
CA SER A 80 8.57 -4.23 28.32
C SER A 80 9.58 -3.12 28.03
N GLY A 81 9.18 -2.19 27.14
CA GLY A 81 10.05 -1.08 26.77
C GLY A 81 9.28 0.04 26.11
N GLY A 82 9.29 0.03 24.77
CA GLY A 82 8.60 1.06 24.00
C GLY A 82 7.41 0.51 23.23
N SER A 83 7.66 0.18 21.95
CA SER A 83 6.64 -0.37 21.02
C SER A 83 5.37 0.49 20.94
N GLY A 84 5.18 1.14 19.79
CA GLY A 84 4.02 2.00 19.58
C GLY A 84 3.01 1.38 18.64
N GLY A 85 1.72 1.70 18.86
CA GLY A 85 0.66 1.17 18.03
C GLY A 85 -0.08 2.26 17.27
N ASP A 86 0.28 2.44 16.01
CA ASP A 86 -0.35 3.45 15.15
C ASP A 86 -0.88 2.83 13.87
N VAL A 87 -2.00 3.37 13.37
CA VAL A 87 -2.64 2.88 12.15
C VAL A 87 -2.81 4.03 11.15
N MET A 88 -2.55 3.73 9.87
CA MET A 88 -2.66 4.73 8.81
C MET A 88 -3.70 4.29 7.76
N VAL A 89 -4.29 5.27 7.08
CA VAL A 89 -5.29 5.03 6.04
C VAL A 89 -4.63 4.91 4.66
N VAL A 90 -5.28 4.17 3.76
CA VAL A 90 -4.75 3.97 2.38
C VAL A 90 -4.74 5.30 1.60
N GLY A 91 -3.53 5.80 1.34
CA GLY A 91 -3.34 7.06 0.62
C GLY A 91 -3.81 7.01 -0.84
N GLU A 92 -4.23 8.16 -1.37
CA GLU A 92 -4.71 8.28 -2.76
C GLU A 92 -3.56 8.04 -3.77
N PRO A 93 -3.67 7.01 -4.67
CA PRO A 93 -2.63 6.73 -5.68
C PRO A 93 -2.53 7.80 -6.76
N THR A 94 -1.33 7.97 -7.32
CA THR A 94 -1.08 8.97 -8.37
C THR A 94 -0.57 8.30 -9.65
N LEU A 95 -1.41 8.32 -10.69
CA LEU A 95 -1.07 7.72 -12.00
C LEU A 95 0.09 8.46 -12.69
N MET A 96 1.15 7.70 -13.04
CA MET A 96 2.37 8.21 -13.72
C MET A 96 2.87 9.57 -13.17
N GLY A 97 2.28 10.68 -13.66
CA GLY A 97 2.68 12.01 -13.22
C GLY A 97 1.96 13.10 -13.97
N GLY A 98 2.06 13.05 -15.31
CA GLY A 98 1.41 14.05 -16.16
C GLY A 98 0.84 13.45 -17.42
N GLU A 99 -0.47 13.60 -17.60
CA GLU A 99 -1.17 13.06 -18.78
C GLU A 99 -1.50 14.18 -19.77
N PHE A 100 -1.54 13.82 -21.06
CA PHE A 100 -1.85 14.78 -22.13
C PHE A 100 -3.26 14.55 -22.69
N GLY A 101 -3.61 13.28 -22.91
CA GLY A 101 -4.92 12.93 -23.44
C GLY A 101 -4.86 12.41 -24.86
N ASP A 102 -5.14 13.31 -25.83
CA ASP A 102 -5.13 12.98 -27.27
C ASP A 102 -6.14 11.87 -27.62
N GLU A 103 -7.27 12.28 -28.20
CA GLU A 103 -8.34 11.35 -28.59
C GLU A 103 -8.14 10.78 -30.00
N ASP A 104 -7.30 11.47 -30.81
CA ASP A 104 -7.02 11.05 -32.19
C ASP A 104 -5.91 9.99 -32.26
N GLU A 105 -5.07 9.93 -31.21
CA GLU A 105 -3.96 8.97 -31.15
C GLU A 105 -4.39 7.62 -30.56
N ARG A 106 -5.31 7.66 -29.59
CA ARG A 106 -5.82 6.45 -28.93
C ARG A 106 -7.00 5.82 -29.69
N LEU A 107 -7.53 6.54 -30.68
CA LEU A 107 -8.67 6.06 -31.48
C LEU A 107 -8.18 5.39 -32.78
N ILE A 108 -7.25 6.07 -33.48
CA ILE A 108 -6.70 5.55 -34.74
C ILE A 108 -5.21 5.90 -34.87
N THR A 109 -4.41 4.88 -35.19
CA THR A 109 -2.96 5.04 -35.37
C THR A 109 -2.42 4.10 -36.46
N ARG A 110 -1.70 4.68 -37.42
CA ARG A 110 -1.12 3.93 -38.54
C ARG A 110 0.34 4.29 -38.74
N LEU A 111 1.21 3.27 -38.70
CA LEU A 111 2.65 3.46 -38.87
C LEU A 111 3.22 2.42 -39.84
N GLU A 112 4.30 2.80 -40.54
CA GLU A 112 4.96 1.92 -41.50
C GLU A 112 6.17 1.23 -40.87
N ASN A 113 6.33 -0.07 -41.20
CA ASN A 113 7.45 -0.94 -40.70
C ASN A 113 7.69 -0.80 -39.18
N THR A 114 7.23 -1.81 -38.43
CA THR A 114 7.39 -1.83 -36.97
C THR A 114 8.32 -2.95 -36.53
N GLN A 115 8.97 -2.76 -35.36
CA GLN A 115 9.92 -3.73 -34.76
C GLN A 115 11.15 -3.96 -35.65
N PHE A 116 12.32 -3.78 -35.05
CA PHE A 116 13.60 -3.95 -35.77
C PHE A 116 14.52 -4.90 -34.99
N ASP A 117 15.28 -5.70 -35.74
CA ASP A 117 16.21 -6.67 -35.15
C ASP A 117 17.64 -6.12 -35.16
N ALA A 118 18.43 -6.56 -34.18
CA ALA A 118 19.82 -6.13 -34.05
C ALA A 118 20.80 -7.21 -34.51
N ALA A 119 20.43 -8.48 -34.29
CA ALA A 119 21.26 -9.63 -34.67
C ALA A 119 20.96 -10.11 -36.09
N ASN A 120 19.68 -10.09 -36.47
CA ASN A 120 19.25 -10.52 -37.80
C ASN A 120 19.09 -9.32 -38.74
N GLY A 121 19.70 -9.43 -39.93
CA GLY A 121 19.63 -8.37 -40.92
C GLY A 121 19.14 -8.86 -42.27
N ILE A 122 19.40 -8.07 -43.32
CA ILE A 122 18.99 -8.40 -44.68
C ILE A 122 20.22 -8.51 -45.60
N ASP A 123 20.09 -9.35 -46.65
CA ASP A 123 21.13 -9.61 -47.69
C ASP A 123 22.52 -9.96 -47.10
N ASP A 124 23.12 -11.04 -47.63
CA ASP A 124 24.46 -11.55 -47.21
C ASP A 124 24.44 -12.19 -45.82
N GLU A 125 23.83 -11.48 -44.84
CA GLU A 125 23.73 -11.94 -43.42
C GLU A 125 25.11 -12.09 -42.76
N TYR A 3 7.93 23.55 -21.51
CA TYR A 3 7.66 22.13 -21.23
C TYR A 3 8.08 21.77 -19.81
N LEU A 4 7.23 21.01 -19.10
CA LEU A 4 7.50 20.59 -17.73
C LEU A 4 7.97 19.13 -17.71
N ARG A 5 9.10 18.90 -17.02
CA ARG A 5 9.70 17.55 -16.89
C ARG A 5 8.81 16.61 -16.08
N LEU A 6 8.82 15.32 -16.46
CA LEU A 6 8.02 14.30 -15.78
C LEU A 6 8.92 13.22 -15.18
N PHE A 7 8.55 12.74 -13.99
CA PHE A 7 9.31 11.71 -13.28
C PHE A 7 8.38 10.60 -12.78
N GLY A 8 8.95 9.39 -12.65
CA GLY A 8 8.18 8.24 -12.18
C GLY A 8 8.34 8.02 -10.69
N GLN A 9 8.28 6.75 -10.27
CA GLN A 9 8.40 6.40 -8.85
C GLN A 9 9.80 5.89 -8.54
N ASP A 10 10.24 6.13 -7.30
CA ASP A 10 11.55 5.69 -6.82
C ASP A 10 11.42 4.60 -5.77
N GLY A 11 10.17 4.37 -5.33
CA GLY A 11 9.88 3.37 -4.31
C GLY A 11 9.45 2.05 -4.89
N LEU A 12 10.44 1.21 -5.23
CA LEU A 12 10.22 -0.15 -5.78
C LEU A 12 9.36 -1.01 -4.87
N CYS A 13 8.72 -2.06 -5.43
CA CYS A 13 7.88 -2.96 -4.65
C CYS A 13 8.74 -3.92 -3.83
N ALA A 14 8.56 -3.84 -2.51
CA ALA A 14 9.32 -4.67 -1.55
C ALA A 14 9.00 -6.17 -1.66
N SER A 15 7.89 -6.51 -2.33
CA SER A 15 7.48 -7.92 -2.48
C SER A 15 7.91 -8.49 -3.84
N CYS A 16 7.81 -7.68 -4.90
CA CYS A 16 8.19 -8.11 -6.25
C CYS A 16 9.64 -7.76 -6.58
N ASP A 17 10.19 -6.74 -5.89
CA ASP A 17 11.57 -6.25 -6.12
C ASP A 17 11.71 -5.69 -7.55
N LYS A 18 10.58 -5.16 -8.05
CA LYS A 18 10.50 -4.61 -9.41
C LYS A 18 10.28 -3.10 -9.36
N ARG A 19 10.73 -2.42 -10.42
CA ARG A 19 10.57 -0.96 -10.54
C ARG A 19 9.10 -0.57 -10.65
N ILE A 20 8.60 0.17 -9.64
CA ILE A 20 7.20 0.61 -9.62
C ILE A 20 7.03 1.77 -10.63
N ARG A 21 6.56 1.41 -11.83
CA ARG A 21 6.34 2.37 -12.93
C ARG A 21 5.16 1.96 -13.83
N ALA A 22 4.89 2.79 -14.86
CA ALA A 22 3.81 2.57 -15.87
C ALA A 22 2.42 2.34 -15.25
N TYR A 23 2.14 1.10 -14.80
CA TYR A 23 0.86 0.74 -14.20
C TYR A 23 0.76 1.29 -12.78
N GLU A 24 1.74 0.92 -11.93
CA GLU A 24 1.85 1.33 -10.50
C GLU A 24 0.50 1.65 -9.81
N MET A 25 -0.01 2.90 -10.00
CA MET A 25 -1.30 3.36 -9.41
C MET A 25 -1.37 3.06 -7.89
N THR A 26 -0.29 3.43 -7.19
CA THR A 26 -0.19 3.19 -5.75
C THR A 26 0.11 4.47 -4.97
N MET A 27 -0.10 4.40 -3.65
CA MET A 27 0.16 5.52 -2.74
C MET A 27 1.53 5.38 -2.08
N ARG A 28 1.99 6.44 -1.40
CA ARG A 28 3.28 6.43 -0.71
C ARG A 28 3.16 5.89 0.72
N VAL A 29 3.87 4.81 0.99
CA VAL A 29 3.86 4.16 2.32
C VAL A 29 5.02 4.72 3.17
N LYS A 30 5.16 4.23 4.41
CA LYS A 30 6.22 4.68 5.35
C LYS A 30 7.64 4.59 4.75
N ASP A 31 8.15 3.37 4.54
CA ASP A 31 9.49 3.17 3.99
C ASP A 31 9.46 2.37 2.69
N LYS A 32 8.63 1.33 2.66
CA LYS A 32 8.52 0.45 1.48
C LYS A 32 7.23 0.67 0.71
N VAL A 33 7.33 0.71 -0.61
CA VAL A 33 6.18 0.90 -1.50
C VAL A 33 5.83 -0.45 -2.15
N TYR A 34 4.52 -0.69 -2.34
CA TYR A 34 4.05 -1.95 -2.93
C TYR A 34 3.02 -1.69 -4.02
N HIS A 35 2.94 -2.61 -5.01
CA HIS A 35 1.98 -2.52 -6.12
C HIS A 35 0.53 -2.64 -5.59
N LEU A 36 -0.44 -2.19 -6.39
CA LEU A 36 -1.87 -2.25 -6.00
C LEU A 36 -2.33 -3.70 -5.78
N GLU A 37 -1.96 -4.59 -6.71
CA GLU A 37 -2.29 -6.03 -6.61
C GLU A 37 -1.56 -6.69 -5.42
N CYS A 38 -0.48 -6.06 -4.98
CA CYS A 38 0.35 -6.54 -3.87
C CYS A 38 -0.11 -5.95 -2.53
N PHE A 39 -1.07 -5.01 -2.59
CA PHE A 39 -1.62 -4.36 -1.38
C PHE A 39 -2.87 -5.12 -0.90
N LYS A 40 -2.70 -6.43 -0.67
CA LYS A 40 -3.79 -7.29 -0.21
C LYS A 40 -3.47 -7.95 1.14
N CYS A 41 -4.52 -8.43 1.81
CA CYS A 41 -4.40 -9.10 3.13
C CYS A 41 -3.65 -10.43 3.01
N ALA A 42 -2.90 -10.78 4.06
CA ALA A 42 -2.13 -12.03 4.08
C ALA A 42 -2.88 -13.15 4.81
N ALA A 43 -4.02 -12.80 5.45
CA ALA A 43 -4.82 -13.77 6.20
C ALA A 43 -6.03 -14.25 5.39
N CYS A 44 -6.78 -13.30 4.80
CA CYS A 44 -7.96 -13.64 4.00
C CYS A 44 -7.78 -13.30 2.52
N GLN A 45 -6.61 -12.70 2.18
CA GLN A 45 -6.25 -12.30 0.80
C GLN A 45 -7.15 -11.20 0.22
N LYS A 46 -7.95 -10.56 1.10
CA LYS A 46 -8.87 -9.48 0.69
C LYS A 46 -8.10 -8.24 0.21
N HIS A 47 -8.80 -7.37 -0.52
CA HIS A 47 -8.20 -6.13 -1.04
C HIS A 47 -8.55 -4.93 -0.16
N PHE A 48 -7.66 -3.94 -0.19
CA PHE A 48 -7.83 -2.72 0.61
C PHE A 48 -8.26 -1.54 -0.28
N SER A 49 -9.13 -0.71 0.28
CA SER A 49 -9.65 0.47 -0.43
C SER A 49 -9.33 1.76 0.32
N VAL A 50 -9.39 2.89 -0.39
CA VAL A 50 -9.11 4.23 0.17
C VAL A 50 -10.15 4.63 1.23
N GLY A 51 -9.66 5.14 2.37
CA GLY A 51 -10.54 5.58 3.44
C GLY A 51 -10.52 4.66 4.65
N ASP A 52 -10.14 3.39 4.44
CA ASP A 52 -10.09 2.40 5.52
C ASP A 52 -8.69 2.31 6.12
N ARG A 53 -8.63 1.96 7.42
CA ARG A 53 -7.37 1.83 8.16
C ARG A 53 -6.76 0.43 7.95
N TYR A 54 -5.43 0.40 7.79
CA TYR A 54 -4.72 -0.87 7.58
C TYR A 54 -3.49 -0.99 8.48
N LEU A 55 -3.07 -2.23 8.73
CA LEU A 55 -1.90 -2.52 9.55
C LEU A 55 -0.83 -3.17 8.68
N LEU A 56 0.38 -2.60 8.71
CA LEU A 56 1.51 -3.11 7.92
C LEU A 56 2.32 -4.12 8.75
N ILE A 57 2.31 -5.38 8.29
CA ILE A 57 3.04 -6.46 8.97
C ILE A 57 4.48 -6.58 8.41
N ASN A 58 5.27 -7.48 9.00
CA ASN A 58 6.68 -7.72 8.61
C ASN A 58 6.88 -7.89 7.10
N SER A 59 5.90 -8.50 6.41
CA SER A 59 6.01 -8.73 4.97
C SER A 59 4.89 -8.04 4.17
N ASP A 60 3.63 -8.36 4.50
CA ASP A 60 2.48 -7.79 3.79
C ASP A 60 1.54 -6.98 4.72
N ILE A 61 0.31 -6.72 4.26
CA ILE A 61 -0.68 -5.97 5.04
C ILE A 61 -1.81 -6.91 5.49
N VAL A 62 -2.32 -6.67 6.71
CA VAL A 62 -3.42 -7.46 7.28
C VAL A 62 -4.62 -6.56 7.57
N CYS A 63 -5.80 -6.98 7.07
CA CYS A 63 -7.06 -6.24 7.27
C CYS A 63 -7.49 -6.19 8.74
N GLU A 64 -8.35 -5.21 9.07
CA GLU A 64 -8.87 -5.03 10.44
C GLU A 64 -9.67 -6.26 10.91
N GLN A 65 -10.15 -7.05 9.94
CA GLN A 65 -10.90 -8.28 10.23
C GLN A 65 -10.02 -9.36 10.88
N ASP A 66 -8.78 -9.50 10.37
CA ASP A 66 -7.83 -10.50 10.86
C ASP A 66 -6.64 -9.87 11.62
N ILE A 67 -6.69 -8.54 11.82
CA ILE A 67 -5.60 -7.79 12.50
C ILE A 67 -5.27 -8.34 13.91
N TYR A 68 -6.30 -8.48 14.76
CA TYR A 68 -6.14 -8.97 16.13
C TYR A 68 -5.59 -10.41 16.19
N GLU A 69 -6.25 -11.33 15.46
CA GLU A 69 -5.85 -12.75 15.44
C GLU A 69 -4.45 -12.98 14.81
N TRP A 70 -4.15 -12.24 13.73
CA TRP A 70 -2.86 -12.35 13.03
C TRP A 70 -1.69 -11.88 13.93
N THR A 71 -1.81 -10.67 14.48
CA THR A 71 -0.79 -10.09 15.36
C THR A 71 -0.60 -10.94 16.63
N LYS A 72 -1.67 -11.61 17.03
CA LYS A 72 -1.69 -12.48 18.20
C LYS A 72 -0.76 -13.71 18.05
N ILE A 73 -0.73 -14.28 16.84
CA ILE A 73 0.07 -15.48 16.54
C ILE A 73 1.53 -15.15 16.19
N ASN A 74 1.75 -14.18 15.30
CA ASN A 74 3.11 -13.83 14.85
C ASN A 74 3.69 -12.61 15.58
N GLY A 75 2.83 -11.68 16.00
CA GLY A 75 3.30 -10.49 16.71
C GLY A 75 3.29 -10.64 18.22
N GLY A 76 4.07 -9.81 18.90
CA GLY A 76 4.15 -9.85 20.35
C GLY A 76 5.28 -8.99 20.89
N SER A 77 6.35 -9.66 21.36
CA SER A 77 7.57 -9.02 21.93
C SER A 77 7.24 -8.03 23.06
N GLY A 78 7.61 -8.40 24.29
CA GLY A 78 7.37 -7.55 25.44
C GLY A 78 6.98 -8.35 26.67
N GLY A 79 5.69 -8.32 27.01
CA GLY A 79 5.19 -9.04 28.17
C GLY A 79 3.93 -8.44 28.73
N SER A 80 3.99 -7.14 29.07
CA SER A 80 2.85 -6.42 29.62
C SER A 80 2.14 -5.60 28.55
N GLY A 81 2.93 -4.91 27.71
CA GLY A 81 2.37 -4.09 26.65
C GLY A 81 2.68 -4.63 25.27
N GLY A 82 3.56 -3.94 24.54
CA GLY A 82 3.94 -4.35 23.20
C GLY A 82 3.30 -3.51 22.13
N SER A 83 1.96 -3.42 22.17
CA SER A 83 1.20 -2.63 21.20
C SER A 83 0.81 -1.27 21.77
N GLY A 84 0.87 -0.24 20.93
CA GLY A 84 0.53 1.10 21.34
C GLY A 84 -0.86 1.51 20.91
N GLY A 85 -0.98 1.99 19.67
CA GLY A 85 -2.26 2.41 19.12
C GLY A 85 -2.12 3.41 17.99
N ASP A 86 -1.33 3.04 16.97
CA ASP A 86 -1.10 3.90 15.81
C ASP A 86 -1.36 3.13 14.51
N VAL A 87 -2.32 3.63 13.73
CA VAL A 87 -2.69 3.00 12.45
C VAL A 87 -2.69 4.06 11.33
N MET A 88 -2.40 3.61 10.11
CA MET A 88 -2.35 4.49 8.94
C MET A 88 -3.42 4.13 7.92
N VAL A 89 -3.95 5.14 7.24
CA VAL A 89 -5.00 4.96 6.22
C VAL A 89 -4.37 4.88 4.82
N VAL A 90 -5.01 4.10 3.95
CA VAL A 90 -4.56 3.93 2.55
C VAL A 90 -4.66 5.25 1.77
N GLY A 91 -3.49 5.83 1.43
CA GLY A 91 -3.43 7.09 0.69
C GLY A 91 -3.98 6.98 -0.73
N GLU A 92 -4.39 8.14 -1.29
CA GLU A 92 -4.94 8.20 -2.66
C GLU A 92 -3.86 7.86 -3.71
N PRO A 93 -4.19 7.05 -4.78
CA PRO A 93 -3.22 6.69 -5.82
C PRO A 93 -2.92 7.85 -6.79
N THR A 94 -1.73 7.82 -7.39
CA THR A 94 -1.32 8.85 -8.34
C THR A 94 -1.13 8.26 -9.74
N LEU A 95 -1.83 8.84 -10.72
CA LEU A 95 -1.78 8.40 -12.11
C LEU A 95 -0.39 8.61 -12.73
N MET A 96 0.21 7.53 -13.24
CA MET A 96 1.54 7.57 -13.87
C MET A 96 1.54 8.41 -15.16
N GLY A 97 0.50 8.21 -15.99
CA GLY A 97 0.40 8.94 -17.25
C GLY A 97 -1.04 9.10 -17.69
N GLY A 98 -1.52 8.15 -18.51
CA GLY A 98 -2.88 8.19 -19.01
C GLY A 98 -3.63 6.90 -18.76
N GLU A 99 -4.53 6.55 -19.68
CA GLU A 99 -5.33 5.32 -19.57
C GLU A 99 -4.76 4.22 -20.46
N PHE A 100 -5.00 2.97 -20.04
CA PHE A 100 -4.52 1.80 -20.79
C PHE A 100 -5.61 1.24 -21.70
N GLY A 101 -6.84 1.14 -21.17
CA GLY A 101 -7.96 0.62 -21.94
C GLY A 101 -8.54 -0.65 -21.36
N ASP A 102 -8.82 -1.63 -22.23
CA ASP A 102 -9.39 -2.91 -21.82
C ASP A 102 -8.79 -4.04 -22.67
N GLU A 103 -7.74 -4.65 -22.13
CA GLU A 103 -7.03 -5.76 -22.80
C GLU A 103 -7.72 -7.11 -22.55
N ASP A 104 -8.56 -7.18 -21.51
CA ASP A 104 -9.27 -8.41 -21.15
C ASP A 104 -10.55 -8.60 -21.98
N GLU A 105 -11.08 -7.49 -22.53
CA GLU A 105 -12.30 -7.51 -23.35
C GLU A 105 -11.99 -7.80 -24.82
N ARG A 106 -10.89 -7.23 -25.31
CA ARG A 106 -10.46 -7.40 -26.71
C ARG A 106 -9.60 -8.67 -26.90
N LEU A 107 -9.60 -9.55 -25.88
CA LEU A 107 -8.82 -10.80 -25.91
C LEU A 107 -9.58 -11.90 -26.67
N ILE A 108 -10.90 -11.97 -26.48
CA ILE A 108 -11.74 -12.97 -27.15
C ILE A 108 -12.39 -12.40 -28.42
N THR A 109 -11.99 -12.94 -29.57
CA THR A 109 -12.51 -12.50 -30.87
C THR A 109 -12.73 -13.68 -31.80
N ARG A 110 -13.69 -13.52 -32.73
CA ARG A 110 -14.02 -14.56 -33.70
C ARG A 110 -13.53 -14.17 -35.09
N LEU A 111 -13.13 -15.18 -35.88
CA LEU A 111 -12.63 -14.95 -37.24
C LEU A 111 -13.71 -15.31 -38.27
N GLU A 112 -13.79 -14.51 -39.33
CA GLU A 112 -14.76 -14.71 -40.40
C GLU A 112 -14.05 -15.00 -41.72
N ASN A 113 -14.72 -15.79 -42.58
CA ASN A 113 -14.18 -16.16 -43.89
C ASN A 113 -14.80 -15.32 -44.99
N THR A 114 -13.95 -14.75 -45.85
CA THR A 114 -14.40 -13.91 -46.96
C THR A 114 -14.27 -14.64 -48.30
N GLN A 115 -15.20 -14.35 -49.21
CA GLN A 115 -15.20 -14.98 -50.54
C GLN A 115 -14.74 -14.00 -51.61
N PHE A 116 -14.08 -14.51 -52.63
CA PHE A 116 -13.58 -13.69 -53.74
C PHE A 116 -14.11 -14.20 -55.08
N ASP A 117 -14.64 -13.28 -55.88
CA ASP A 117 -15.19 -13.61 -57.20
C ASP A 117 -14.61 -12.71 -58.28
N ALA A 118 -14.43 -13.26 -59.48
CA ALA A 118 -13.88 -12.52 -60.61
C ALA A 118 -14.81 -12.59 -61.82
N ALA A 119 -15.05 -11.44 -62.44
CA ALA A 119 -15.92 -11.35 -63.61
C ALA A 119 -15.10 -11.29 -64.91
N ASN A 120 -14.00 -10.49 -64.89
CA ASN A 120 -13.09 -10.29 -66.04
C ASN A 120 -13.81 -10.05 -67.38
N GLY A 121 -13.80 -8.79 -67.83
CA GLY A 121 -14.44 -8.43 -69.08
C GLY A 121 -14.26 -6.95 -69.42
N ILE A 122 -14.69 -6.09 -68.50
CA ILE A 122 -14.59 -4.64 -68.69
C ILE A 122 -13.69 -4.01 -67.62
N ASP A 123 -13.01 -2.92 -68.00
CA ASP A 123 -12.11 -2.21 -67.09
C ASP A 123 -12.44 -0.71 -67.06
N ASP A 124 -12.57 -0.18 -65.84
CA ASP A 124 -12.89 1.23 -65.65
C ASP A 124 -11.91 1.88 -64.67
N GLU A 125 -11.60 3.16 -64.91
CA GLU A 125 -10.67 3.91 -64.07
C GLU A 125 -11.35 5.16 -63.50
#